data_2FX0
# 
_entry.id   2FX0 
# 
_audit_conform.dict_name       mmcif_pdbx.dic 
_audit_conform.dict_version    5.399 
_audit_conform.dict_location   http://mmcif.pdb.org/dictionaries/ascii/mmcif_pdbx.dic 
# 
loop_
_database_2.database_id 
_database_2.database_code 
_database_2.pdbx_database_accession 
_database_2.pdbx_DOI 
PDB   2FX0         pdb_00002fx0 10.2210/pdb2fx0/pdb 
RCSB  RCSB036413   ?            ?                   
WWPDB D_1000036413 ?            ?                   
# 
loop_
_pdbx_audit_revision_history.ordinal 
_pdbx_audit_revision_history.data_content_type 
_pdbx_audit_revision_history.major_revision 
_pdbx_audit_revision_history.minor_revision 
_pdbx_audit_revision_history.revision_date 
1 'Structure model' 1 0 2006-02-21 
2 'Structure model' 1 1 2008-05-01 
3 'Structure model' 1 2 2011-07-13 
4 'Structure model' 1 3 2024-11-20 
# 
_pdbx_audit_revision_details.ordinal             1 
_pdbx_audit_revision_details.revision_ordinal    1 
_pdbx_audit_revision_details.data_content_type   'Structure model' 
_pdbx_audit_revision_details.provider            repository 
_pdbx_audit_revision_details.type                'Initial release' 
_pdbx_audit_revision_details.description         ? 
_pdbx_audit_revision_details.details             ? 
# 
loop_
_pdbx_audit_revision_group.ordinal 
_pdbx_audit_revision_group.revision_ordinal 
_pdbx_audit_revision_group.data_content_type 
_pdbx_audit_revision_group.group 
1 2 'Structure model' 'Version format compliance' 
2 3 'Structure model' Advisory                    
3 3 'Structure model' 'Derived calculations'      
4 3 'Structure model' 'Refinement description'    
5 3 'Structure model' 'Version format compliance' 
6 4 'Structure model' 'Data collection'           
7 4 'Structure model' 'Database references'       
8 4 'Structure model' 'Derived calculations'      
9 4 'Structure model' 'Structure summary'         
# 
loop_
_pdbx_audit_revision_category.ordinal 
_pdbx_audit_revision_category.revision_ordinal 
_pdbx_audit_revision_category.data_content_type 
_pdbx_audit_revision_category.category 
1 4 'Structure model' chem_comp_atom            
2 4 'Structure model' chem_comp_bond            
3 4 'Structure model' database_2                
4 4 'Structure model' pdbx_entry_details        
5 4 'Structure model' pdbx_modification_feature 
6 4 'Structure model' struct_conn               
7 4 'Structure model' struct_ref_seq_dif        
# 
loop_
_pdbx_audit_revision_item.ordinal 
_pdbx_audit_revision_item.revision_ordinal 
_pdbx_audit_revision_item.data_content_type 
_pdbx_audit_revision_item.item 
1 4 'Structure model' '_database_2.pdbx_DOI'                
2 4 'Structure model' '_database_2.pdbx_database_accession' 
3 4 'Structure model' '_struct_conn.pdbx_leaving_atom_flag' 
4 4 'Structure model' '_struct_ref_seq_dif.details'         
# 
_pdbx_database_status.status_code                     REL 
_pdbx_database_status.entry_id                        2FX0 
_pdbx_database_status.recvd_initial_deposition_date   2006-02-03 
_pdbx_database_status.deposit_site                    RCSB 
_pdbx_database_status.process_site                    RCSB 
_pdbx_database_status.status_code_sf                  REL 
_pdbx_database_status.status_code_mr                  ? 
_pdbx_database_status.SG_entry                        ? 
_pdbx_database_status.pdb_format_compatible           Y 
_pdbx_database_status.status_code_cs                  ? 
_pdbx_database_status.status_code_nmr_data            ? 
_pdbx_database_status.methods_development_category    ? 
# 
loop_
_audit_author.name 
_audit_author.pdbx_ordinal 
'Kovalevskiy, O.V.' 1 
'Lebedev, A.A.'     2 
'Solonin, A.S.'     3 
'Antson, A.A.'      4 
# 
_citation.id                        primary 
_citation.title                     
'Crystal Structure of Bacillus cereus HlyIIR, a Transcriptional Regulator of the Gene for Pore-forming Toxin Hemolysin II.' 
_citation.journal_abbrev            J.Mol.Biol. 
_citation.journal_volume            365 
_citation.page_first                825 
_citation.page_last                 834 
_citation.year                      2007 
_citation.journal_id_ASTM           JMOBAK 
_citation.country                   UK 
_citation.journal_id_ISSN           0022-2836 
_citation.journal_id_CSD            0070 
_citation.book_publisher            ? 
_citation.pdbx_database_id_PubMed   17097673 
_citation.pdbx_database_id_DOI      10.1016/j.jmb.2006.10.074 
# 
loop_
_citation_author.citation_id 
_citation_author.name 
_citation_author.ordinal 
_citation_author.identifier_ORCID 
primary 'Kovalevskiy, O.V.' 1 ? 
primary 'Lebedev, A.A.'     2 ? 
primary 'Surin, A.K.'       3 ? 
primary 'Solonin, A.S.'     4 ? 
primary 'Antson, A.A.'      5 ? 
# 
loop_
_entity.id 
_entity.type 
_entity.src_method 
_entity.pdbx_description 
_entity.formula_weight 
_entity.pdbx_number_of_molecules 
_entity.pdbx_ec 
_entity.pdbx_mutation 
_entity.pdbx_fragment 
_entity.details 
1 polymer man 'hemolysin II regulatory protein' 23575.230 1   ? ? ? ? 
2 water   nat water                             18.015    114 ? ? ? ? 
# 
_entity_poly.entity_id                      1 
_entity_poly.type                           'polypeptide(L)' 
_entity_poly.nstd_linkage                   no 
_entity_poly.nstd_monomer                   yes 
_entity_poly.pdbx_seq_one_letter_code       
;(MSE)GKSREQT(MSE)ENILKAAKKKFGERGYEGTSIQEIAKEAKVNVA(MSE)ASYYFNGKENLYYEVFKKYGLANEL
PNFLEKNQFNPINALREYLTVFTTHIKENPEIGTLAYEEIIKESARLEKIKPYFIGSFEQLKEILQEGEKQGVFHFFSIN
HTIHWITSIVLFPKFKKFIDSLGTNETNDTNHEW(MSE)PEDLVSRIISALTDKPNI
;
_entity_poly.pdbx_seq_one_letter_code_can   
;MGKSREQTMENILKAAKKKFGERGYEGTSIQEIAKEAKVNVAMASYYFNGKENLYYEVFKKYGLANELPNFLEKNQFNPI
NALREYLTVFTTHIKENPEIGTLAYEEIIKESARLEKIKPYFIGSFEQLKEILQEGEKQGVFHFFSINHTIHWITSIVLF
PKFKKFIDSLGTNETNDTNHEWMPEDLVSRIISALTDKPNI
;
_entity_poly.pdbx_strand_id                 A 
_entity_poly.pdbx_target_identifier         ? 
# 
_pdbx_entity_nonpoly.entity_id   2 
_pdbx_entity_nonpoly.name        water 
_pdbx_entity_nonpoly.comp_id     HOH 
# 
loop_
_entity_poly_seq.entity_id 
_entity_poly_seq.num 
_entity_poly_seq.mon_id 
_entity_poly_seq.hetero 
1 1   MSE n 
1 2   GLY n 
1 3   LYS n 
1 4   SER n 
1 5   ARG n 
1 6   GLU n 
1 7   GLN n 
1 8   THR n 
1 9   MSE n 
1 10  GLU n 
1 11  ASN n 
1 12  ILE n 
1 13  LEU n 
1 14  LYS n 
1 15  ALA n 
1 16  ALA n 
1 17  LYS n 
1 18  LYS n 
1 19  LYS n 
1 20  PHE n 
1 21  GLY n 
1 22  GLU n 
1 23  ARG n 
1 24  GLY n 
1 25  TYR n 
1 26  GLU n 
1 27  GLY n 
1 28  THR n 
1 29  SER n 
1 30  ILE n 
1 31  GLN n 
1 32  GLU n 
1 33  ILE n 
1 34  ALA n 
1 35  LYS n 
1 36  GLU n 
1 37  ALA n 
1 38  LYS n 
1 39  VAL n 
1 40  ASN n 
1 41  VAL n 
1 42  ALA n 
1 43  MSE n 
1 44  ALA n 
1 45  SER n 
1 46  TYR n 
1 47  TYR n 
1 48  PHE n 
1 49  ASN n 
1 50  GLY n 
1 51  LYS n 
1 52  GLU n 
1 53  ASN n 
1 54  LEU n 
1 55  TYR n 
1 56  TYR n 
1 57  GLU n 
1 58  VAL n 
1 59  PHE n 
1 60  LYS n 
1 61  LYS n 
1 62  TYR n 
1 63  GLY n 
1 64  LEU n 
1 65  ALA n 
1 66  ASN n 
1 67  GLU n 
1 68  LEU n 
1 69  PRO n 
1 70  ASN n 
1 71  PHE n 
1 72  LEU n 
1 73  GLU n 
1 74  LYS n 
1 75  ASN n 
1 76  GLN n 
1 77  PHE n 
1 78  ASN n 
1 79  PRO n 
1 80  ILE n 
1 81  ASN n 
1 82  ALA n 
1 83  LEU n 
1 84  ARG n 
1 85  GLU n 
1 86  TYR n 
1 87  LEU n 
1 88  THR n 
1 89  VAL n 
1 90  PHE n 
1 91  THR n 
1 92  THR n 
1 93  HIS n 
1 94  ILE n 
1 95  LYS n 
1 96  GLU n 
1 97  ASN n 
1 98  PRO n 
1 99  GLU n 
1 100 ILE n 
1 101 GLY n 
1 102 THR n 
1 103 LEU n 
1 104 ALA n 
1 105 TYR n 
1 106 GLU n 
1 107 GLU n 
1 108 ILE n 
1 109 ILE n 
1 110 LYS n 
1 111 GLU n 
1 112 SER n 
1 113 ALA n 
1 114 ARG n 
1 115 LEU n 
1 116 GLU n 
1 117 LYS n 
1 118 ILE n 
1 119 LYS n 
1 120 PRO n 
1 121 TYR n 
1 122 PHE n 
1 123 ILE n 
1 124 GLY n 
1 125 SER n 
1 126 PHE n 
1 127 GLU n 
1 128 GLN n 
1 129 LEU n 
1 130 LYS n 
1 131 GLU n 
1 132 ILE n 
1 133 LEU n 
1 134 GLN n 
1 135 GLU n 
1 136 GLY n 
1 137 GLU n 
1 138 LYS n 
1 139 GLN n 
1 140 GLY n 
1 141 VAL n 
1 142 PHE n 
1 143 HIS n 
1 144 PHE n 
1 145 PHE n 
1 146 SER n 
1 147 ILE n 
1 148 ASN n 
1 149 HIS n 
1 150 THR n 
1 151 ILE n 
1 152 HIS n 
1 153 TRP n 
1 154 ILE n 
1 155 THR n 
1 156 SER n 
1 157 ILE n 
1 158 VAL n 
1 159 LEU n 
1 160 PHE n 
1 161 PRO n 
1 162 LYS n 
1 163 PHE n 
1 164 LYS n 
1 165 LYS n 
1 166 PHE n 
1 167 ILE n 
1 168 ASP n 
1 169 SER n 
1 170 LEU n 
1 171 GLY n 
1 172 THR n 
1 173 ASN n 
1 174 GLU n 
1 175 THR n 
1 176 ASN n 
1 177 ASP n 
1 178 THR n 
1 179 ASN n 
1 180 HIS n 
1 181 GLU n 
1 182 TRP n 
1 183 MSE n 
1 184 PRO n 
1 185 GLU n 
1 186 ASP n 
1 187 LEU n 
1 188 VAL n 
1 189 SER n 
1 190 ARG n 
1 191 ILE n 
1 192 ILE n 
1 193 SER n 
1 194 ALA n 
1 195 LEU n 
1 196 THR n 
1 197 ASP n 
1 198 LYS n 
1 199 PRO n 
1 200 ASN n 
1 201 ILE n 
# 
_entity_src_gen.entity_id                          1 
_entity_src_gen.pdbx_src_id                        1 
_entity_src_gen.pdbx_alt_source_flag               sample 
_entity_src_gen.pdbx_seq_type                      ? 
_entity_src_gen.pdbx_beg_seq_num                   ? 
_entity_src_gen.pdbx_end_seq_num                   ? 
_entity_src_gen.gene_src_common_name               ? 
_entity_src_gen.gene_src_genus                     Bacillus 
_entity_src_gen.pdbx_gene_src_gene                 hlyIIR 
_entity_src_gen.gene_src_species                   ? 
_entity_src_gen.gene_src_strain                    B771 
_entity_src_gen.gene_src_tissue                    ? 
_entity_src_gen.gene_src_tissue_fraction           ? 
_entity_src_gen.gene_src_details                   ? 
_entity_src_gen.pdbx_gene_src_fragment             ? 
_entity_src_gen.pdbx_gene_src_scientific_name      'Bacillus cereus' 
_entity_src_gen.pdbx_gene_src_ncbi_taxonomy_id     1396 
_entity_src_gen.pdbx_gene_src_variant              ? 
_entity_src_gen.pdbx_gene_src_cell_line            ? 
_entity_src_gen.pdbx_gene_src_atcc                 ? 
_entity_src_gen.pdbx_gene_src_organ                ? 
_entity_src_gen.pdbx_gene_src_organelle            ? 
_entity_src_gen.pdbx_gene_src_cell                 ? 
_entity_src_gen.pdbx_gene_src_cellular_location    ? 
_entity_src_gen.host_org_common_name               ? 
_entity_src_gen.pdbx_host_org_scientific_name      'Escherichia coli' 
_entity_src_gen.pdbx_host_org_ncbi_taxonomy_id     562 
_entity_src_gen.host_org_genus                     Escherichia 
_entity_src_gen.pdbx_host_org_gene                 ? 
_entity_src_gen.pdbx_host_org_organ                ? 
_entity_src_gen.host_org_species                   ? 
_entity_src_gen.pdbx_host_org_tissue               ? 
_entity_src_gen.pdbx_host_org_tissue_fraction      ? 
_entity_src_gen.pdbx_host_org_strain               M15 
_entity_src_gen.pdbx_host_org_variant              ? 
_entity_src_gen.pdbx_host_org_cell_line            ? 
_entity_src_gen.pdbx_host_org_atcc                 ? 
_entity_src_gen.pdbx_host_org_culture_collection   ? 
_entity_src_gen.pdbx_host_org_cell                 ? 
_entity_src_gen.pdbx_host_org_organelle            ? 
_entity_src_gen.pdbx_host_org_cellular_location    ? 
_entity_src_gen.pdbx_host_org_vector_type          PLASMID 
_entity_src_gen.pdbx_host_org_vector               ? 
_entity_src_gen.host_org_details                   ? 
_entity_src_gen.expression_system_id               ? 
_entity_src_gen.plasmid_name                       pQE30 
_entity_src_gen.plasmid_details                    ? 
_entity_src_gen.pdbx_description                   ? 
# 
loop_
_chem_comp.id 
_chem_comp.type 
_chem_comp.mon_nstd_flag 
_chem_comp.name 
_chem_comp.pdbx_synonyms 
_chem_comp.formula 
_chem_comp.formula_weight 
ALA 'L-peptide linking' y ALANINE          ? 'C3 H7 N O2'     89.093  
ARG 'L-peptide linking' y ARGININE         ? 'C6 H15 N4 O2 1' 175.209 
ASN 'L-peptide linking' y ASPARAGINE       ? 'C4 H8 N2 O3'    132.118 
ASP 'L-peptide linking' y 'ASPARTIC ACID'  ? 'C4 H7 N O4'     133.103 
GLN 'L-peptide linking' y GLUTAMINE        ? 'C5 H10 N2 O3'   146.144 
GLU 'L-peptide linking' y 'GLUTAMIC ACID'  ? 'C5 H9 N O4'     147.129 
GLY 'peptide linking'   y GLYCINE          ? 'C2 H5 N O2'     75.067  
HIS 'L-peptide linking' y HISTIDINE        ? 'C6 H10 N3 O2 1' 156.162 
HOH non-polymer         . WATER            ? 'H2 O'           18.015  
ILE 'L-peptide linking' y ISOLEUCINE       ? 'C6 H13 N O2'    131.173 
LEU 'L-peptide linking' y LEUCINE          ? 'C6 H13 N O2'    131.173 
LYS 'L-peptide linking' y LYSINE           ? 'C6 H15 N2 O2 1' 147.195 
MET 'L-peptide linking' y METHIONINE       ? 'C5 H11 N O2 S'  149.211 
MSE 'L-peptide linking' n SELENOMETHIONINE ? 'C5 H11 N O2 Se' 196.106 
PHE 'L-peptide linking' y PHENYLALANINE    ? 'C9 H11 N O2'    165.189 
PRO 'L-peptide linking' y PROLINE          ? 'C5 H9 N O2'     115.130 
SER 'L-peptide linking' y SERINE           ? 'C3 H7 N O3'     105.093 
THR 'L-peptide linking' y THREONINE        ? 'C4 H9 N O3'     119.119 
TRP 'L-peptide linking' y TRYPTOPHAN       ? 'C11 H12 N2 O2'  204.225 
TYR 'L-peptide linking' y TYROSINE         ? 'C9 H11 N O3'    181.189 
VAL 'L-peptide linking' y VALINE           ? 'C5 H11 N O2'    117.146 
# 
loop_
_pdbx_poly_seq_scheme.asym_id 
_pdbx_poly_seq_scheme.entity_id 
_pdbx_poly_seq_scheme.seq_id 
_pdbx_poly_seq_scheme.mon_id 
_pdbx_poly_seq_scheme.ndb_seq_num 
_pdbx_poly_seq_scheme.pdb_seq_num 
_pdbx_poly_seq_scheme.auth_seq_num 
_pdbx_poly_seq_scheme.pdb_mon_id 
_pdbx_poly_seq_scheme.auth_mon_id 
_pdbx_poly_seq_scheme.pdb_strand_id 
_pdbx_poly_seq_scheme.pdb_ins_code 
_pdbx_poly_seq_scheme.hetero 
A 1 1   MSE 1   1   ?   ?   ?   A . n 
A 1 2   GLY 2   2   ?   ?   ?   A . n 
A 1 3   LYS 3   3   ?   ?   ?   A . n 
A 1 4   SER 4   4   4   SER SER A . n 
A 1 5   ARG 5   5   5   ARG ARG A . n 
A 1 6   GLU 6   6   6   GLU GLU A . n 
A 1 7   GLN 7   7   7   GLN GLN A . n 
A 1 8   THR 8   8   8   THR THR A . n 
A 1 9   MSE 9   9   9   MSE MSE A . n 
A 1 10  GLU 10  10  10  GLU GLU A . n 
A 1 11  ASN 11  11  11  ASN ASN A . n 
A 1 12  ILE 12  12  12  ILE ILE A . n 
A 1 13  LEU 13  13  13  LEU LEU A . n 
A 1 14  LYS 14  14  14  LYS LYS A . n 
A 1 15  ALA 15  15  15  ALA ALA A . n 
A 1 16  ALA 16  16  16  ALA ALA A . n 
A 1 17  LYS 17  17  17  LYS LYS A . n 
A 1 18  LYS 18  18  18  LYS LYS A . n 
A 1 19  LYS 19  19  19  LYS LYS A . n 
A 1 20  PHE 20  20  20  PHE PHE A . n 
A 1 21  GLY 21  21  21  GLY GLY A . n 
A 1 22  GLU 22  22  22  GLU GLU A . n 
A 1 23  ARG 23  23  23  ARG ARG A . n 
A 1 24  GLY 24  24  24  GLY GLY A . n 
A 1 25  TYR 25  25  25  TYR TYR A . n 
A 1 26  GLU 26  26  26  GLU GLU A . n 
A 1 27  GLY 27  27  27  GLY GLY A . n 
A 1 28  THR 28  28  28  THR THR A . n 
A 1 29  SER 29  29  29  SER SER A . n 
A 1 30  ILE 30  30  30  ILE ILE A . n 
A 1 31  GLN 31  31  31  GLN GLN A . n 
A 1 32  GLU 32  32  32  GLU GLU A . n 
A 1 33  ILE 33  33  33  ILE ILE A . n 
A 1 34  ALA 34  34  34  ALA ALA A . n 
A 1 35  LYS 35  35  35  LYS LYS A . n 
A 1 36  GLU 36  36  36  GLU GLU A . n 
A 1 37  ALA 37  37  37  ALA ALA A . n 
A 1 38  LYS 38  38  38  LYS LYS A . n 
A 1 39  VAL 39  39  39  VAL VAL A . n 
A 1 40  ASN 40  40  40  ASN ASN A . n 
A 1 41  VAL 41  41  41  VAL VAL A . n 
A 1 42  ALA 42  42  42  ALA ALA A . n 
A 1 43  MSE 43  43  43  MSE MSE A . n 
A 1 44  ALA 44  44  44  ALA ALA A . n 
A 1 45  SER 45  45  45  SER SER A . n 
A 1 46  TYR 46  46  46  TYR TYR A . n 
A 1 47  TYR 47  47  47  TYR TYR A . n 
A 1 48  PHE 48  48  48  PHE PHE A . n 
A 1 49  ASN 49  49  49  ASN ASN A . n 
A 1 50  GLY 50  50  50  GLY GLY A . n 
A 1 51  LYS 51  51  51  LYS LYS A . n 
A 1 52  GLU 52  52  52  GLU GLU A . n 
A 1 53  ASN 53  53  53  ASN ASN A . n 
A 1 54  LEU 54  54  54  LEU LEU A . n 
A 1 55  TYR 55  55  55  TYR TYR A . n 
A 1 56  TYR 56  56  56  TYR TYR A . n 
A 1 57  GLU 57  57  57  GLU GLU A . n 
A 1 58  VAL 58  58  58  VAL VAL A . n 
A 1 59  PHE 59  59  59  PHE PHE A . n 
A 1 60  LYS 60  60  60  LYS LYS A . n 
A 1 61  LYS 61  61  61  LYS LYS A . n 
A 1 62  TYR 62  62  62  TYR TYR A . n 
A 1 63  GLY 63  63  63  GLY GLY A . n 
A 1 64  LEU 64  64  64  LEU LEU A . n 
A 1 65  ALA 65  65  65  ALA ALA A . n 
A 1 66  ASN 66  66  66  ASN ASN A . n 
A 1 67  GLU 67  67  67  GLU GLU A . n 
A 1 68  LEU 68  68  68  LEU LEU A . n 
A 1 69  PRO 69  69  69  PRO PRO A . n 
A 1 70  ASN 70  70  70  ASN ASN A . n 
A 1 71  PHE 71  71  71  PHE PHE A . n 
A 1 72  LEU 72  72  72  LEU LEU A . n 
A 1 73  GLU 73  73  73  GLU GLU A . n 
A 1 74  LYS 74  74  74  LYS LYS A . n 
A 1 75  ASN 75  75  75  ASN ASN A . n 
A 1 76  GLN 76  76  76  GLN GLN A . n 
A 1 77  PHE 77  77  77  PHE PHE A . n 
A 1 78  ASN 78  78  78  ASN ASN A . n 
A 1 79  PRO 79  79  79  PRO PRO A . n 
A 1 80  ILE 80  80  80  ILE ILE A . n 
A 1 81  ASN 81  81  81  ASN ASN A . n 
A 1 82  ALA 82  82  82  ALA ALA A . n 
A 1 83  LEU 83  83  83  LEU LEU A . n 
A 1 84  ARG 84  84  84  ARG ARG A . n 
A 1 85  GLU 85  85  85  GLU GLU A . n 
A 1 86  TYR 86  86  86  TYR TYR A . n 
A 1 87  LEU 87  87  87  LEU LEU A . n 
A 1 88  THR 88  88  88  THR THR A . n 
A 1 89  VAL 89  89  89  VAL VAL A . n 
A 1 90  PHE 90  90  90  PHE PHE A . n 
A 1 91  THR 91  91  91  THR THR A . n 
A 1 92  THR 92  92  92  THR THR A . n 
A 1 93  HIS 93  93  93  HIS HIS A . n 
A 1 94  ILE 94  94  94  ILE ILE A . n 
A 1 95  LYS 95  95  95  LYS LYS A . n 
A 1 96  GLU 96  96  96  GLU GLU A . n 
A 1 97  ASN 97  97  97  ASN ASN A . n 
A 1 98  PRO 98  98  98  PRO PRO A . n 
A 1 99  GLU 99  99  99  GLU GLU A . n 
A 1 100 ILE 100 100 100 ILE ILE A . n 
A 1 101 GLY 101 101 101 GLY GLY A . n 
A 1 102 THR 102 102 102 THR THR A . n 
A 1 103 LEU 103 103 103 LEU LEU A . n 
A 1 104 ALA 104 104 104 ALA ALA A . n 
A 1 105 TYR 105 105 105 TYR TYR A . n 
A 1 106 GLU 106 106 106 GLU GLU A . n 
A 1 107 GLU 107 107 107 GLU GLU A . n 
A 1 108 ILE 108 108 108 ILE ILE A . n 
A 1 109 ILE 109 109 109 ILE ILE A . n 
A 1 110 LYS 110 110 110 LYS LYS A . n 
A 1 111 GLU 111 111 111 GLU GLU A . n 
A 1 112 SER 112 112 112 SER SER A . n 
A 1 113 ALA 113 113 113 ALA ALA A . n 
A 1 114 ARG 114 114 114 ARG ARG A . n 
A 1 115 LEU 115 115 115 LEU LEU A . n 
A 1 116 GLU 116 116 116 GLU GLU A . n 
A 1 117 LYS 117 117 117 LYS LYS A . n 
A 1 118 ILE 118 118 118 ILE ILE A . n 
A 1 119 LYS 119 119 119 LYS LYS A . n 
A 1 120 PRO 120 120 120 PRO PRO A . n 
A 1 121 TYR 121 121 121 TYR TYR A . n 
A 1 122 PHE 122 122 122 PHE PHE A . n 
A 1 123 ILE 123 123 123 ILE ILE A . n 
A 1 124 GLY 124 124 124 GLY GLY A . n 
A 1 125 SER 125 125 125 SER SER A . n 
A 1 126 PHE 126 126 126 PHE PHE A . n 
A 1 127 GLU 127 127 127 GLU GLU A . n 
A 1 128 GLN 128 128 128 GLN GLN A . n 
A 1 129 LEU 129 129 129 LEU LEU A . n 
A 1 130 LYS 130 130 130 LYS LYS A . n 
A 1 131 GLU 131 131 131 GLU GLU A . n 
A 1 132 ILE 132 132 132 ILE ILE A . n 
A 1 133 LEU 133 133 133 LEU LEU A . n 
A 1 134 GLN 134 134 134 GLN GLN A . n 
A 1 135 GLU 135 135 135 GLU GLU A . n 
A 1 136 GLY 136 136 136 GLY GLY A . n 
A 1 137 GLU 137 137 137 GLU GLU A . n 
A 1 138 LYS 138 138 138 LYS LYS A . n 
A 1 139 GLN 139 139 139 GLN GLN A . n 
A 1 140 GLY 140 140 140 GLY GLY A . n 
A 1 141 VAL 141 141 141 VAL VAL A . n 
A 1 142 PHE 142 142 142 PHE PHE A . n 
A 1 143 HIS 143 143 143 HIS HIS A . n 
A 1 144 PHE 144 144 144 PHE PHE A . n 
A 1 145 PHE 145 145 145 PHE PHE A . n 
A 1 146 SER 146 146 146 SER SER A . n 
A 1 147 ILE 147 147 147 ILE ILE A . n 
A 1 148 ASN 148 148 148 ASN ASN A . n 
A 1 149 HIS 149 149 149 HIS HIS A . n 
A 1 150 THR 150 150 150 THR THR A . n 
A 1 151 ILE 151 151 151 ILE ILE A . n 
A 1 152 HIS 152 152 152 HIS HIS A . n 
A 1 153 TRP 153 153 153 TRP TRP A . n 
A 1 154 ILE 154 154 154 ILE ILE A . n 
A 1 155 THR 155 155 155 THR THR A . n 
A 1 156 SER 156 156 156 SER SER A . n 
A 1 157 ILE 157 157 157 ILE ILE A . n 
A 1 158 VAL 158 158 158 VAL VAL A . n 
A 1 159 LEU 159 159 159 LEU LEU A . n 
A 1 160 PHE 160 160 160 PHE PHE A . n 
A 1 161 PRO 161 161 161 PRO PRO A . n 
A 1 162 LYS 162 162 162 LYS LYS A . n 
A 1 163 PHE 163 163 163 PHE PHE A . n 
A 1 164 LYS 164 164 164 LYS LYS A . n 
A 1 165 LYS 165 165 165 LYS LYS A . n 
A 1 166 PHE 166 166 166 PHE PHE A . n 
A 1 167 ILE 167 167 167 ILE ILE A . n 
A 1 168 ASP 168 168 168 ASP ASP A . n 
A 1 169 SER 169 169 169 SER SER A . n 
A 1 170 LEU 170 170 ?   ?   ?   A . n 
A 1 171 GLY 171 171 ?   ?   ?   A . n 
A 1 172 THR 172 172 ?   ?   ?   A . n 
A 1 173 ASN 173 173 ?   ?   ?   A . n 
A 1 174 GLU 174 174 ?   ?   ?   A . n 
A 1 175 THR 175 175 ?   ?   ?   A . n 
A 1 176 ASN 176 176 ?   ?   ?   A . n 
A 1 177 ASP 177 177 ?   ?   ?   A . n 
A 1 178 THR 178 178 ?   ?   ?   A . n 
A 1 179 ASN 179 179 ?   ?   ?   A . n 
A 1 180 HIS 180 180 ?   ?   ?   A . n 
A 1 181 GLU 181 181 ?   ?   ?   A . n 
A 1 182 TRP 182 182 ?   ?   ?   A . n 
A 1 183 MSE 183 183 ?   ?   ?   A . n 
A 1 184 PRO 184 184 ?   ?   ?   A . n 
A 1 185 GLU 185 185 ?   ?   ?   A . n 
A 1 186 ASP 186 186 186 ASP ASP A . n 
A 1 187 LEU 187 187 187 LEU LEU A . n 
A 1 188 VAL 188 188 188 VAL VAL A . n 
A 1 189 SER 189 189 189 SER SER A . n 
A 1 190 ARG 190 190 190 ARG ARG A . n 
A 1 191 ILE 191 191 191 ILE ILE A . n 
A 1 192 ILE 192 192 192 ILE ILE A . n 
A 1 193 SER 193 193 193 SER SER A . n 
A 1 194 ALA 194 194 194 ALA ALA A . n 
A 1 195 LEU 195 195 195 LEU LEU A . n 
A 1 196 THR 196 196 196 THR THR A . n 
A 1 197 ASP 197 197 197 ASP ASP A . n 
A 1 198 LYS 198 198 198 LYS LYS A . n 
A 1 199 PRO 199 199 ?   ?   ?   A . n 
A 1 200 ASN 200 200 ?   ?   ?   A . n 
A 1 201 ILE 201 201 ?   ?   ?   A . n 
# 
loop_
_pdbx_nonpoly_scheme.asym_id 
_pdbx_nonpoly_scheme.entity_id 
_pdbx_nonpoly_scheme.mon_id 
_pdbx_nonpoly_scheme.ndb_seq_num 
_pdbx_nonpoly_scheme.pdb_seq_num 
_pdbx_nonpoly_scheme.auth_seq_num 
_pdbx_nonpoly_scheme.pdb_mon_id 
_pdbx_nonpoly_scheme.auth_mon_id 
_pdbx_nonpoly_scheme.pdb_strand_id 
_pdbx_nonpoly_scheme.pdb_ins_code 
B 2 HOH 1   202 1   HOH HOH A . 
B 2 HOH 2   203 2   HOH HOH A . 
B 2 HOH 3   204 3   HOH HOH A . 
B 2 HOH 4   205 4   HOH HOH A . 
B 2 HOH 5   206 5   HOH HOH A . 
B 2 HOH 6   207 6   HOH HOH A . 
B 2 HOH 7   208 7   HOH HOH A . 
B 2 HOH 8   209 8   HOH HOH A . 
B 2 HOH 9   210 9   HOH HOH A . 
B 2 HOH 10  211 10  HOH HOH A . 
B 2 HOH 11  212 11  HOH HOH A . 
B 2 HOH 12  213 12  HOH HOH A . 
B 2 HOH 13  214 13  HOH HOH A . 
B 2 HOH 14  215 14  HOH HOH A . 
B 2 HOH 15  216 15  HOH HOH A . 
B 2 HOH 16  217 16  HOH HOH A . 
B 2 HOH 17  218 17  HOH HOH A . 
B 2 HOH 18  219 18  HOH HOH A . 
B 2 HOH 19  220 19  HOH HOH A . 
B 2 HOH 20  221 20  HOH HOH A . 
B 2 HOH 21  222 21  HOH HOH A . 
B 2 HOH 22  223 22  HOH HOH A . 
B 2 HOH 23  224 23  HOH HOH A . 
B 2 HOH 24  225 24  HOH HOH A . 
B 2 HOH 25  226 25  HOH HOH A . 
B 2 HOH 26  227 26  HOH HOH A . 
B 2 HOH 27  228 27  HOH HOH A . 
B 2 HOH 28  229 28  HOH HOH A . 
B 2 HOH 29  230 29  HOH HOH A . 
B 2 HOH 30  231 30  HOH HOH A . 
B 2 HOH 31  232 31  HOH HOH A . 
B 2 HOH 32  233 32  HOH HOH A . 
B 2 HOH 33  234 33  HOH HOH A . 
B 2 HOH 34  235 34  HOH HOH A . 
B 2 HOH 35  236 35  HOH HOH A . 
B 2 HOH 36  237 36  HOH HOH A . 
B 2 HOH 37  238 37  HOH HOH A . 
B 2 HOH 38  239 38  HOH HOH A . 
B 2 HOH 39  240 39  HOH HOH A . 
B 2 HOH 40  241 40  HOH HOH A . 
B 2 HOH 41  242 41  HOH HOH A . 
B 2 HOH 42  243 42  HOH HOH A . 
B 2 HOH 43  244 43  HOH HOH A . 
B 2 HOH 44  245 44  HOH HOH A . 
B 2 HOH 45  246 45  HOH HOH A . 
B 2 HOH 46  247 46  HOH HOH A . 
B 2 HOH 47  248 47  HOH HOH A . 
B 2 HOH 48  249 48  HOH HOH A . 
B 2 HOH 49  250 49  HOH HOH A . 
B 2 HOH 50  251 50  HOH HOH A . 
B 2 HOH 51  252 51  HOH HOH A . 
B 2 HOH 52  253 52  HOH HOH A . 
B 2 HOH 53  254 53  HOH HOH A . 
B 2 HOH 54  255 54  HOH HOH A . 
B 2 HOH 55  256 55  HOH HOH A . 
B 2 HOH 56  257 56  HOH HOH A . 
B 2 HOH 57  258 57  HOH HOH A . 
B 2 HOH 58  259 58  HOH HOH A . 
B 2 HOH 59  260 59  HOH HOH A . 
B 2 HOH 60  261 60  HOH HOH A . 
B 2 HOH 61  262 61  HOH HOH A . 
B 2 HOH 62  263 62  HOH HOH A . 
B 2 HOH 63  264 63  HOH HOH A . 
B 2 HOH 64  265 64  HOH HOH A . 
B 2 HOH 65  266 65  HOH HOH A . 
B 2 HOH 66  267 66  HOH HOH A . 
B 2 HOH 67  268 67  HOH HOH A . 
B 2 HOH 68  269 68  HOH HOH A . 
B 2 HOH 69  270 69  HOH HOH A . 
B 2 HOH 70  271 70  HOH HOH A . 
B 2 HOH 71  272 71  HOH HOH A . 
B 2 HOH 72  273 72  HOH HOH A . 
B 2 HOH 73  274 73  HOH HOH A . 
B 2 HOH 74  275 74  HOH HOH A . 
B 2 HOH 75  276 75  HOH HOH A . 
B 2 HOH 76  277 76  HOH HOH A . 
B 2 HOH 77  278 77  HOH HOH A . 
B 2 HOH 78  279 78  HOH HOH A . 
B 2 HOH 79  280 79  HOH HOH A . 
B 2 HOH 80  281 80  HOH HOH A . 
B 2 HOH 81  282 81  HOH HOH A . 
B 2 HOH 82  283 82  HOH HOH A . 
B 2 HOH 83  284 83  HOH HOH A . 
B 2 HOH 84  285 84  HOH HOH A . 
B 2 HOH 85  286 85  HOH HOH A . 
B 2 HOH 86  287 86  HOH HOH A . 
B 2 HOH 87  288 87  HOH HOH A . 
B 2 HOH 88  289 88  HOH HOH A . 
B 2 HOH 89  290 89  HOH HOH A . 
B 2 HOH 90  291 90  HOH HOH A . 
B 2 HOH 91  292 91  HOH HOH A . 
B 2 HOH 92  293 92  HOH HOH A . 
B 2 HOH 93  294 93  HOH HOH A . 
B 2 HOH 94  295 94  HOH HOH A . 
B 2 HOH 95  296 95  HOH HOH A . 
B 2 HOH 96  297 96  HOH HOH A . 
B 2 HOH 97  298 97  HOH HOH A . 
B 2 HOH 98  299 98  HOH HOH A . 
B 2 HOH 99  300 99  HOH HOH A . 
B 2 HOH 100 301 100 HOH HOH A . 
B 2 HOH 101 302 101 HOH HOH A . 
B 2 HOH 102 303 102 HOH HOH A . 
B 2 HOH 103 304 103 HOH HOH A . 
B 2 HOH 104 305 104 HOH HOH A . 
B 2 HOH 105 306 105 HOH HOH A . 
B 2 HOH 106 307 106 HOH HOH A . 
B 2 HOH 107 308 107 HOH HOH A . 
B 2 HOH 108 309 108 HOH HOH A . 
B 2 HOH 109 310 109 HOH HOH A . 
B 2 HOH 110 311 110 HOH HOH A . 
B 2 HOH 111 312 111 HOH HOH A . 
B 2 HOH 112 313 112 HOH HOH A . 
B 2 HOH 113 314 113 HOH HOH A . 
B 2 HOH 114 315 114 HOH HOH A . 
# 
loop_
_software.name 
_software.classification 
_software.version 
_software.citation_id 
_software.pdbx_ordinal 
REFMAC    refinement       5.2.0005 ? 1 
DENZO     'data reduction' .        ? 2 
SCALEPACK 'data scaling'   .        ? 3 
SOLVE     phasing          .        ? 4 
# 
_cell.entry_id           2FX0 
_cell.length_a           124.208 
_cell.length_b           124.208 
_cell.length_c           79.667 
_cell.angle_alpha        90.00 
_cell.angle_beta         90.00 
_cell.angle_gamma        120.00 
_cell.Z_PDB              12 
_cell.pdbx_unique_axis   ? 
_cell.length_a_esd       ? 
_cell.length_b_esd       ? 
_cell.length_c_esd       ? 
_cell.angle_alpha_esd    ? 
_cell.angle_beta_esd     ? 
_cell.angle_gamma_esd    ? 
# 
_symmetry.entry_id                         2FX0 
_symmetry.space_group_name_H-M             'P 61 2 2' 
_symmetry.pdbx_full_space_group_name_H-M   ? 
_symmetry.cell_setting                     ? 
_symmetry.Int_Tables_number                178 
_symmetry.space_group_name_Hall            ? 
# 
_exptl.entry_id          2FX0 
_exptl.method            'X-RAY DIFFRACTION' 
_exptl.crystals_number   1 
# 
_exptl_crystal.id                    1 
_exptl_crystal.density_meas          ? 
_exptl_crystal.density_Matthews      3.76 
_exptl_crystal.density_percent_sol   67.30 
_exptl_crystal.description           ? 
_exptl_crystal.F_000                 ? 
_exptl_crystal.preparation           ? 
# 
_exptl_crystal_grow.crystal_id      1 
_exptl_crystal_grow.method          'VAPOR DIFFUSION, HANGING DROP' 
_exptl_crystal_grow.temp            293 
_exptl_crystal_grow.temp_details    ? 
_exptl_crystal_grow.pH              5.0 
_exptl_crystal_grow.pdbx_details    
'40% saturation ammonium sulfate, 0.1M sodium acetate, pH 5.0, VAPOR DIFFUSION, HANGING DROP, temperature 293K' 
_exptl_crystal_grow.pdbx_pH_range   . 
# 
_diffrn.id                     1 
_diffrn.ambient_temp           100 
_diffrn.ambient_temp_details   ? 
_diffrn.crystal_id             1 
# 
_diffrn_detector.diffrn_id              1 
_diffrn_detector.detector               CCD 
_diffrn_detector.type                   MARRESEARCH 
_diffrn_detector.pdbx_collection_date   2005-09-10 
_diffrn_detector.details                ? 
# 
_diffrn_radiation.diffrn_id                        1 
_diffrn_radiation.wavelength_id                    1 
_diffrn_radiation.pdbx_monochromatic_or_laue_m_l   M 
_diffrn_radiation.monochromator                    'Si 111 CHANNEL CUT' 
_diffrn_radiation.pdbx_diffrn_protocol             MAD 
_diffrn_radiation.pdbx_scattering_type             x-ray 
# 
loop_
_diffrn_radiation_wavelength.id 
_diffrn_radiation_wavelength.wavelength 
_diffrn_radiation_wavelength.wt 
1 0.9792 1.0 
2 0.9794 1.0 
3 0.9184 1.0 
# 
_diffrn_source.diffrn_id                   1 
_diffrn_source.source                      SYNCHROTRON 
_diffrn_source.type                        'ESRF BEAMLINE BM14' 
_diffrn_source.pdbx_synchrotron_site       ESRF 
_diffrn_source.pdbx_synchrotron_beamline   BM14 
_diffrn_source.pdbx_wavelength             ? 
_diffrn_source.pdbx_wavelength_list        0.9792,0.9794,0.9184 
# 
_reflns.entry_id                     2FX0 
_reflns.observed_criterion_sigma_I   0 
_reflns.observed_criterion_sigma_F   0 
_reflns.d_resolution_low             25 
_reflns.d_resolution_high            2.4 
_reflns.number_obs                   14561 
_reflns.number_all                   14561 
_reflns.percent_possible_obs         99.5 
_reflns.pdbx_Rmerge_I_obs            0.063 
_reflns.pdbx_Rsym_value              ? 
_reflns.pdbx_netI_over_sigmaI        19.9 
_reflns.B_iso_Wilson_estimate        45.3 
_reflns.pdbx_redundancy              4.8 
_reflns.R_free_details               ? 
_reflns.limit_h_max                  ? 
_reflns.limit_h_min                  ? 
_reflns.limit_k_max                  ? 
_reflns.limit_k_min                  ? 
_reflns.limit_l_max                  ? 
_reflns.limit_l_min                  ? 
_reflns.observed_criterion_F_max     ? 
_reflns.observed_criterion_F_min     ? 
_reflns.pdbx_chi_squared             ? 
_reflns.pdbx_scaling_rejects         ? 
_reflns.pdbx_ordinal                 1 
_reflns.pdbx_diffrn_id               1 
# 
_reflns_shell.d_res_high             2.40 
_reflns_shell.d_res_low              2.49 
_reflns_shell.percent_possible_all   99.7 
_reflns_shell.Rmerge_I_obs           0.34 
_reflns_shell.pdbx_Rsym_value        ? 
_reflns_shell.meanI_over_sigI_obs    5.0 
_reflns_shell.pdbx_redundancy        4.9 
_reflns_shell.percent_possible_obs   ? 
_reflns_shell.number_unique_all      1431 
_reflns_shell.number_measured_all    ? 
_reflns_shell.number_measured_obs    ? 
_reflns_shell.number_unique_obs      ? 
_reflns_shell.pdbx_chi_squared       ? 
_reflns_shell.pdbx_ordinal           1 
_reflns_shell.pdbx_diffrn_id         1 
# 
_refine.entry_id                                 2FX0 
_refine.ls_number_reflns_obs                     13895 
_refine.ls_number_reflns_all                     14590 
_refine.pdbx_ls_sigma_I                          ? 
_refine.pdbx_ls_sigma_F                          0 
_refine.pdbx_data_cutoff_high_absF               ? 
_refine.pdbx_data_cutoff_low_absF                ? 
_refine.pdbx_data_cutoff_high_rms_absF           ? 
_refine.ls_d_res_low                             24.68 
_refine.ls_d_res_high                            2.40 
_refine.ls_percent_reflns_obs                    100.00 
_refine.ls_R_factor_obs                          0.22335 
_refine.ls_R_factor_all                          0.22335 
_refine.ls_R_factor_R_work                       0.22085 
_refine.ls_R_factor_R_free                       0.27648 
_refine.ls_R_factor_R_free_error                 ? 
_refine.ls_R_factor_R_free_error_details         ? 
_refine.ls_percent_reflns_R_free                 4.8 
_refine.ls_number_reflns_R_free                  695 
_refine.ls_number_parameters                     ? 
_refine.ls_number_restraints                     ? 
_refine.occupancy_min                            ? 
_refine.occupancy_max                            ? 
_refine.correlation_coeff_Fo_to_Fc               0.939 
_refine.correlation_coeff_Fo_to_Fc_free          0.905 
_refine.B_iso_mean                               51.916 
_refine.aniso_B[1][1]                            1.39 
_refine.aniso_B[2][2]                            1.39 
_refine.aniso_B[3][3]                            -2.09 
_refine.aniso_B[1][2]                            0.70 
_refine.aniso_B[1][3]                            0.00 
_refine.aniso_B[2][3]                            0.00 
_refine.solvent_model_details                    'BABINET MODEL WITH MASK' 
_refine.solvent_model_param_ksol                 ? 
_refine.solvent_model_param_bsol                 ? 
_refine.pdbx_solvent_vdw_probe_radii             1.20 
_refine.pdbx_solvent_ion_probe_radii             0.80 
_refine.pdbx_solvent_shrinkage_radii             0.80 
_refine.pdbx_ls_cross_valid_method               THROUGHOUT 
_refine.details                                  ? 
_refine.pdbx_starting_model                      ? 
_refine.pdbx_method_to_determine_struct          MAD 
_refine.pdbx_isotropic_thermal_model             ? 
_refine.pdbx_stereochemistry_target_values       'MAXIMUM LIKELIHOOD' 
_refine.pdbx_stereochem_target_val_spec_case     ? 
_refine.pdbx_R_Free_selection_details            RANDOM 
_refine.pdbx_overall_ESU_R                       0.247 
_refine.pdbx_overall_ESU_R_Free                  0.228 
_refine.overall_SU_ML                            0.189 
_refine.overall_SU_B                             15.633 
_refine.ls_redundancy_reflns_obs                 ? 
_refine.B_iso_min                                ? 
_refine.B_iso_max                                ? 
_refine.overall_SU_R_Cruickshank_DPI             ? 
_refine.overall_SU_R_free                        ? 
_refine.ls_wR_factor_R_free                      ? 
_refine.ls_wR_factor_R_work                      ? 
_refine.overall_FOM_free_R_set                   ? 
_refine.overall_FOM_work_R_set                   ? 
_refine.pdbx_refine_id                           'X-RAY DIFFRACTION' 
_refine.pdbx_TLS_residual_ADP_flag               'LIKELY RESIDUAL' 
_refine.pdbx_diffrn_id                           1 
_refine.pdbx_overall_phase_error                 ? 
_refine.pdbx_overall_SU_R_free_Cruickshank_DPI   ? 
_refine.pdbx_overall_SU_R_Blow_DPI               ? 
_refine.pdbx_overall_SU_R_free_Blow_DPI          ? 
# 
_refine_hist.pdbx_refine_id                   'X-RAY DIFFRACTION' 
_refine_hist.cycle_id                         LAST 
_refine_hist.pdbx_number_atoms_protein        1476 
_refine_hist.pdbx_number_atoms_nucleic_acid   0 
_refine_hist.pdbx_number_atoms_ligand         0 
_refine_hist.number_atoms_solvent             114 
_refine_hist.number_atoms_total               1590 
_refine_hist.d_res_high                       2.40 
_refine_hist.d_res_low                        24.68 
# 
loop_
_refine_ls_restr.type 
_refine_ls_restr.dev_ideal 
_refine_ls_restr.dev_ideal_target 
_refine_ls_restr.weight 
_refine_ls_restr.number 
_refine_ls_restr.pdbx_refine_id 
_refine_ls_restr.pdbx_restraint_function 
r_bond_refined_d         0.012  0.022  ? 1508 'X-RAY DIFFRACTION' ? 
r_angle_refined_deg      1.172  1.956  ? 2025 'X-RAY DIFFRACTION' ? 
r_dihedral_angle_1_deg   5.954  5.000  ? 177  'X-RAY DIFFRACTION' ? 
r_dihedral_angle_2_deg   38.879 24.865 ? 74   'X-RAY DIFFRACTION' ? 
r_dihedral_angle_3_deg   15.644 15.000 ? 287  'X-RAY DIFFRACTION' ? 
r_dihedral_angle_4_deg   13.018 15.000 ? 5    'X-RAY DIFFRACTION' ? 
r_chiral_restr           0.093  0.200  ? 218  'X-RAY DIFFRACTION' ? 
r_gen_planes_refined     0.004  0.020  ? 1121 'X-RAY DIFFRACTION' ? 
r_nbd_refined            0.207  0.200  ? 746  'X-RAY DIFFRACTION' ? 
r_nbtor_refined          0.309  0.200  ? 1059 'X-RAY DIFFRACTION' ? 
r_xyhbond_nbd_refined    0.171  0.200  ? 84   'X-RAY DIFFRACTION' ? 
r_symmetry_vdw_refined   0.389  0.200  ? 55   'X-RAY DIFFRACTION' ? 
r_symmetry_hbond_refined 0.224  0.200  ? 11   'X-RAY DIFFRACTION' ? 
r_mcbond_it              1.274  3.000  ? 930  'X-RAY DIFFRACTION' ? 
r_mcangle_it             1.895  4.000  ? 1437 'X-RAY DIFFRACTION' ? 
r_scbond_it              4.569  8.000  ? 667  'X-RAY DIFFRACTION' ? 
r_scangle_it             6.787  12.000 ? 588  'X-RAY DIFFRACTION' ? 
# 
_refine_ls_shell.pdbx_total_number_of_bins_used   20 
_refine_ls_shell.d_res_high                       2.400 
_refine_ls_shell.d_res_low                        2.462 
_refine_ls_shell.number_reflns_R_work             995 
_refine_ls_shell.R_factor_R_work                  0.281 
_refine_ls_shell.percent_reflns_obs               100.00 
_refine_ls_shell.R_factor_R_free                  0.375 
_refine_ls_shell.R_factor_R_free_error            ? 
_refine_ls_shell.percent_reflns_R_free            ? 
_refine_ls_shell.number_reflns_R_free             58 
_refine_ls_shell.number_reflns_all                ? 
_refine_ls_shell.R_factor_all                     ? 
_refine_ls_shell.number_reflns_obs                ? 
_refine_ls_shell.redundancy_reflns_obs            ? 
_refine_ls_shell.pdbx_refine_id                   'X-RAY DIFFRACTION' 
# 
_struct.entry_id                  2FX0 
_struct.title                     'Crystal Structure of HlyIIR, a Hemolysin II transcriptional Regulator' 
_struct.pdbx_model_details        ? 
_struct.pdbx_CASP_flag            ? 
_struct.pdbx_model_type_details   ? 
# 
_struct_keywords.entry_id        2FX0 
_struct_keywords.pdbx_keywords   TRANSCRIPTION 
_struct_keywords.text            'Transcriptional regulator, TRANSCRIPTION' 
# 
loop_
_struct_asym.id 
_struct_asym.pdbx_blank_PDB_chainid_flag 
_struct_asym.pdbx_modified 
_struct_asym.entity_id 
_struct_asym.details 
A N N 1 ? 
B N N 2 ? 
# 
_struct_ref.id                         1 
_struct_ref.db_name                    GB 
_struct_ref.db_code                    AAO74585 
_struct_ref.pdbx_db_accession          31322346 
_struct_ref.entity_id                  1 
_struct_ref.pdbx_seq_one_letter_code   
;MGKSREQTMENILKAAKKKFGERGYEGTSIQEIAKEAKVNVAMASYYFNGKENLYYEVFKKYGLANELPNFLEKNQFNPI
NALREYLTVFTTHIKENPEIGTLAYEEIIKESARLEKIKPYFIGSFEQLKEILQEGEKQGVFHFFSINHTIHWITSIVLF
PKFKKFIDSLGTNETNDTNHEWMPEDLVSRIISALTDKPNI
;
_struct_ref.pdbx_align_begin           1 
_struct_ref.pdbx_db_isoform            ? 
# 
_struct_ref_seq.align_id                      1 
_struct_ref_seq.ref_id                        1 
_struct_ref_seq.pdbx_PDB_id_code              2FX0 
_struct_ref_seq.pdbx_strand_id                A 
_struct_ref_seq.seq_align_beg                 1 
_struct_ref_seq.pdbx_seq_align_beg_ins_code   ? 
_struct_ref_seq.seq_align_end                 201 
_struct_ref_seq.pdbx_seq_align_end_ins_code   ? 
_struct_ref_seq.pdbx_db_accession             31322346 
_struct_ref_seq.db_align_beg                  1 
_struct_ref_seq.pdbx_db_align_beg_ins_code    ? 
_struct_ref_seq.db_align_end                  201 
_struct_ref_seq.pdbx_db_align_end_ins_code    ? 
_struct_ref_seq.pdbx_auth_seq_align_beg       1 
_struct_ref_seq.pdbx_auth_seq_align_end       201 
# 
loop_
_struct_ref_seq_dif.align_id 
_struct_ref_seq_dif.pdbx_pdb_id_code 
_struct_ref_seq_dif.mon_id 
_struct_ref_seq_dif.pdbx_pdb_strand_id 
_struct_ref_seq_dif.seq_num 
_struct_ref_seq_dif.pdbx_pdb_ins_code 
_struct_ref_seq_dif.pdbx_seq_db_name 
_struct_ref_seq_dif.pdbx_seq_db_accession_code 
_struct_ref_seq_dif.db_mon_id 
_struct_ref_seq_dif.pdbx_seq_db_seq_num 
_struct_ref_seq_dif.details 
_struct_ref_seq_dif.pdbx_auth_seq_num 
_struct_ref_seq_dif.pdbx_ordinal 
1 2FX0 MSE A 1   ? GB 31322346 MET 1   'modified residue' 1   1 
1 2FX0 MSE A 9   ? GB 31322346 MET 9   'modified residue' 9   2 
1 2FX0 MSE A 43  ? GB 31322346 MET 43  'modified residue' 43  3 
1 2FX0 MSE A 183 ? GB 31322346 MET 183 'modified residue' 183 4 
# 
_pdbx_struct_assembly.id                   1 
_pdbx_struct_assembly.details              author_and_software_defined_assembly 
_pdbx_struct_assembly.method_details       PISA,PQS 
_pdbx_struct_assembly.oligomeric_details   dimeric 
_pdbx_struct_assembly.oligomeric_count     2 
# 
loop_
_pdbx_struct_assembly_prop.biol_id 
_pdbx_struct_assembly_prop.type 
_pdbx_struct_assembly_prop.value 
_pdbx_struct_assembly_prop.details 
1 'ABSA (A^2)' 3580  ? 
1 MORE         -22   ? 
1 'SSA (A^2)'  17300 ? 
# 
_pdbx_struct_assembly_gen.assembly_id       1 
_pdbx_struct_assembly_gen.oper_expression   1,2 
_pdbx_struct_assembly_gen.asym_id_list      A,B 
# 
loop_
_pdbx_struct_oper_list.id 
_pdbx_struct_oper_list.type 
_pdbx_struct_oper_list.name 
_pdbx_struct_oper_list.symmetry_operation 
_pdbx_struct_oper_list.matrix[1][1] 
_pdbx_struct_oper_list.matrix[1][2] 
_pdbx_struct_oper_list.matrix[1][3] 
_pdbx_struct_oper_list.vector[1] 
_pdbx_struct_oper_list.matrix[2][1] 
_pdbx_struct_oper_list.matrix[2][2] 
_pdbx_struct_oper_list.matrix[2][3] 
_pdbx_struct_oper_list.vector[2] 
_pdbx_struct_oper_list.matrix[3][1] 
_pdbx_struct_oper_list.matrix[3][2] 
_pdbx_struct_oper_list.matrix[3][3] 
_pdbx_struct_oper_list.vector[3] 
1 'identity operation'         1_555  x,y,z             1.0000000000  0.0000000000  0.0000000000  0.0000000000  0.0000000000  1.0000000000  0.0000000000 0.0000000000  0.0000000000  0.0000000000 1.0000000000  0.0000000000  
2 'crystal symmetry operation' 10_666 -y+1,-x+1,-z+11/6 -0.1703697169 -0.8483144767 -0.5013349262 12.9050910867 -0.8483144767 -0.1325805410 0.5126255444 18.1923559159 -0.5013349262 0.5126255444 -0.6970497421 -9.4275987342 
# 
_struct_biol.id                    1 
_struct_biol.details               
;The second subunit of biological dimer is generated by the operations: 
      ROTATION MATRIX: 
            0.50000 -0.86603  0.00000 
           -0.86603 -0.50000  0.00000 
            0.00000  0.00000 -1.00000 
  TRANSLATION VECTOR IN AS    0.00001   0.00000  66.38908 
 or 1-y, 1-x, 11/6-z
;
_struct_biol.pdbx_parent_biol_id   ? 
# 
loop_
_struct_conf.conf_type_id 
_struct_conf.id 
_struct_conf.pdbx_PDB_helix_id 
_struct_conf.beg_label_comp_id 
_struct_conf.beg_label_asym_id 
_struct_conf.beg_label_seq_id 
_struct_conf.pdbx_beg_PDB_ins_code 
_struct_conf.end_label_comp_id 
_struct_conf.end_label_asym_id 
_struct_conf.end_label_seq_id 
_struct_conf.pdbx_end_PDB_ins_code 
_struct_conf.beg_auth_comp_id 
_struct_conf.beg_auth_asym_id 
_struct_conf.beg_auth_seq_id 
_struct_conf.end_auth_comp_id 
_struct_conf.end_auth_asym_id 
_struct_conf.end_auth_seq_id 
_struct_conf.pdbx_PDB_helix_class 
_struct_conf.details 
_struct_conf.pdbx_PDB_helix_length 
HELX_P HELX_P1  1  SER A 4   ? GLY A 24  ? SER A 4   GLY A 24  1 ? 21 
HELX_P HELX_P2  2  SER A 29  ? LYS A 38  ? SER A 29  LYS A 38  1 ? 10 
HELX_P HELX_P3  3  ASN A 40  ? ASN A 49  ? ASN A 40  ASN A 49  1 ? 10 
HELX_P HELX_P4  4  GLY A 50  ? GLY A 63  ? GLY A 50  GLY A 63  1 ? 14 
HELX_P HELX_P5  5  LEU A 64  ? LEU A 68  ? LEU A 64  LEU A 68  5 ? 5  
HELX_P HELX_P6  6  ASN A 70  ? ASN A 75  ? ASN A 70  ASN A 75  1 ? 6  
HELX_P HELX_P7  7  ASN A 78  ? ASN A 97  ? ASN A 78  ASN A 97  1 ? 20 
HELX_P HELX_P8  8  ILE A 100 ? ILE A 108 ? ILE A 100 ILE A 108 1 ? 9  
HELX_P HELX_P9  9  ARG A 114 ? LYS A 119 ? ARG A 114 LYS A 119 1 ? 6  
HELX_P HELX_P10 10 PHE A 122 ? GLN A 139 ? PHE A 122 GLN A 139 1 ? 18 
HELX_P HELX_P11 11 SER A 146 ? PHE A 160 ? SER A 146 PHE A 160 1 ? 15 
HELX_P HELX_P12 12 PHE A 160 ? SER A 169 ? PHE A 160 SER A 169 1 ? 10 
HELX_P HELX_P13 13 ASP A 186 ? ASP A 197 ? ASP A 186 ASP A 197 1 ? 12 
# 
_struct_conf_type.id          HELX_P 
_struct_conf_type.criteria    ? 
_struct_conf_type.reference   ? 
# 
loop_
_struct_conn.id 
_struct_conn.conn_type_id 
_struct_conn.pdbx_leaving_atom_flag 
_struct_conn.pdbx_PDB_id 
_struct_conn.ptnr1_label_asym_id 
_struct_conn.ptnr1_label_comp_id 
_struct_conn.ptnr1_label_seq_id 
_struct_conn.ptnr1_label_atom_id 
_struct_conn.pdbx_ptnr1_label_alt_id 
_struct_conn.pdbx_ptnr1_PDB_ins_code 
_struct_conn.pdbx_ptnr1_standard_comp_id 
_struct_conn.ptnr1_symmetry 
_struct_conn.ptnr2_label_asym_id 
_struct_conn.ptnr2_label_comp_id 
_struct_conn.ptnr2_label_seq_id 
_struct_conn.ptnr2_label_atom_id 
_struct_conn.pdbx_ptnr2_label_alt_id 
_struct_conn.pdbx_ptnr2_PDB_ins_code 
_struct_conn.ptnr1_auth_asym_id 
_struct_conn.ptnr1_auth_comp_id 
_struct_conn.ptnr1_auth_seq_id 
_struct_conn.ptnr2_auth_asym_id 
_struct_conn.ptnr2_auth_comp_id 
_struct_conn.ptnr2_auth_seq_id 
_struct_conn.ptnr2_symmetry 
_struct_conn.pdbx_ptnr3_label_atom_id 
_struct_conn.pdbx_ptnr3_label_seq_id 
_struct_conn.pdbx_ptnr3_label_comp_id 
_struct_conn.pdbx_ptnr3_label_asym_id 
_struct_conn.pdbx_ptnr3_label_alt_id 
_struct_conn.pdbx_ptnr3_PDB_ins_code 
_struct_conn.details 
_struct_conn.pdbx_dist_value 
_struct_conn.pdbx_value_order 
_struct_conn.pdbx_role 
covale1 covale both ? A THR 8  C ? ? ? 1_555 A MSE 9  N ? ? A THR 8  A MSE 9  1_555 ? ? ? ? ? ? ? 1.331 ? ? 
covale2 covale both ? A MSE 9  C ? ? ? 1_555 A GLU 10 N ? ? A MSE 9  A GLU 10 1_555 ? ? ? ? ? ? ? 1.334 ? ? 
covale3 covale both ? A ALA 42 C ? ? ? 1_555 A MSE 43 N ? ? A ALA 42 A MSE 43 1_555 ? ? ? ? ? ? ? 1.330 ? ? 
covale4 covale both ? A MSE 43 C ? ? ? 1_555 A ALA 44 N ? ? A MSE 43 A ALA 44 1_555 ? ? ? ? ? ? ? 1.337 ? ? 
# 
_struct_conn_type.id          covale 
_struct_conn_type.criteria    ? 
_struct_conn_type.reference   ? 
# 
loop_
_pdbx_modification_feature.ordinal 
_pdbx_modification_feature.label_comp_id 
_pdbx_modification_feature.label_asym_id 
_pdbx_modification_feature.label_seq_id 
_pdbx_modification_feature.label_alt_id 
_pdbx_modification_feature.modified_residue_label_comp_id 
_pdbx_modification_feature.modified_residue_label_asym_id 
_pdbx_modification_feature.modified_residue_label_seq_id 
_pdbx_modification_feature.modified_residue_label_alt_id 
_pdbx_modification_feature.auth_comp_id 
_pdbx_modification_feature.auth_asym_id 
_pdbx_modification_feature.auth_seq_id 
_pdbx_modification_feature.PDB_ins_code 
_pdbx_modification_feature.symmetry 
_pdbx_modification_feature.modified_residue_auth_comp_id 
_pdbx_modification_feature.modified_residue_auth_asym_id 
_pdbx_modification_feature.modified_residue_auth_seq_id 
_pdbx_modification_feature.modified_residue_PDB_ins_code 
_pdbx_modification_feature.modified_residue_symmetry 
_pdbx_modification_feature.comp_id_linking_atom 
_pdbx_modification_feature.modified_residue_id_linking_atom 
_pdbx_modification_feature.modified_residue_id 
_pdbx_modification_feature.ref_pcm_id 
_pdbx_modification_feature.ref_comp_id 
_pdbx_modification_feature.type 
_pdbx_modification_feature.category 
1 MSE A 9  ? . . . . MSE A 9  ? 1_555 . . . . . . . MET 1 MSE Selenomethionine 'Named protein modification' 
2 MSE A 43 ? . . . . MSE A 43 ? 1_555 . . . . . . . MET 1 MSE Selenomethionine 'Named protein modification' 
# 
_pdbx_entry_details.entry_id                   2FX0 
_pdbx_entry_details.compound_details           ? 
_pdbx_entry_details.source_details             ? 
_pdbx_entry_details.nonpolymer_details         ? 
_pdbx_entry_details.sequence_details           ? 
_pdbx_entry_details.has_ligand_of_interest     ? 
_pdbx_entry_details.has_protein_modification   Y 
# 
_pdbx_validate_symm_contact.id                1 
_pdbx_validate_symm_contact.PDB_model_num     1 
_pdbx_validate_symm_contact.auth_atom_id_1    CB 
_pdbx_validate_symm_contact.auth_asym_id_1    A 
_pdbx_validate_symm_contact.auth_comp_id_1    TYR 
_pdbx_validate_symm_contact.auth_seq_id_1     105 
_pdbx_validate_symm_contact.PDB_ins_code_1    ? 
_pdbx_validate_symm_contact.label_alt_id_1    ? 
_pdbx_validate_symm_contact.site_symmetry_1   1_555 
_pdbx_validate_symm_contact.auth_atom_id_2    CZ 
_pdbx_validate_symm_contact.auth_asym_id_2    A 
_pdbx_validate_symm_contact.auth_comp_id_2    TYR 
_pdbx_validate_symm_contact.auth_seq_id_2     105 
_pdbx_validate_symm_contact.PDB_ins_code_2    ? 
_pdbx_validate_symm_contact.label_alt_id_2    ? 
_pdbx_validate_symm_contact.site_symmetry_2   10_666 
_pdbx_validate_symm_contact.dist              2.18 
# 
loop_
_pdbx_validate_rmsd_bond.id 
_pdbx_validate_rmsd_bond.PDB_model_num 
_pdbx_validate_rmsd_bond.auth_atom_id_1 
_pdbx_validate_rmsd_bond.auth_asym_id_1 
_pdbx_validate_rmsd_bond.auth_comp_id_1 
_pdbx_validate_rmsd_bond.auth_seq_id_1 
_pdbx_validate_rmsd_bond.PDB_ins_code_1 
_pdbx_validate_rmsd_bond.label_alt_id_1 
_pdbx_validate_rmsd_bond.auth_atom_id_2 
_pdbx_validate_rmsd_bond.auth_asym_id_2 
_pdbx_validate_rmsd_bond.auth_comp_id_2 
_pdbx_validate_rmsd_bond.auth_seq_id_2 
_pdbx_validate_rmsd_bond.PDB_ins_code_2 
_pdbx_validate_rmsd_bond.label_alt_id_2 
_pdbx_validate_rmsd_bond.bond_value 
_pdbx_validate_rmsd_bond.bond_target_value 
_pdbx_validate_rmsd_bond.bond_deviation 
_pdbx_validate_rmsd_bond.bond_standard_deviation 
_pdbx_validate_rmsd_bond.linker_flag 
1 1 CB A GLU 99 ? ? CG  A GLU 99 ? ? 1.639 1.517 0.122 0.019 N 
2 1 CD A GLU 99 ? ? OE1 A GLU 99 ? ? 1.399 1.252 0.147 0.011 N 
# 
loop_
_pdbx_validate_torsion.id 
_pdbx_validate_torsion.PDB_model_num 
_pdbx_validate_torsion.auth_comp_id 
_pdbx_validate_torsion.auth_asym_id 
_pdbx_validate_torsion.auth_seq_id 
_pdbx_validate_torsion.PDB_ins_code 
_pdbx_validate_torsion.label_alt_id 
_pdbx_validate_torsion.phi 
_pdbx_validate_torsion.psi 
1 1 PRO A 98  ? ? -75.97  33.80   
2 1 GLU A 111 ? ? -104.61 -157.09 
3 1 SER A 112 ? ? -151.38 -51.47  
4 1 LYS A 119 ? ? -27.28  -57.66  
5 1 PRO A 120 ? ? -50.07  -3.19   
# 
_pdbx_validate_peptide_omega.id               1 
_pdbx_validate_peptide_omega.PDB_model_num    1 
_pdbx_validate_peptide_omega.auth_comp_id_1   LYS 
_pdbx_validate_peptide_omega.auth_asym_id_1   A 
_pdbx_validate_peptide_omega.auth_seq_id_1    110 
_pdbx_validate_peptide_omega.PDB_ins_code_1   ? 
_pdbx_validate_peptide_omega.label_alt_id_1   ? 
_pdbx_validate_peptide_omega.auth_comp_id_2   GLU 
_pdbx_validate_peptide_omega.auth_asym_id_2   A 
_pdbx_validate_peptide_omega.auth_seq_id_2    111 
_pdbx_validate_peptide_omega.PDB_ins_code_2   ? 
_pdbx_validate_peptide_omega.label_alt_id_2   ? 
_pdbx_validate_peptide_omega.omega            -147.43 
# 
loop_
_pdbx_struct_mod_residue.id 
_pdbx_struct_mod_residue.label_asym_id 
_pdbx_struct_mod_residue.label_comp_id 
_pdbx_struct_mod_residue.label_seq_id 
_pdbx_struct_mod_residue.auth_asym_id 
_pdbx_struct_mod_residue.auth_comp_id 
_pdbx_struct_mod_residue.auth_seq_id 
_pdbx_struct_mod_residue.PDB_ins_code 
_pdbx_struct_mod_residue.parent_comp_id 
_pdbx_struct_mod_residue.details 
1 A MSE 9  A MSE 9  ? MET SELENOMETHIONINE 
2 A MSE 43 A MSE 43 ? MET SELENOMETHIONINE 
# 
_pdbx_struct_special_symmetry.id              1 
_pdbx_struct_special_symmetry.PDB_model_num   1 
_pdbx_struct_special_symmetry.auth_asym_id    A 
_pdbx_struct_special_symmetry.auth_comp_id    HOH 
_pdbx_struct_special_symmetry.auth_seq_id     269 
_pdbx_struct_special_symmetry.PDB_ins_code    ? 
_pdbx_struct_special_symmetry.label_asym_id   B 
_pdbx_struct_special_symmetry.label_comp_id   HOH 
_pdbx_struct_special_symmetry.label_seq_id    . 
# 
loop_
_pdbx_refine_tls.pdbx_refine_id 
_pdbx_refine_tls.id 
_pdbx_refine_tls.details 
_pdbx_refine_tls.method 
_pdbx_refine_tls.origin_x 
_pdbx_refine_tls.origin_y 
_pdbx_refine_tls.origin_z 
_pdbx_refine_tls.T[1][1] 
_pdbx_refine_tls.T[2][2] 
_pdbx_refine_tls.T[3][3] 
_pdbx_refine_tls.T[1][2] 
_pdbx_refine_tls.T[1][3] 
_pdbx_refine_tls.T[2][3] 
_pdbx_refine_tls.L[1][1] 
_pdbx_refine_tls.L[2][2] 
_pdbx_refine_tls.L[3][3] 
_pdbx_refine_tls.L[1][2] 
_pdbx_refine_tls.L[1][3] 
_pdbx_refine_tls.L[2][3] 
_pdbx_refine_tls.S[1][1] 
_pdbx_refine_tls.S[2][2] 
_pdbx_refine_tls.S[3][3] 
_pdbx_refine_tls.S[1][2] 
_pdbx_refine_tls.S[1][3] 
_pdbx_refine_tls.S[2][3] 
_pdbx_refine_tls.S[2][1] 
_pdbx_refine_tls.S[3][1] 
_pdbx_refine_tls.S[3][2] 
'X-RAY DIFFRACTION' 1  ? refined -15.6511 6.4540   7.8523   -0.1931 0.0611  -0.0615 0.1048 0.0421  0.0510  5.3923  4.5021  7.0472  1.3085   -1.5962 -1.3724 0.0711  -0.0319 -0.0392 0.5649  -0.0363 0.3312  -0.5408 0.9430  -0.4528 
'X-RAY DIFFRACTION' 2  ? refined -12.5632 16.1515  6.0234   -0.1361 -0.0513 0.0037  0.1315 0.1514  0.2122  19.1761 4.4650  8.1111  -1.1549  -3.2927 -0.8977 0.3691  -0.3515 -0.0175 0.9793  1.0989  0.0296  -0.6373 -0.4983 -0.2437 
'X-RAY DIFFRACTION' 3  ? refined -9.5321  7.9742   12.8941  -0.1394 -0.0735 -0.0702 0.1257 0.1005  0.0538  7.4594  1.8891  8.7524  -1.2185  -1.3932 1.7261  0.0712  0.1911  -0.2623 -0.3532 0.2392  0.1439  -0.0192 0.8359  0.5814  
'X-RAY DIFFRACTION' 4  ? refined -1.9632  -10.4219 3.1920   0.4088  0.0721  -0.0499 0.4046 0.2289  -0.0292 10.7318 41.2310 9.5786  -11.1694 0.7971  15.9583 -0.3453 0.1338  0.2115  -0.9870 0.5258  1.3778  0.0906  -0.6118 -0.8474 
'X-RAY DIFFRACTION' 5  ? refined 5.2633   -19.1737 -4.5849  0.0639  -0.1915 -0.1846 0.1724 0.0301  -0.0823 8.0202  16.5605 7.2164  -1.1692  -0.3346 -0.2384 0.5427  0.0336  -0.5762 0.1221  -0.1118 0.2965  -0.4309 0.3028  -0.7893 
'X-RAY DIFFRACTION' 6  ? refined 0.3144   -8.9468  -6.2091  0.3634  -0.0418 -0.1672 0.4314 0.1949  -0.0478 12.8628 5.8260  9.3995  -6.6506  9.5617  -2.6048 0.0965  -0.3007 0.2042  0.2113  0.5082  0.9533  0.2934  -0.5425 -1.7247 
'X-RAY DIFFRACTION' 7  ? refined -5.4001  1.2873   -5.6105  0.3700  0.1693  -0.0211 0.6270 -0.0006 -0.0926 17.0637 22.5952 23.4870 19.5160  12.3973 16.1722 -0.3924 -0.6891 1.0815  -0.3835 0.4874  1.3591  -2.3339 -0.4859 -0.2339 
'X-RAY DIFFRACTION' 8  ? refined 4.8075   3.6089   5.9362   0.2862  0.0382  -0.1540 0.3518 0.2835  0.0585  6.3866  5.4456  1.5700  -4.4985  -1.5163 2.7279  -0.7158 0.6350  0.0807  -0.7818 0.0767  -0.1732 0.1906  0.7999  0.6447  
'X-RAY DIFFRACTION' 9  ? refined 14.6601  -14.5962 -4.0964  0.2142  -0.2855 -0.0981 0.0923 0.0904  -0.1229 3.1599  7.7128  9.1229  -2.9968  -2.5803 0.0257  0.2236  0.0236  -0.2472 -0.1129 0.1250  -0.4360 0.0455  -0.9210 0.0638  
'X-RAY DIFFRACTION' 10 ? refined 10.4403  0.8951   -10.1334 0.4906  -0.1659 0.0115  0.1168 0.2263  -0.0805 3.6452  6.0763  1.7722  -4.7063  2.5416  -3.2815 0.1704  -0.3494 0.1790  0.7904  0.1059  -0.4006 0.3276  -0.0487 0.0717  
'X-RAY DIFFRACTION' 11 ? refined 10.3029  -10.1068 -15.5377 0.3042  -0.2286 -0.2510 0.1505 0.0796  -0.0091 17.1316 13.6022 9.3601  -5.9939  -0.2963 0.7419  0.5378  -0.1908 -0.3469 1.1132  0.3066  -0.1131 -0.8277 -0.7825 -0.3185 
# 
loop_
_pdbx_refine_tls_group.pdbx_refine_id 
_pdbx_refine_tls_group.id 
_pdbx_refine_tls_group.refine_tls_id 
_pdbx_refine_tls_group.beg_auth_asym_id 
_pdbx_refine_tls_group.beg_auth_seq_id 
_pdbx_refine_tls_group.end_auth_asym_id 
_pdbx_refine_tls_group.end_auth_seq_id 
_pdbx_refine_tls_group.selection_details 
_pdbx_refine_tls_group.beg_label_asym_id 
_pdbx_refine_tls_group.beg_label_seq_id 
_pdbx_refine_tls_group.end_label_asym_id 
_pdbx_refine_tls_group.end_label_seq_id 
_pdbx_refine_tls_group.selection 
'X-RAY DIFFRACTION' 1  1  A 4   A 21  ? . . . . ? 
'X-RAY DIFFRACTION' 2  2  A 22  A 41  ? . . . . ? 
'X-RAY DIFFRACTION' 3  3  A 42  A 62  ? . . . . ? 
'X-RAY DIFFRACTION' 4  4  A 63  A 71  ? . . . . ? 
'X-RAY DIFFRACTION' 5  5  A 72  A 84  ? . . . . ? 
'X-RAY DIFFRACTION' 6  6  A 85  A 91  ? . . . . ? 
'X-RAY DIFFRACTION' 7  7  A 92  A 102 ? . . . . ? 
'X-RAY DIFFRACTION' 8  8  A 103 A 128 ? . . . . ? 
'X-RAY DIFFRACTION' 9  9  A 129 A 143 ? . . . . ? 
'X-RAY DIFFRACTION' 10 10 A 144 A 169 ? . . . . ? 
'X-RAY DIFFRACTION' 11 11 A 186 A 198 ? . . . . ? 
# 
loop_
_pdbx_unobs_or_zero_occ_residues.id 
_pdbx_unobs_or_zero_occ_residues.PDB_model_num 
_pdbx_unobs_or_zero_occ_residues.polymer_flag 
_pdbx_unobs_or_zero_occ_residues.occupancy_flag 
_pdbx_unobs_or_zero_occ_residues.auth_asym_id 
_pdbx_unobs_or_zero_occ_residues.auth_comp_id 
_pdbx_unobs_or_zero_occ_residues.auth_seq_id 
_pdbx_unobs_or_zero_occ_residues.PDB_ins_code 
_pdbx_unobs_or_zero_occ_residues.label_asym_id 
_pdbx_unobs_or_zero_occ_residues.label_comp_id 
_pdbx_unobs_or_zero_occ_residues.label_seq_id 
1  1 Y 1 A MSE 1   ? A MSE 1   
2  1 Y 1 A GLY 2   ? A GLY 2   
3  1 Y 1 A LYS 3   ? A LYS 3   
4  1 Y 1 A LEU 170 ? A LEU 170 
5  1 Y 1 A GLY 171 ? A GLY 171 
6  1 Y 1 A THR 172 ? A THR 172 
7  1 Y 1 A ASN 173 ? A ASN 173 
8  1 Y 1 A GLU 174 ? A GLU 174 
9  1 Y 1 A THR 175 ? A THR 175 
10 1 Y 1 A ASN 176 ? A ASN 176 
11 1 Y 1 A ASP 177 ? A ASP 177 
12 1 Y 1 A THR 178 ? A THR 178 
13 1 Y 1 A ASN 179 ? A ASN 179 
14 1 Y 1 A HIS 180 ? A HIS 180 
15 1 Y 1 A GLU 181 ? A GLU 181 
16 1 Y 1 A TRP 182 ? A TRP 182 
17 1 Y 1 A MSE 183 ? A MSE 183 
18 1 Y 1 A PRO 184 ? A PRO 184 
19 1 Y 1 A GLU 185 ? A GLU 185 
20 1 Y 1 A PRO 199 ? A PRO 199 
21 1 Y 1 A ASN 200 ? A ASN 200 
22 1 Y 1 A ILE 201 ? A ILE 201 
# 
loop_
_chem_comp_atom.comp_id 
_chem_comp_atom.atom_id 
_chem_comp_atom.type_symbol 
_chem_comp_atom.pdbx_aromatic_flag 
_chem_comp_atom.pdbx_stereo_config 
_chem_comp_atom.pdbx_ordinal 
ALA N    N  N N 1   
ALA CA   C  N S 2   
ALA C    C  N N 3   
ALA O    O  N N 4   
ALA CB   C  N N 5   
ALA OXT  O  N N 6   
ALA H    H  N N 7   
ALA H2   H  N N 8   
ALA HA   H  N N 9   
ALA HB1  H  N N 10  
ALA HB2  H  N N 11  
ALA HB3  H  N N 12  
ALA HXT  H  N N 13  
ARG N    N  N N 14  
ARG CA   C  N S 15  
ARG C    C  N N 16  
ARG O    O  N N 17  
ARG CB   C  N N 18  
ARG CG   C  N N 19  
ARG CD   C  N N 20  
ARG NE   N  N N 21  
ARG CZ   C  N N 22  
ARG NH1  N  N N 23  
ARG NH2  N  N N 24  
ARG OXT  O  N N 25  
ARG H    H  N N 26  
ARG H2   H  N N 27  
ARG HA   H  N N 28  
ARG HB2  H  N N 29  
ARG HB3  H  N N 30  
ARG HG2  H  N N 31  
ARG HG3  H  N N 32  
ARG HD2  H  N N 33  
ARG HD3  H  N N 34  
ARG HE   H  N N 35  
ARG HH11 H  N N 36  
ARG HH12 H  N N 37  
ARG HH21 H  N N 38  
ARG HH22 H  N N 39  
ARG HXT  H  N N 40  
ASN N    N  N N 41  
ASN CA   C  N S 42  
ASN C    C  N N 43  
ASN O    O  N N 44  
ASN CB   C  N N 45  
ASN CG   C  N N 46  
ASN OD1  O  N N 47  
ASN ND2  N  N N 48  
ASN OXT  O  N N 49  
ASN H    H  N N 50  
ASN H2   H  N N 51  
ASN HA   H  N N 52  
ASN HB2  H  N N 53  
ASN HB3  H  N N 54  
ASN HD21 H  N N 55  
ASN HD22 H  N N 56  
ASN HXT  H  N N 57  
ASP N    N  N N 58  
ASP CA   C  N S 59  
ASP C    C  N N 60  
ASP O    O  N N 61  
ASP CB   C  N N 62  
ASP CG   C  N N 63  
ASP OD1  O  N N 64  
ASP OD2  O  N N 65  
ASP OXT  O  N N 66  
ASP H    H  N N 67  
ASP H2   H  N N 68  
ASP HA   H  N N 69  
ASP HB2  H  N N 70  
ASP HB3  H  N N 71  
ASP HD2  H  N N 72  
ASP HXT  H  N N 73  
GLN N    N  N N 74  
GLN CA   C  N S 75  
GLN C    C  N N 76  
GLN O    O  N N 77  
GLN CB   C  N N 78  
GLN CG   C  N N 79  
GLN CD   C  N N 80  
GLN OE1  O  N N 81  
GLN NE2  N  N N 82  
GLN OXT  O  N N 83  
GLN H    H  N N 84  
GLN H2   H  N N 85  
GLN HA   H  N N 86  
GLN HB2  H  N N 87  
GLN HB3  H  N N 88  
GLN HG2  H  N N 89  
GLN HG3  H  N N 90  
GLN HE21 H  N N 91  
GLN HE22 H  N N 92  
GLN HXT  H  N N 93  
GLU N    N  N N 94  
GLU CA   C  N S 95  
GLU C    C  N N 96  
GLU O    O  N N 97  
GLU CB   C  N N 98  
GLU CG   C  N N 99  
GLU CD   C  N N 100 
GLU OE1  O  N N 101 
GLU OE2  O  N N 102 
GLU OXT  O  N N 103 
GLU H    H  N N 104 
GLU H2   H  N N 105 
GLU HA   H  N N 106 
GLU HB2  H  N N 107 
GLU HB3  H  N N 108 
GLU HG2  H  N N 109 
GLU HG3  H  N N 110 
GLU HE2  H  N N 111 
GLU HXT  H  N N 112 
GLY N    N  N N 113 
GLY CA   C  N N 114 
GLY C    C  N N 115 
GLY O    O  N N 116 
GLY OXT  O  N N 117 
GLY H    H  N N 118 
GLY H2   H  N N 119 
GLY HA2  H  N N 120 
GLY HA3  H  N N 121 
GLY HXT  H  N N 122 
HIS N    N  N N 123 
HIS CA   C  N S 124 
HIS C    C  N N 125 
HIS O    O  N N 126 
HIS CB   C  N N 127 
HIS CG   C  Y N 128 
HIS ND1  N  Y N 129 
HIS CD2  C  Y N 130 
HIS CE1  C  Y N 131 
HIS NE2  N  Y N 132 
HIS OXT  O  N N 133 
HIS H    H  N N 134 
HIS H2   H  N N 135 
HIS HA   H  N N 136 
HIS HB2  H  N N 137 
HIS HB3  H  N N 138 
HIS HD1  H  N N 139 
HIS HD2  H  N N 140 
HIS HE1  H  N N 141 
HIS HE2  H  N N 142 
HIS HXT  H  N N 143 
HOH O    O  N N 144 
HOH H1   H  N N 145 
HOH H2   H  N N 146 
ILE N    N  N N 147 
ILE CA   C  N S 148 
ILE C    C  N N 149 
ILE O    O  N N 150 
ILE CB   C  N S 151 
ILE CG1  C  N N 152 
ILE CG2  C  N N 153 
ILE CD1  C  N N 154 
ILE OXT  O  N N 155 
ILE H    H  N N 156 
ILE H2   H  N N 157 
ILE HA   H  N N 158 
ILE HB   H  N N 159 
ILE HG12 H  N N 160 
ILE HG13 H  N N 161 
ILE HG21 H  N N 162 
ILE HG22 H  N N 163 
ILE HG23 H  N N 164 
ILE HD11 H  N N 165 
ILE HD12 H  N N 166 
ILE HD13 H  N N 167 
ILE HXT  H  N N 168 
LEU N    N  N N 169 
LEU CA   C  N S 170 
LEU C    C  N N 171 
LEU O    O  N N 172 
LEU CB   C  N N 173 
LEU CG   C  N N 174 
LEU CD1  C  N N 175 
LEU CD2  C  N N 176 
LEU OXT  O  N N 177 
LEU H    H  N N 178 
LEU H2   H  N N 179 
LEU HA   H  N N 180 
LEU HB2  H  N N 181 
LEU HB3  H  N N 182 
LEU HG   H  N N 183 
LEU HD11 H  N N 184 
LEU HD12 H  N N 185 
LEU HD13 H  N N 186 
LEU HD21 H  N N 187 
LEU HD22 H  N N 188 
LEU HD23 H  N N 189 
LEU HXT  H  N N 190 
LYS N    N  N N 191 
LYS CA   C  N S 192 
LYS C    C  N N 193 
LYS O    O  N N 194 
LYS CB   C  N N 195 
LYS CG   C  N N 196 
LYS CD   C  N N 197 
LYS CE   C  N N 198 
LYS NZ   N  N N 199 
LYS OXT  O  N N 200 
LYS H    H  N N 201 
LYS H2   H  N N 202 
LYS HA   H  N N 203 
LYS HB2  H  N N 204 
LYS HB3  H  N N 205 
LYS HG2  H  N N 206 
LYS HG3  H  N N 207 
LYS HD2  H  N N 208 
LYS HD3  H  N N 209 
LYS HE2  H  N N 210 
LYS HE3  H  N N 211 
LYS HZ1  H  N N 212 
LYS HZ2  H  N N 213 
LYS HZ3  H  N N 214 
LYS HXT  H  N N 215 
MET N    N  N N 216 
MET CA   C  N S 217 
MET C    C  N N 218 
MET O    O  N N 219 
MET CB   C  N N 220 
MET CG   C  N N 221 
MET SD   S  N N 222 
MET CE   C  N N 223 
MET OXT  O  N N 224 
MET H    H  N N 225 
MET H2   H  N N 226 
MET HA   H  N N 227 
MET HB2  H  N N 228 
MET HB3  H  N N 229 
MET HG2  H  N N 230 
MET HG3  H  N N 231 
MET HE1  H  N N 232 
MET HE2  H  N N 233 
MET HE3  H  N N 234 
MET HXT  H  N N 235 
MSE N    N  N N 236 
MSE CA   C  N S 237 
MSE C    C  N N 238 
MSE O    O  N N 239 
MSE OXT  O  N N 240 
MSE CB   C  N N 241 
MSE CG   C  N N 242 
MSE SE   SE N N 243 
MSE CE   C  N N 244 
MSE H    H  N N 245 
MSE H2   H  N N 246 
MSE HA   H  N N 247 
MSE HXT  H  N N 248 
MSE HB2  H  N N 249 
MSE HB3  H  N N 250 
MSE HG2  H  N N 251 
MSE HG3  H  N N 252 
MSE HE1  H  N N 253 
MSE HE2  H  N N 254 
MSE HE3  H  N N 255 
PHE N    N  N N 256 
PHE CA   C  N S 257 
PHE C    C  N N 258 
PHE O    O  N N 259 
PHE CB   C  N N 260 
PHE CG   C  Y N 261 
PHE CD1  C  Y N 262 
PHE CD2  C  Y N 263 
PHE CE1  C  Y N 264 
PHE CE2  C  Y N 265 
PHE CZ   C  Y N 266 
PHE OXT  O  N N 267 
PHE H    H  N N 268 
PHE H2   H  N N 269 
PHE HA   H  N N 270 
PHE HB2  H  N N 271 
PHE HB3  H  N N 272 
PHE HD1  H  N N 273 
PHE HD2  H  N N 274 
PHE HE1  H  N N 275 
PHE HE2  H  N N 276 
PHE HZ   H  N N 277 
PHE HXT  H  N N 278 
PRO N    N  N N 279 
PRO CA   C  N S 280 
PRO C    C  N N 281 
PRO O    O  N N 282 
PRO CB   C  N N 283 
PRO CG   C  N N 284 
PRO CD   C  N N 285 
PRO OXT  O  N N 286 
PRO H    H  N N 287 
PRO HA   H  N N 288 
PRO HB2  H  N N 289 
PRO HB3  H  N N 290 
PRO HG2  H  N N 291 
PRO HG3  H  N N 292 
PRO HD2  H  N N 293 
PRO HD3  H  N N 294 
PRO HXT  H  N N 295 
SER N    N  N N 296 
SER CA   C  N S 297 
SER C    C  N N 298 
SER O    O  N N 299 
SER CB   C  N N 300 
SER OG   O  N N 301 
SER OXT  O  N N 302 
SER H    H  N N 303 
SER H2   H  N N 304 
SER HA   H  N N 305 
SER HB2  H  N N 306 
SER HB3  H  N N 307 
SER HG   H  N N 308 
SER HXT  H  N N 309 
THR N    N  N N 310 
THR CA   C  N S 311 
THR C    C  N N 312 
THR O    O  N N 313 
THR CB   C  N R 314 
THR OG1  O  N N 315 
THR CG2  C  N N 316 
THR OXT  O  N N 317 
THR H    H  N N 318 
THR H2   H  N N 319 
THR HA   H  N N 320 
THR HB   H  N N 321 
THR HG1  H  N N 322 
THR HG21 H  N N 323 
THR HG22 H  N N 324 
THR HG23 H  N N 325 
THR HXT  H  N N 326 
TRP N    N  N N 327 
TRP CA   C  N S 328 
TRP C    C  N N 329 
TRP O    O  N N 330 
TRP CB   C  N N 331 
TRP CG   C  Y N 332 
TRP CD1  C  Y N 333 
TRP CD2  C  Y N 334 
TRP NE1  N  Y N 335 
TRP CE2  C  Y N 336 
TRP CE3  C  Y N 337 
TRP CZ2  C  Y N 338 
TRP CZ3  C  Y N 339 
TRP CH2  C  Y N 340 
TRP OXT  O  N N 341 
TRP H    H  N N 342 
TRP H2   H  N N 343 
TRP HA   H  N N 344 
TRP HB2  H  N N 345 
TRP HB3  H  N N 346 
TRP HD1  H  N N 347 
TRP HE1  H  N N 348 
TRP HE3  H  N N 349 
TRP HZ2  H  N N 350 
TRP HZ3  H  N N 351 
TRP HH2  H  N N 352 
TRP HXT  H  N N 353 
TYR N    N  N N 354 
TYR CA   C  N S 355 
TYR C    C  N N 356 
TYR O    O  N N 357 
TYR CB   C  N N 358 
TYR CG   C  Y N 359 
TYR CD1  C  Y N 360 
TYR CD2  C  Y N 361 
TYR CE1  C  Y N 362 
TYR CE2  C  Y N 363 
TYR CZ   C  Y N 364 
TYR OH   O  N N 365 
TYR OXT  O  N N 366 
TYR H    H  N N 367 
TYR H2   H  N N 368 
TYR HA   H  N N 369 
TYR HB2  H  N N 370 
TYR HB3  H  N N 371 
TYR HD1  H  N N 372 
TYR HD2  H  N N 373 
TYR HE1  H  N N 374 
TYR HE2  H  N N 375 
TYR HH   H  N N 376 
TYR HXT  H  N N 377 
VAL N    N  N N 378 
VAL CA   C  N S 379 
VAL C    C  N N 380 
VAL O    O  N N 381 
VAL CB   C  N N 382 
VAL CG1  C  N N 383 
VAL CG2  C  N N 384 
VAL OXT  O  N N 385 
VAL H    H  N N 386 
VAL H2   H  N N 387 
VAL HA   H  N N 388 
VAL HB   H  N N 389 
VAL HG11 H  N N 390 
VAL HG12 H  N N 391 
VAL HG13 H  N N 392 
VAL HG21 H  N N 393 
VAL HG22 H  N N 394 
VAL HG23 H  N N 395 
VAL HXT  H  N N 396 
# 
loop_
_chem_comp_bond.comp_id 
_chem_comp_bond.atom_id_1 
_chem_comp_bond.atom_id_2 
_chem_comp_bond.value_order 
_chem_comp_bond.pdbx_aromatic_flag 
_chem_comp_bond.pdbx_stereo_config 
_chem_comp_bond.pdbx_ordinal 
ALA N   CA   sing N N 1   
ALA N   H    sing N N 2   
ALA N   H2   sing N N 3   
ALA CA  C    sing N N 4   
ALA CA  CB   sing N N 5   
ALA CA  HA   sing N N 6   
ALA C   O    doub N N 7   
ALA C   OXT  sing N N 8   
ALA CB  HB1  sing N N 9   
ALA CB  HB2  sing N N 10  
ALA CB  HB3  sing N N 11  
ALA OXT HXT  sing N N 12  
ARG N   CA   sing N N 13  
ARG N   H    sing N N 14  
ARG N   H2   sing N N 15  
ARG CA  C    sing N N 16  
ARG CA  CB   sing N N 17  
ARG CA  HA   sing N N 18  
ARG C   O    doub N N 19  
ARG C   OXT  sing N N 20  
ARG CB  CG   sing N N 21  
ARG CB  HB2  sing N N 22  
ARG CB  HB3  sing N N 23  
ARG CG  CD   sing N N 24  
ARG CG  HG2  sing N N 25  
ARG CG  HG3  sing N N 26  
ARG CD  NE   sing N N 27  
ARG CD  HD2  sing N N 28  
ARG CD  HD3  sing N N 29  
ARG NE  CZ   sing N N 30  
ARG NE  HE   sing N N 31  
ARG CZ  NH1  sing N N 32  
ARG CZ  NH2  doub N N 33  
ARG NH1 HH11 sing N N 34  
ARG NH1 HH12 sing N N 35  
ARG NH2 HH21 sing N N 36  
ARG NH2 HH22 sing N N 37  
ARG OXT HXT  sing N N 38  
ASN N   CA   sing N N 39  
ASN N   H    sing N N 40  
ASN N   H2   sing N N 41  
ASN CA  C    sing N N 42  
ASN CA  CB   sing N N 43  
ASN CA  HA   sing N N 44  
ASN C   O    doub N N 45  
ASN C   OXT  sing N N 46  
ASN CB  CG   sing N N 47  
ASN CB  HB2  sing N N 48  
ASN CB  HB3  sing N N 49  
ASN CG  OD1  doub N N 50  
ASN CG  ND2  sing N N 51  
ASN ND2 HD21 sing N N 52  
ASN ND2 HD22 sing N N 53  
ASN OXT HXT  sing N N 54  
ASP N   CA   sing N N 55  
ASP N   H    sing N N 56  
ASP N   H2   sing N N 57  
ASP CA  C    sing N N 58  
ASP CA  CB   sing N N 59  
ASP CA  HA   sing N N 60  
ASP C   O    doub N N 61  
ASP C   OXT  sing N N 62  
ASP CB  CG   sing N N 63  
ASP CB  HB2  sing N N 64  
ASP CB  HB3  sing N N 65  
ASP CG  OD1  doub N N 66  
ASP CG  OD2  sing N N 67  
ASP OD2 HD2  sing N N 68  
ASP OXT HXT  sing N N 69  
GLN N   CA   sing N N 70  
GLN N   H    sing N N 71  
GLN N   H2   sing N N 72  
GLN CA  C    sing N N 73  
GLN CA  CB   sing N N 74  
GLN CA  HA   sing N N 75  
GLN C   O    doub N N 76  
GLN C   OXT  sing N N 77  
GLN CB  CG   sing N N 78  
GLN CB  HB2  sing N N 79  
GLN CB  HB3  sing N N 80  
GLN CG  CD   sing N N 81  
GLN CG  HG2  sing N N 82  
GLN CG  HG3  sing N N 83  
GLN CD  OE1  doub N N 84  
GLN CD  NE2  sing N N 85  
GLN NE2 HE21 sing N N 86  
GLN NE2 HE22 sing N N 87  
GLN OXT HXT  sing N N 88  
GLU N   CA   sing N N 89  
GLU N   H    sing N N 90  
GLU N   H2   sing N N 91  
GLU CA  C    sing N N 92  
GLU CA  CB   sing N N 93  
GLU CA  HA   sing N N 94  
GLU C   O    doub N N 95  
GLU C   OXT  sing N N 96  
GLU CB  CG   sing N N 97  
GLU CB  HB2  sing N N 98  
GLU CB  HB3  sing N N 99  
GLU CG  CD   sing N N 100 
GLU CG  HG2  sing N N 101 
GLU CG  HG3  sing N N 102 
GLU CD  OE1  doub N N 103 
GLU CD  OE2  sing N N 104 
GLU OE2 HE2  sing N N 105 
GLU OXT HXT  sing N N 106 
GLY N   CA   sing N N 107 
GLY N   H    sing N N 108 
GLY N   H2   sing N N 109 
GLY CA  C    sing N N 110 
GLY CA  HA2  sing N N 111 
GLY CA  HA3  sing N N 112 
GLY C   O    doub N N 113 
GLY C   OXT  sing N N 114 
GLY OXT HXT  sing N N 115 
HIS N   CA   sing N N 116 
HIS N   H    sing N N 117 
HIS N   H2   sing N N 118 
HIS CA  C    sing N N 119 
HIS CA  CB   sing N N 120 
HIS CA  HA   sing N N 121 
HIS C   O    doub N N 122 
HIS C   OXT  sing N N 123 
HIS CB  CG   sing N N 124 
HIS CB  HB2  sing N N 125 
HIS CB  HB3  sing N N 126 
HIS CG  ND1  sing Y N 127 
HIS CG  CD2  doub Y N 128 
HIS ND1 CE1  doub Y N 129 
HIS ND1 HD1  sing N N 130 
HIS CD2 NE2  sing Y N 131 
HIS CD2 HD2  sing N N 132 
HIS CE1 NE2  sing Y N 133 
HIS CE1 HE1  sing N N 134 
HIS NE2 HE2  sing N N 135 
HIS OXT HXT  sing N N 136 
HOH O   H1   sing N N 137 
HOH O   H2   sing N N 138 
ILE N   CA   sing N N 139 
ILE N   H    sing N N 140 
ILE N   H2   sing N N 141 
ILE CA  C    sing N N 142 
ILE CA  CB   sing N N 143 
ILE CA  HA   sing N N 144 
ILE C   O    doub N N 145 
ILE C   OXT  sing N N 146 
ILE CB  CG1  sing N N 147 
ILE CB  CG2  sing N N 148 
ILE CB  HB   sing N N 149 
ILE CG1 CD1  sing N N 150 
ILE CG1 HG12 sing N N 151 
ILE CG1 HG13 sing N N 152 
ILE CG2 HG21 sing N N 153 
ILE CG2 HG22 sing N N 154 
ILE CG2 HG23 sing N N 155 
ILE CD1 HD11 sing N N 156 
ILE CD1 HD12 sing N N 157 
ILE CD1 HD13 sing N N 158 
ILE OXT HXT  sing N N 159 
LEU N   CA   sing N N 160 
LEU N   H    sing N N 161 
LEU N   H2   sing N N 162 
LEU CA  C    sing N N 163 
LEU CA  CB   sing N N 164 
LEU CA  HA   sing N N 165 
LEU C   O    doub N N 166 
LEU C   OXT  sing N N 167 
LEU CB  CG   sing N N 168 
LEU CB  HB2  sing N N 169 
LEU CB  HB3  sing N N 170 
LEU CG  CD1  sing N N 171 
LEU CG  CD2  sing N N 172 
LEU CG  HG   sing N N 173 
LEU CD1 HD11 sing N N 174 
LEU CD1 HD12 sing N N 175 
LEU CD1 HD13 sing N N 176 
LEU CD2 HD21 sing N N 177 
LEU CD2 HD22 sing N N 178 
LEU CD2 HD23 sing N N 179 
LEU OXT HXT  sing N N 180 
LYS N   CA   sing N N 181 
LYS N   H    sing N N 182 
LYS N   H2   sing N N 183 
LYS CA  C    sing N N 184 
LYS CA  CB   sing N N 185 
LYS CA  HA   sing N N 186 
LYS C   O    doub N N 187 
LYS C   OXT  sing N N 188 
LYS CB  CG   sing N N 189 
LYS CB  HB2  sing N N 190 
LYS CB  HB3  sing N N 191 
LYS CG  CD   sing N N 192 
LYS CG  HG2  sing N N 193 
LYS CG  HG3  sing N N 194 
LYS CD  CE   sing N N 195 
LYS CD  HD2  sing N N 196 
LYS CD  HD3  sing N N 197 
LYS CE  NZ   sing N N 198 
LYS CE  HE2  sing N N 199 
LYS CE  HE3  sing N N 200 
LYS NZ  HZ1  sing N N 201 
LYS NZ  HZ2  sing N N 202 
LYS NZ  HZ3  sing N N 203 
LYS OXT HXT  sing N N 204 
MET N   CA   sing N N 205 
MET N   H    sing N N 206 
MET N   H2   sing N N 207 
MET CA  C    sing N N 208 
MET CA  CB   sing N N 209 
MET CA  HA   sing N N 210 
MET C   O    doub N N 211 
MET C   OXT  sing N N 212 
MET CB  CG   sing N N 213 
MET CB  HB2  sing N N 214 
MET CB  HB3  sing N N 215 
MET CG  SD   sing N N 216 
MET CG  HG2  sing N N 217 
MET CG  HG3  sing N N 218 
MET SD  CE   sing N N 219 
MET CE  HE1  sing N N 220 
MET CE  HE2  sing N N 221 
MET CE  HE3  sing N N 222 
MET OXT HXT  sing N N 223 
MSE N   CA   sing N N 224 
MSE N   H    sing N N 225 
MSE N   H2   sing N N 226 
MSE CA  C    sing N N 227 
MSE CA  CB   sing N N 228 
MSE CA  HA   sing N N 229 
MSE C   O    doub N N 230 
MSE C   OXT  sing N N 231 
MSE OXT HXT  sing N N 232 
MSE CB  CG   sing N N 233 
MSE CB  HB2  sing N N 234 
MSE CB  HB3  sing N N 235 
MSE CG  SE   sing N N 236 
MSE CG  HG2  sing N N 237 
MSE CG  HG3  sing N N 238 
MSE SE  CE   sing N N 239 
MSE CE  HE1  sing N N 240 
MSE CE  HE2  sing N N 241 
MSE CE  HE3  sing N N 242 
PHE N   CA   sing N N 243 
PHE N   H    sing N N 244 
PHE N   H2   sing N N 245 
PHE CA  C    sing N N 246 
PHE CA  CB   sing N N 247 
PHE CA  HA   sing N N 248 
PHE C   O    doub N N 249 
PHE C   OXT  sing N N 250 
PHE CB  CG   sing N N 251 
PHE CB  HB2  sing N N 252 
PHE CB  HB3  sing N N 253 
PHE CG  CD1  doub Y N 254 
PHE CG  CD2  sing Y N 255 
PHE CD1 CE1  sing Y N 256 
PHE CD1 HD1  sing N N 257 
PHE CD2 CE2  doub Y N 258 
PHE CD2 HD2  sing N N 259 
PHE CE1 CZ   doub Y N 260 
PHE CE1 HE1  sing N N 261 
PHE CE2 CZ   sing Y N 262 
PHE CE2 HE2  sing N N 263 
PHE CZ  HZ   sing N N 264 
PHE OXT HXT  sing N N 265 
PRO N   CA   sing N N 266 
PRO N   CD   sing N N 267 
PRO N   H    sing N N 268 
PRO CA  C    sing N N 269 
PRO CA  CB   sing N N 270 
PRO CA  HA   sing N N 271 
PRO C   O    doub N N 272 
PRO C   OXT  sing N N 273 
PRO CB  CG   sing N N 274 
PRO CB  HB2  sing N N 275 
PRO CB  HB3  sing N N 276 
PRO CG  CD   sing N N 277 
PRO CG  HG2  sing N N 278 
PRO CG  HG3  sing N N 279 
PRO CD  HD2  sing N N 280 
PRO CD  HD3  sing N N 281 
PRO OXT HXT  sing N N 282 
SER N   CA   sing N N 283 
SER N   H    sing N N 284 
SER N   H2   sing N N 285 
SER CA  C    sing N N 286 
SER CA  CB   sing N N 287 
SER CA  HA   sing N N 288 
SER C   O    doub N N 289 
SER C   OXT  sing N N 290 
SER CB  OG   sing N N 291 
SER CB  HB2  sing N N 292 
SER CB  HB3  sing N N 293 
SER OG  HG   sing N N 294 
SER OXT HXT  sing N N 295 
THR N   CA   sing N N 296 
THR N   H    sing N N 297 
THR N   H2   sing N N 298 
THR CA  C    sing N N 299 
THR CA  CB   sing N N 300 
THR CA  HA   sing N N 301 
THR C   O    doub N N 302 
THR C   OXT  sing N N 303 
THR CB  OG1  sing N N 304 
THR CB  CG2  sing N N 305 
THR CB  HB   sing N N 306 
THR OG1 HG1  sing N N 307 
THR CG2 HG21 sing N N 308 
THR CG2 HG22 sing N N 309 
THR CG2 HG23 sing N N 310 
THR OXT HXT  sing N N 311 
TRP N   CA   sing N N 312 
TRP N   H    sing N N 313 
TRP N   H2   sing N N 314 
TRP CA  C    sing N N 315 
TRP CA  CB   sing N N 316 
TRP CA  HA   sing N N 317 
TRP C   O    doub N N 318 
TRP C   OXT  sing N N 319 
TRP CB  CG   sing N N 320 
TRP CB  HB2  sing N N 321 
TRP CB  HB3  sing N N 322 
TRP CG  CD1  doub Y N 323 
TRP CG  CD2  sing Y N 324 
TRP CD1 NE1  sing Y N 325 
TRP CD1 HD1  sing N N 326 
TRP CD2 CE2  doub Y N 327 
TRP CD2 CE3  sing Y N 328 
TRP NE1 CE2  sing Y N 329 
TRP NE1 HE1  sing N N 330 
TRP CE2 CZ2  sing Y N 331 
TRP CE3 CZ3  doub Y N 332 
TRP CE3 HE3  sing N N 333 
TRP CZ2 CH2  doub Y N 334 
TRP CZ2 HZ2  sing N N 335 
TRP CZ3 CH2  sing Y N 336 
TRP CZ3 HZ3  sing N N 337 
TRP CH2 HH2  sing N N 338 
TRP OXT HXT  sing N N 339 
TYR N   CA   sing N N 340 
TYR N   H    sing N N 341 
TYR N   H2   sing N N 342 
TYR CA  C    sing N N 343 
TYR CA  CB   sing N N 344 
TYR CA  HA   sing N N 345 
TYR C   O    doub N N 346 
TYR C   OXT  sing N N 347 
TYR CB  CG   sing N N 348 
TYR CB  HB2  sing N N 349 
TYR CB  HB3  sing N N 350 
TYR CG  CD1  doub Y N 351 
TYR CG  CD2  sing Y N 352 
TYR CD1 CE1  sing Y N 353 
TYR CD1 HD1  sing N N 354 
TYR CD2 CE2  doub Y N 355 
TYR CD2 HD2  sing N N 356 
TYR CE1 CZ   doub Y N 357 
TYR CE1 HE1  sing N N 358 
TYR CE2 CZ   sing Y N 359 
TYR CE2 HE2  sing N N 360 
TYR CZ  OH   sing N N 361 
TYR OH  HH   sing N N 362 
TYR OXT HXT  sing N N 363 
VAL N   CA   sing N N 364 
VAL N   H    sing N N 365 
VAL N   H2   sing N N 366 
VAL CA  C    sing N N 367 
VAL CA  CB   sing N N 368 
VAL CA  HA   sing N N 369 
VAL C   O    doub N N 370 
VAL C   OXT  sing N N 371 
VAL CB  CG1  sing N N 372 
VAL CB  CG2  sing N N 373 
VAL CB  HB   sing N N 374 
VAL CG1 HG11 sing N N 375 
VAL CG1 HG12 sing N N 376 
VAL CG1 HG13 sing N N 377 
VAL CG2 HG21 sing N N 378 
VAL CG2 HG22 sing N N 379 
VAL CG2 HG23 sing N N 380 
VAL OXT HXT  sing N N 381 
# 
_atom_sites.entry_id                    2FX0 
_atom_sites.fract_transf_matrix[1][1]   -0.00304066 
_atom_sites.fract_transf_matrix[1][2]   -0.00825348 
_atom_sites.fract_transf_matrix[1][3]   -0.00300947 
_atom_sites.fract_transf_matrix[2][1]   -0.00902891 
_atom_sites.fract_transf_matrix[2][2]   -0.00213130 
_atom_sites.fract_transf_matrix[2][3]   0.00060876 
_atom_sites.fract_transf_matrix[3][1]   -0.00191817 
_atom_sites.fract_transf_matrix[3][2]   0.00486705 
_atom_sites.fract_transf_matrix[3][3]   -0.01140987 
_atom_sites.fract_transf_vector[1]      0.581890 
_atom_sites.fract_transf_vector[2]      0.579147 
_atom_sites.fract_transf_vector[3]      0.830970 
# 
loop_
_atom_type.symbol 
C  
N  
O  
SE 
# 
loop_
_atom_site.group_PDB 
_atom_site.id 
_atom_site.type_symbol 
_atom_site.label_atom_id 
_atom_site.label_alt_id 
_atom_site.label_comp_id 
_atom_site.label_asym_id 
_atom_site.label_entity_id 
_atom_site.label_seq_id 
_atom_site.pdbx_PDB_ins_code 
_atom_site.Cartn_x 
_atom_site.Cartn_y 
_atom_site.Cartn_z 
_atom_site.occupancy 
_atom_site.B_iso_or_equiv 
_atom_site.pdbx_formal_charge 
_atom_site.auth_seq_id 
_atom_site.auth_comp_id 
_atom_site.auth_asym_id 
_atom_site.auth_atom_id 
_atom_site.pdbx_PDB_model_num 
ATOM   1    N  N   . SER A 1 4   ? -25.664 3.202   14.899  1.00 43.67 ? 4   SER A N   1 
ATOM   2    C  CA  . SER A 1 4   ? -24.715 2.875   16.007  1.00 44.00 ? 4   SER A CA  1 
ATOM   3    C  C   . SER A 1 4   ? -23.392 3.568   15.788  1.00 43.78 ? 4   SER A C   1 
ATOM   4    O  O   . SER A 1 4   ? -23.007 3.807   14.640  1.00 45.17 ? 4   SER A O   1 
ATOM   5    C  CB  . SER A 1 4   ? -24.451 1.372   16.077  1.00 43.45 ? 4   SER A CB  1 
ATOM   6    O  OG  . SER A 1 4   ? -23.510 0.994   15.085  1.00 41.14 ? 4   SER A OG  1 
ATOM   7    N  N   . ARG A 1 5   ? -22.684 3.851   16.884  1.00 43.13 ? 5   ARG A N   1 
ATOM   8    C  CA  . ARG A 1 5   ? -21.388 4.513   16.820  1.00 41.40 ? 5   ARG A CA  1 
ATOM   9    C  C   . ARG A 1 5   ? -20.427 3.793   15.858  1.00 41.88 ? 5   ARG A C   1 
ATOM   10   O  O   . ARG A 1 5   ? -19.765 4.445   15.067  1.00 43.63 ? 5   ARG A O   1 
ATOM   11   C  CB  . ARG A 1 5   ? -20.783 4.695   18.222  1.00 40.99 ? 5   ARG A CB  1 
ATOM   12   C  CG  . ARG A 1 5   ? -19.256 4.890   18.236  1.00 40.61 ? 5   ARG A CG  1 
ATOM   13   C  CD  . ARG A 1 5   ? -18.709 5.437   19.568  1.00 41.14 ? 5   ARG A CD  1 
ATOM   14   N  NE  . ARG A 1 5   ? -17.259 5.694   19.507  1.00 30.69 ? 5   ARG A NE  1 
ATOM   15   C  CZ  . ARG A 1 5   ? -16.512 5.995   20.568  1.00 37.68 ? 5   ARG A CZ  1 
ATOM   16   N  NH1 . ARG A 1 5   ? -17.068 6.078   21.772  1.00 35.41 ? 5   ARG A NH1 1 
ATOM   17   N  NH2 . ARG A 1 5   ? -15.204 6.209   20.431  1.00 41.48 ? 5   ARG A NH2 1 
ATOM   18   N  N   . GLU A 1 6   ? -20.376 2.463   15.901  1.00 43.09 ? 6   GLU A N   1 
ATOM   19   C  CA  . GLU A 1 6   ? -19.468 1.696   15.029  1.00 43.29 ? 6   GLU A CA  1 
ATOM   20   C  C   . GLU A 1 6   ? -19.794 1.858   13.543  1.00 43.92 ? 6   GLU A C   1 
ATOM   21   O  O   . GLU A 1 6   ? -18.890 2.073   12.743  1.00 44.03 ? 6   GLU A O   1 
ATOM   22   C  CB  . GLU A 1 6   ? -19.438 0.207   15.422  1.00 43.35 ? 6   GLU A CB  1 
ATOM   23   C  CG  . GLU A 1 6   ? -18.556 -0.729  14.538  1.00 45.57 ? 6   GLU A CG  1 
ATOM   24   C  CD  . GLU A 1 6   ? -17.109 -0.221  14.325  1.00 63.02 ? 6   GLU A CD  1 
ATOM   25   O  OE1 . GLU A 1 6   ? -16.511 0.376   15.257  1.00 64.89 ? 6   GLU A OE1 1 
ATOM   26   O  OE2 . GLU A 1 6   ? -16.567 -0.428  13.211  1.00 61.00 ? 6   GLU A OE2 1 
ATOM   27   N  N   . GLN A 1 7   ? -21.075 1.758   13.180  1.00 43.51 ? 7   GLN A N   1 
ATOM   28   C  CA  . GLN A 1 7   ? -21.498 1.902   11.783  1.00 43.90 ? 7   GLN A CA  1 
ATOM   29   C  C   . GLN A 1 7   ? -21.154 3.284   11.272  1.00 44.09 ? 7   GLN A C   1 
ATOM   30   O  O   . GLN A 1 7   ? -20.597 3.432   10.182  1.00 44.38 ? 7   GLN A O   1 
ATOM   31   C  CB  . GLN A 1 7   ? -22.999 1.650   11.622  1.00 43.36 ? 7   GLN A CB  1 
ATOM   32   C  CG  . GLN A 1 7   ? -23.416 0.184   11.720  1.00 48.47 ? 7   GLN A CG  1 
ATOM   33   C  CD  . GLN A 1 7   ? -24.873 0.005   12.179  1.00 61.43 ? 7   GLN A CD  1 
ATOM   34   O  OE1 . GLN A 1 7   ? -25.522 -0.989  11.850  1.00 60.92 ? 7   GLN A OE1 1 
ATOM   35   N  NE2 . GLN A 1 7   ? -25.384 0.969   12.941  1.00 63.18 ? 7   GLN A NE2 1 
ATOM   36   N  N   . THR A 1 8   ? -21.486 4.299   12.071  1.00 44.47 ? 8   THR A N   1 
ATOM   37   C  CA  . THR A 1 8   ? -21.171 5.678   11.737  1.00 43.42 ? 8   THR A CA  1 
ATOM   38   C  C   . THR A 1 8   ? -19.677 5.816   11.476  1.00 43.79 ? 8   THR A C   1 
ATOM   39   O  O   . THR A 1 8   ? -19.279 6.426   10.488  1.00 45.66 ? 8   THR A O   1 
ATOM   40   C  CB  . THR A 1 8   ? -21.617 6.651   12.858  1.00 43.97 ? 8   THR A CB  1 
ATOM   41   O  OG1 . THR A 1 8   ? -23.031 6.525   13.076  1.00 41.79 ? 8   THR A OG1 1 
ATOM   42   C  CG2 . THR A 1 8   ? -21.293 8.102   12.482  1.00 41.93 ? 8   THR A CG2 1 
HETATM 43   N  N   . MSE A 1 9   ? -18.867 5.223   12.349  1.00 43.03 ? 9   MSE A N   1 
HETATM 44   C  CA  . MSE A 1 9   ? -17.410 5.274   12.248  1.00 45.11 ? 9   MSE A CA  1 
HETATM 45   C  C   . MSE A 1 9   ? -16.902 4.633   10.958  1.00 45.71 ? 9   MSE A C   1 
HETATM 46   O  O   . MSE A 1 9   ? -15.862 5.037   10.438  1.00 46.07 ? 9   MSE A O   1 
HETATM 47   C  CB  . MSE A 1 9   ? -16.749 4.605   13.467  1.00 44.93 ? 9   MSE A CB  1 
HETATM 48   C  CG  . MSE A 1 9   ? -16.781 5.439   14.748  1.00 42.30 ? 9   MSE A CG  1 
HETATM 49   SE SE  . MSE A 1 9   ? -16.106 4.466   16.296  1.00 46.86 ? 9   MSE A SE  1 
HETATM 50   C  CE  . MSE A 1 9   ? -14.230 4.473   15.889  1.00 38.20 ? 9   MSE A CE  1 
ATOM   51   N  N   . GLU A 1 10  ? -17.635 3.633   10.468  1.00 45.31 ? 10  GLU A N   1 
ATOM   52   C  CA  . GLU A 1 10  ? -17.348 2.981   9.194   1.00 47.87 ? 10  GLU A CA  1 
ATOM   53   C  C   . GLU A 1 10  ? -17.639 3.920   8.029   1.00 47.25 ? 10  GLU A C   1 
ATOM   54   O  O   . GLU A 1 10  ? -16.900 3.936   7.045   1.00 47.73 ? 10  GLU A O   1 
ATOM   55   C  CB  . GLU A 1 10  ? -18.146 1.679   9.042   1.00 45.73 ? 10  GLU A CB  1 
ATOM   56   C  CG  . GLU A 1 10  ? -17.484 0.465   9.698   1.00 50.39 ? 10  GLU A CG  1 
ATOM   57   C  CD  . GLU A 1 10  ? -18.457 -0.680  10.009  1.00 53.89 ? 10  GLU A CD  1 
ATOM   58   O  OE1 . GLU A 1 10  ? -19.685 -0.533  9.793   1.00 65.92 ? 10  GLU A OE1 1 
ATOM   59   O  OE2 . GLU A 1 10  ? -17.991 -1.738  10.487  1.00 62.14 ? 10  GLU A OE2 1 
ATOM   60   N  N   . ASN A 1 11  ? -18.707 4.704   8.144   1.00 46.98 ? 11  ASN A N   1 
ATOM   61   C  CA  . ASN A 1 11  ? -19.028 5.694   7.124   1.00 47.35 ? 11  ASN A CA  1 
ATOM   62   C  C   . ASN A 1 11  ? -17.996 6.816   7.096   1.00 46.89 ? 11  ASN A C   1 
ATOM   63   O  O   . ASN A 1 11  ? -17.563 7.224   6.036   1.00 49.02 ? 11  ASN A O   1 
ATOM   64   C  CB  . ASN A 1 11  ? -20.441 6.246   7.324   1.00 46.62 ? 11  ASN A CB  1 
ATOM   65   C  CG  . ASN A 1 11  ? -21.509 5.156   7.307   1.00 50.44 ? 11  ASN A CG  1 
ATOM   66   O  OD1 . ASN A 1 11  ? -21.349 4.107   6.672   1.00 56.08 ? 11  ASN A OD1 1 
ATOM   67   N  ND2 . ASN A 1 11  ? -22.609 5.405   8.012   1.00 54.20 ? 11  ASN A ND2 1 
ATOM   68   N  N   . ILE A 1 12  ? -17.591 7.286   8.270   1.00 47.60 ? 12  ILE A N   1 
ATOM   69   C  CA  . ILE A 1 12  ? -16.531 8.285   8.414   1.00 46.88 ? 12  ILE A CA  1 
ATOM   70   C  C   . ILE A 1 12  ? -15.188 7.799   7.840   1.00 47.72 ? 12  ILE A C   1 
ATOM   71   O  O   . ILE A 1 12  ? -14.504 8.542   7.123   1.00 49.44 ? 12  ILE A O   1 
ATOM   72   C  CB  . ILE A 1 12  ? -16.374 8.713   9.902   1.00 47.97 ? 12  ILE A CB  1 
ATOM   73   C  CG1 . ILE A 1 12  ? -17.623 9.479   10.374  1.00 45.64 ? 12  ILE A CG1 1 
ATOM   74   C  CG2 . ILE A 1 12  ? -15.110 9.555   10.107  1.00 48.01 ? 12  ILE A CG2 1 
ATOM   75   C  CD1 . ILE A 1 12  ? -17.734 9.665   11.915  1.00 46.06 ? 12  ILE A CD1 1 
ATOM   76   N  N   . LEU A 1 13  ? -14.821 6.556   8.129   1.00 46.52 ? 13  LEU A N   1 
ATOM   77   C  CA  . LEU A 1 13  ? -13.590 5.993   7.585   1.00 46.72 ? 13  LEU A CA  1 
ATOM   78   C  C   . LEU A 1 13  ? -13.573 5.966   6.061   1.00 46.15 ? 13  LEU A C   1 
ATOM   79   O  O   . LEU A 1 13  ? -12.571 6.343   5.444   1.00 46.59 ? 13  LEU A O   1 
ATOM   80   C  CB  . LEU A 1 13  ? -13.327 4.596   8.146   1.00 47.01 ? 13  LEU A CB  1 
ATOM   81   C  CG  . LEU A 1 13  ? -12.672 4.672   9.522   1.00 51.10 ? 13  LEU A CG  1 
ATOM   82   C  CD1 . LEU A 1 13  ? -12.763 3.343   10.251  1.00 55.25 ? 13  LEU A CD1 1 
ATOM   83   C  CD2 . LEU A 1 13  ? -11.239 5.147   9.396   1.00 50.06 ? 13  LEU A CD2 1 
ATOM   84   N  N   . LYS A 1 14  ? -14.682 5.528   5.468   1.00 45.00 ? 14  LYS A N   1 
ATOM   85   C  CA  . LYS A 1 14  ? -14.845 5.520   4.018   1.00 44.48 ? 14  LYS A CA  1 
ATOM   86   C  C   . LYS A 1 14  ? -14.679 6.930   3.440   1.00 44.52 ? 14  LYS A C   1 
ATOM   87   O  O   . LYS A 1 14  ? -13.964 7.105   2.463   1.00 44.07 ? 14  LYS A O   1 
ATOM   88   C  CB  . LYS A 1 14  ? -16.207 4.943   3.642   1.00 44.41 ? 14  LYS A CB  1 
ATOM   89   C  CG  . LYS A 1 14  ? -16.401 4.734   2.152   1.00 47.58 ? 14  LYS A CG  1 
ATOM   90   C  CD  . LYS A 1 14  ? -17.759 4.132   1.855   1.00 54.28 ? 14  LYS A CD  1 
ATOM   91   C  CE  . LYS A 1 14  ? -17.996 4.079   0.349   1.00 63.72 ? 14  LYS A CE  1 
ATOM   92   N  NZ  . LYS A 1 14  ? -19.448 4.015   0.003   1.00 64.37 ? 14  LYS A NZ  1 
ATOM   93   N  N   . ALA A 1 15  ? -15.339 7.920   4.051   1.00 44.28 ? 15  ALA A N   1 
ATOM   94   C  CA  . ALA A 1 15  ? -15.184 9.331   3.687   1.00 43.46 ? 15  ALA A CA  1 
ATOM   95   C  C   . ALA A 1 15  ? -13.730 9.795   3.844   1.00 44.24 ? 15  ALA A C   1 
ATOM   96   O  O   . ALA A 1 15  ? -13.222 10.559  3.019   1.00 45.80 ? 15  ALA A O   1 
ATOM   97   C  CB  . ALA A 1 15  ? -16.100 10.197  4.543   1.00 42.17 ? 15  ALA A CB  1 
ATOM   98   N  N   . ALA A 1 16  ? -13.072 9.325   4.904   1.00 43.14 ? 16  ALA A N   1 
ATOM   99   C  CA  . ALA A 1 16  ? -11.699 9.723   5.220   1.00 43.61 ? 16  ALA A CA  1 
ATOM   100  C  C   . ALA A 1 16  ? -10.663 9.141   4.248   1.00 44.99 ? 16  ALA A C   1 
ATOM   101  O  O   . ALA A 1 16  ? -9.708  9.820   3.871   1.00 44.06 ? 16  ALA A O   1 
ATOM   102  C  CB  . ALA A 1 16  ? -11.352 9.354   6.663   1.00 41.51 ? 16  ALA A CB  1 
ATOM   103  N  N   . LYS A 1 17  ? -10.850 7.886   3.858   1.00 46.06 ? 17  LYS A N   1 
ATOM   104  C  CA  . LYS A 1 17  ? -10.025 7.275   2.834   1.00 46.56 ? 17  LYS A CA  1 
ATOM   105  C  C   . LYS A 1 17  ? -10.046 8.147   1.579   1.00 47.74 ? 17  LYS A C   1 
ATOM   106  O  O   . LYS A 1 17  ? -9.000  8.405   0.971   1.00 47.61 ? 17  LYS A O   1 
ATOM   107  C  CB  . LYS A 1 17  ? -10.514 5.851   2.537   1.00 46.37 ? 17  LYS A CB  1 
ATOM   108  C  CG  . LYS A 1 17  ? -9.912  5.197   1.283   1.00 46.09 ? 17  LYS A CG  1 
ATOM   109  C  CD  . LYS A 1 17  ? -10.348 3.747   1.162   1.00 46.24 ? 17  LYS A CD  1 
ATOM   110  C  CE  . LYS A 1 17  ? -10.932 3.456   -0.206  1.00 56.12 ? 17  LYS A CE  1 
ATOM   111  N  NZ  . LYS A 1 17  ? -10.944 1.993   -0.528  1.00 62.64 ? 17  LYS A NZ  1 
ATOM   112  N  N   . LYS A 1 18  ? -11.243 8.607   1.217   1.00 47.67 ? 18  LYS A N   1 
ATOM   113  C  CA  . LYS A 1 18  ? -11.462 9.401   0.010   1.00 48.09 ? 18  LYS A CA  1 
ATOM   114  C  C   . LYS A 1 18  ? -10.764 10.760  0.080   1.00 47.65 ? 18  LYS A C   1 
ATOM   115  O  O   . LYS A 1 18  ? -10.014 11.119  -0.826  1.00 50.47 ? 18  LYS A O   1 
ATOM   116  C  CB  . LYS A 1 18  ? -12.964 9.582   -0.227  1.00 47.95 ? 18  LYS A CB  1 
ATOM   117  C  CG  . LYS A 1 18  ? -13.327 10.385  -1.464  1.00 48.64 ? 18  LYS A CG  1 
ATOM   118  C  CD  . LYS A 1 18  ? -14.840 10.517  -1.607  1.00 50.80 ? 18  LYS A CD  1 
ATOM   119  C  CE  . LYS A 1 18  ? -15.247 10.999  -3.000  1.00 58.15 ? 18  LYS A CE  1 
ATOM   120  N  NZ  . LYS A 1 18  ? -15.230 12.490  -3.119  1.00 64.96 ? 18  LYS A NZ  1 
ATOM   121  N  N   . LYS A 1 19  ? -11.008 11.510  1.150   1.00 46.71 ? 19  LYS A N   1 
ATOM   122  C  CA  . LYS A 1 19  ? -10.491 12.867  1.266   1.00 45.66 ? 19  LYS A CA  1 
ATOM   123  C  C   . LYS A 1 19  ? -8.981  12.901  1.496   1.00 47.79 ? 19  LYS A C   1 
ATOM   124  O  O   . LYS A 1 19  ? -8.287  13.769  0.946   1.00 48.09 ? 19  LYS A O   1 
ATOM   125  C  CB  . LYS A 1 19  ? -11.235 13.636  2.359   1.00 45.59 ? 19  LYS A CB  1 
ATOM   126  C  CG  . LYS A 1 19  ? -12.740 13.839  2.077   1.00 42.97 ? 19  LYS A CG  1 
ATOM   127  C  CD  . LYS A 1 19  ? -12.956 15.016  1.141   1.00 44.74 ? 19  LYS A CD  1 
ATOM   128  C  CE  . LYS A 1 19  ? -14.249 14.901  0.350   1.00 49.32 ? 19  LYS A CE  1 
ATOM   129  N  NZ  . LYS A 1 19  ? -14.239 15.807  -0.846  1.00 52.37 ? 19  LYS A NZ  1 
ATOM   130  N  N   . PHE A 1 20  ? -8.484  11.950  2.294   1.00 48.07 ? 20  PHE A N   1 
ATOM   131  C  CA  . PHE A 1 20  ? -7.063  11.831  2.583   1.00 49.12 ? 20  PHE A CA  1 
ATOM   132  C  C   . PHE A 1 20  ? -6.339  11.410  1.330   1.00 50.38 ? 20  PHE A C   1 
ATOM   133  O  O   . PHE A 1 20  ? -5.256  11.908  1.044   1.00 51.45 ? 20  PHE A O   1 
ATOM   134  C  CB  . PHE A 1 20  ? -6.786  10.814  3.698   1.00 48.32 ? 20  PHE A CB  1 
ATOM   135  C  CG  . PHE A 1 20  ? -6.937  11.370  5.096   1.00 48.77 ? 20  PHE A CG  1 
ATOM   136  C  CD1 . PHE A 1 20  ? -6.270  12.534  5.480   1.00 44.86 ? 20  PHE A CD1 1 
ATOM   137  C  CD2 . PHE A 1 20  ? -7.722  10.710  6.040   1.00 48.74 ? 20  PHE A CD2 1 
ATOM   138  C  CE1 . PHE A 1 20  ? -6.392  13.029  6.778   1.00 46.52 ? 20  PHE A CE1 1 
ATOM   139  C  CE2 . PHE A 1 20  ? -7.846  11.198  7.346   1.00 40.54 ? 20  PHE A CE2 1 
ATOM   140  C  CZ  . PHE A 1 20  ? -7.182  12.353  7.714   1.00 42.00 ? 20  PHE A CZ  1 
ATOM   141  N  N   . GLY A 1 21  ? -6.952  10.490  0.588   1.00 51.61 ? 21  GLY A N   1 
ATOM   142  C  CA  . GLY A 1 21  ? -6.448  10.076  -0.708  1.00 51.60 ? 21  GLY A CA  1 
ATOM   143  C  C   . GLY A 1 21  ? -6.374  11.245  -1.674  1.00 53.43 ? 21  GLY A C   1 
ATOM   144  O  O   . GLY A 1 21  ? -5.452  11.324  -2.472  1.00 54.90 ? 21  GLY A O   1 
ATOM   145  N  N   . GLU A 1 22  ? -7.338  12.157  -1.599  1.00 53.71 ? 22  GLU A N   1 
ATOM   146  C  CA  . GLU A 1 22  ? -7.350  13.333  -2.475  1.00 54.76 ? 22  GLU A CA  1 
ATOM   147  C  C   . GLU A 1 22  ? -6.299  14.381  -2.098  1.00 54.15 ? 22  GLU A C   1 
ATOM   148  O  O   . GLU A 1 22  ? -5.528  14.812  -2.946  1.00 54.94 ? 22  GLU A O   1 
ATOM   149  C  CB  . GLU A 1 22  ? -8.750  13.983  -2.508  1.00 54.57 ? 22  GLU A CB  1 
ATOM   150  C  CG  . GLU A 1 22  ? -9.785  13.220  -3.338  1.00 54.27 ? 22  GLU A CG  1 
ATOM   151  C  CD  . GLU A 1 22  ? -11.219 13.727  -3.167  1.00 55.70 ? 22  GLU A CD  1 
ATOM   152  O  OE1 . GLU A 1 22  ? -11.481 14.646  -2.351  1.00 54.16 ? 22  GLU A OE1 1 
ATOM   153  O  OE2 . GLU A 1 22  ? -12.099 13.185  -3.866  1.00 60.30 ? 22  GLU A OE2 1 
ATOM   154  N  N   . ARG A 1 23  ? -6.274  14.778  -0.827  1.00 54.17 ? 23  ARG A N   1 
ATOM   155  C  CA  . ARG A 1 23  ? -5.544  15.973  -0.389  1.00 54.13 ? 23  ARG A CA  1 
ATOM   156  C  C   . ARG A 1 23  ? -4.316  15.722  0.492   1.00 53.86 ? 23  ARG A C   1 
ATOM   157  O  O   . ARG A 1 23  ? -3.582  16.658  0.810   1.00 54.15 ? 23  ARG A O   1 
ATOM   158  C  CB  . ARG A 1 23  ? -6.494  16.918  0.355   1.00 53.63 ? 23  ARG A CB  1 
ATOM   159  C  CG  . ARG A 1 23  ? -7.302  17.845  -0.528  1.00 52.84 ? 23  ARG A CG  1 
ATOM   160  C  CD  . ARG A 1 23  ? -8.271  18.680  0.317   1.00 56.76 ? 23  ARG A CD  1 
ATOM   161  N  NE  . ARG A 1 23  ? -9.037  19.632  -0.487  1.00 61.49 ? 23  ARG A NE  1 
ATOM   162  C  CZ  . ARG A 1 23  ? -10.041 19.291  -1.289  1.00 67.98 ? 23  ARG A CZ  1 
ATOM   163  N  NH1 . ARG A 1 23  ? -10.409 18.018  -1.399  1.00 73.22 ? 23  ARG A NH1 1 
ATOM   164  N  NH2 . ARG A 1 23  ? -10.678 20.219  -1.988  1.00 73.47 ? 23  ARG A NH2 1 
ATOM   165  N  N   . GLY A 1 24  ? -4.103  14.476  0.902   1.00 54.21 ? 24  GLY A N   1 
ATOM   166  C  CA  . GLY A 1 24  ? -3.040  14.156  1.854   1.00 53.46 ? 24  GLY A CA  1 
ATOM   167  C  C   . GLY A 1 24  ? -3.414  14.543  3.272   1.00 53.70 ? 24  GLY A C   1 
ATOM   168  O  O   . GLY A 1 24  ? -4.392  15.263  3.486   1.00 55.16 ? 24  GLY A O   1 
ATOM   169  N  N   . TYR A 1 25  ? -2.631  14.071  4.238   1.00 52.50 ? 25  TYR A N   1 
ATOM   170  C  CA  . TYR A 1 25  ? -2.916  14.293  5.647   1.00 52.86 ? 25  TYR A CA  1 
ATOM   171  C  C   . TYR A 1 25  ? -3.080  15.773  5.999   1.00 53.83 ? 25  TYR A C   1 
ATOM   172  O  O   . TYR A 1 25  ? -4.142  16.206  6.485   1.00 53.96 ? 25  TYR A O   1 
ATOM   173  C  CB  . TYR A 1 25  ? -1.840  13.650  6.537   1.00 52.96 ? 25  TYR A CB  1 
ATOM   174  C  CG  . TYR A 1 25  ? -2.086  13.887  8.009   1.00 52.27 ? 25  TYR A CG  1 
ATOM   175  C  CD1 . TYR A 1 25  ? -3.039  13.142  8.708   1.00 44.95 ? 25  TYR A CD1 1 
ATOM   176  C  CD2 . TYR A 1 25  ? -1.397  14.887  8.693   1.00 51.32 ? 25  TYR A CD2 1 
ATOM   177  C  CE1 . TYR A 1 25  ? -3.275  13.372  10.052  1.00 43.08 ? 25  TYR A CE1 1 
ATOM   178  C  CE2 . TYR A 1 25  ? -1.637  15.128  10.040  1.00 47.36 ? 25  TYR A CE2 1 
ATOM   179  C  CZ  . TYR A 1 25  ? -2.571  14.370  10.707  1.00 47.17 ? 25  TYR A CZ  1 
ATOM   180  O  OH  . TYR A 1 25  ? -2.788  14.618  12.039  1.00 52.38 ? 25  TYR A OH  1 
ATOM   181  N  N   . GLU A 1 26  ? -2.026  16.538  5.748   1.00 53.88 ? 26  GLU A N   1 
ATOM   182  C  CA  . GLU A 1 26  ? -1.981  17.949  6.116   1.00 55.80 ? 26  GLU A CA  1 
ATOM   183  C  C   . GLU A 1 26  ? -2.916  18.802  5.255   1.00 55.39 ? 26  GLU A C   1 
ATOM   184  O  O   . GLU A 1 26  ? -3.308  19.899  5.665   1.00 55.57 ? 26  GLU A O   1 
ATOM   185  C  CB  . GLU A 1 26  ? -0.537  18.481  6.095   1.00 54.04 ? 26  GLU A CB  1 
ATOM   186  C  CG  . GLU A 1 26  ? 0.256   18.103  4.847   1.00 61.50 ? 26  GLU A CG  1 
ATOM   187  C  CD  . GLU A 1 26  ? 0.667   16.634  4.806   1.00 67.10 ? 26  GLU A CD  1 
ATOM   188  O  OE1 . GLU A 1 26  ? 0.534   16.000  3.730   1.00 66.24 ? 26  GLU A OE1 1 
ATOM   189  O  OE2 . GLU A 1 26  ? 1.122   16.113  5.849   1.00 77.05 ? 26  GLU A OE2 1 
ATOM   190  N  N   . GLY A 1 27  ? -3.297  18.275  4.089   1.00 55.05 ? 27  GLY A N   1 
ATOM   191  C  CA  . GLY A 1 27  ? -4.244  18.945  3.193   1.00 54.59 ? 27  GLY A CA  1 
ATOM   192  C  C   . GLY A 1 27  ? -5.731  18.788  3.503   1.00 54.75 ? 27  GLY A C   1 
ATOM   193  O  O   . GLY A 1 27  ? -6.553  19.572  3.014   1.00 53.86 ? 27  GLY A O   1 
ATOM   194  N  N   . THR A 1 28  ? -6.070  17.782  4.312   1.00 54.59 ? 28  THR A N   1 
ATOM   195  C  CA  . THR A 1 28  ? -7.465  17.456  4.655   1.00 54.29 ? 28  THR A CA  1 
ATOM   196  C  C   . THR A 1 28  ? -7.824  17.897  6.076   1.00 53.96 ? 28  THR A C   1 
ATOM   197  O  O   . THR A 1 28  ? -7.053  17.706  7.012   1.00 54.75 ? 28  THR A O   1 
ATOM   198  C  CB  . THR A 1 28  ? -7.733  15.928  4.556   1.00 53.93 ? 28  THR A CB  1 
ATOM   199  O  OG1 . THR A 1 28  ? -7.220  15.422  3.318   1.00 56.90 ? 28  THR A OG1 1 
ATOM   200  C  CG2 . THR A 1 28  ? -9.209  15.630  4.623   1.00 53.48 ? 28  THR A CG2 1 
ATOM   201  N  N   . SER A 1 29  ? -9.002  18.478  6.236   1.00 53.63 ? 29  SER A N   1 
ATOM   202  C  CA  . SER A 1 29  ? -9.505  18.816  7.557   1.00 52.86 ? 29  SER A CA  1 
ATOM   203  C  C   . SER A 1 29  ? -10.524 17.771  7.996   1.00 52.72 ? 29  SER A C   1 
ATOM   204  O  O   . SER A 1 29  ? -11.151 17.104  7.161   1.00 53.49 ? 29  SER A O   1 
ATOM   205  C  CB  . SER A 1 29  ? -10.156 20.196  7.539   1.00 52.87 ? 29  SER A CB  1 
ATOM   206  O  OG  . SER A 1 29  ? -11.308 20.195  6.713   1.00 51.57 ? 29  SER A OG  1 
ATOM   207  N  N   . ILE A 1 30  ? -10.678 17.630  9.307   1.00 51.67 ? 30  ILE A N   1 
ATOM   208  C  CA  . ILE A 1 30  ? -11.738 16.799  9.882   1.00 51.34 ? 30  ILE A CA  1 
ATOM   209  C  C   . ILE A 1 30  ? -13.127 17.286  9.428   1.00 49.78 ? 30  ILE A C   1 
ATOM   210  O  O   . ILE A 1 30  ? -14.034 16.473  9.253   1.00 48.01 ? 30  ILE A O   1 
ATOM   211  C  CB  . ILE A 1 30  ? -11.590 16.688  11.449  1.00 51.81 ? 30  ILE A CB  1 
ATOM   212  C  CG1 . ILE A 1 30  ? -12.590 15.705  12.049  1.00 54.37 ? 30  ILE A CG1 1 
ATOM   213  C  CG2 . ILE A 1 30  ? -11.678 18.049  12.140  1.00 53.03 ? 30  ILE A CG2 1 
ATOM   214  C  CD1 . ILE A 1 30  ? -12.022 14.319  12.252  1.00 60.73 ? 30  ILE A CD1 1 
ATOM   215  N  N   . GLN A 1 31  ? -13.264 18.600  9.200   1.00 49.31 ? 31  GLN A N   1 
ATOM   216  C  CA  . GLN A 1 31  ? -14.512 19.209  8.700   1.00 50.68 ? 31  GLN A CA  1 
ATOM   217  C  C   . GLN A 1 31  ? -14.921 18.715  7.308   1.00 51.39 ? 31  GLN A C   1 
ATOM   218  O  O   . GLN A 1 31  ? -16.106 18.453  7.072   1.00 51.86 ? 31  GLN A O   1 
ATOM   219  C  CB  . GLN A 1 31  ? -14.454 20.755  8.684   1.00 51.38 ? 31  GLN A CB  1 
ATOM   220  C  CG  . GLN A 1 31  ? -14.045 21.440  9.999   1.00 56.39 ? 31  GLN A CG  1 
ATOM   221  C  CD  . GLN A 1 31  ? -12.529 21.501  10.193  1.00 68.71 ? 31  GLN A CD  1 
ATOM   222  O  OE1 . GLN A 1 31  ? -11.866 20.483  10.447  1.00 66.47 ? 31  GLN A OE1 1 
ATOM   223  N  NE2 . GLN A 1 31  ? -11.974 22.704  10.076  1.00 74.43 ? 31  GLN A NE2 1 
ATOM   224  N  N   . GLU A 1 32  ? -13.952 18.615  6.390   1.00 51.14 ? 32  GLU A N   1 
ATOM   225  C  CA  . GLU A 1 32  ? -14.204 18.115  5.031   1.00 51.87 ? 32  GLU A CA  1 
ATOM   226  C  C   . GLU A 1 32  ? -14.666 16.661  5.077   1.00 50.62 ? 32  GLU A C   1 
ATOM   227  O  O   . GLU A 1 32  ? -15.574 16.264  4.344   1.00 50.97 ? 32  GLU A O   1 
ATOM   228  C  CB  . GLU A 1 32  ? -12.944 18.198  4.170   1.00 51.39 ? 32  GLU A CB  1 
ATOM   229  C  CG  . GLU A 1 32  ? -12.478 19.596  3.842   1.00 54.27 ? 32  GLU A CG  1 
ATOM   230  C  CD  . GLU A 1 32  ? -11.040 19.647  3.312   1.00 56.28 ? 32  GLU A CD  1 
ATOM   231  O  OE1 . GLU A 1 32  ? -10.548 20.772  3.075   1.00 60.52 ? 32  GLU A OE1 1 
ATOM   232  O  OE2 . GLU A 1 32  ? -10.402 18.574  3.136   1.00 66.90 ? 32  GLU A OE2 1 
ATOM   233  N  N   . ILE A 1 33  ? -14.019 15.872  5.934   1.00 49.41 ? 33  ILE A N   1 
ATOM   234  C  CA  . ILE A 1 33  ? -14.365 14.465  6.117   1.00 46.64 ? 33  ILE A CA  1 
ATOM   235  C  C   . ILE A 1 33  ? -15.750 14.359  6.751   1.00 48.97 ? 33  ILE A C   1 
ATOM   236  O  O   . ILE A 1 33  ? -16.569 13.544  6.318   1.00 50.34 ? 33  ILE A O   1 
ATOM   237  C  CB  . ILE A 1 33  ? -13.290 13.729  6.961   1.00 46.29 ? 33  ILE A CB  1 
ATOM   238  C  CG1 . ILE A 1 33  ? -11.955 13.699  6.204   1.00 42.61 ? 33  ILE A CG1 1 
ATOM   239  C  CG2 . ILE A 1 33  ? -13.752 12.314  7.360   1.00 40.76 ? 33  ILE A CG2 1 
ATOM   240  C  CD1 . ILE A 1 33  ? -10.763 13.313  7.081   1.00 43.40 ? 33  ILE A CD1 1 
ATOM   241  N  N   . ALA A 1 34  ? -16.013 15.194  7.760   1.00 49.67 ? 34  ALA A N   1 
ATOM   242  C  CA  . ALA A 1 34  ? -17.321 15.228  8.425   1.00 50.66 ? 34  ALA A CA  1 
ATOM   243  C  C   . ALA A 1 34  ? -18.432 15.576  7.432   1.00 50.76 ? 34  ALA A C   1 
ATOM   244  O  O   . ALA A 1 34  ? -19.474 14.910  7.385   1.00 51.90 ? 34  ALA A O   1 
ATOM   245  C  CB  . ALA A 1 34  ? -17.309 16.207  9.610   1.00 49.31 ? 34  ALA A CB  1 
ATOM   246  N  N   . LYS A 1 35  ? -18.193 16.603  6.625   1.00 50.83 ? 35  LYS A N   1 
ATOM   247  C  CA  . LYS A 1 35  ? -19.125 16.988  5.567   1.00 51.77 ? 35  LYS A CA  1 
ATOM   248  C  C   . LYS A 1 35  ? -19.380 15.817  4.611   1.00 51.22 ? 35  LYS A C   1 
ATOM   249  O  O   . LYS A 1 35  ? -20.527 15.466  4.357   1.00 51.04 ? 35  LYS A O   1 
ATOM   250  C  CB  . LYS A 1 35  ? -18.600 18.207  4.806   1.00 51.62 ? 35  LYS A CB  1 
ATOM   251  C  CG  . LYS A 1 35  ? -19.659 18.932  3.996   1.00 55.19 ? 35  LYS A CG  1 
ATOM   252  C  CD  . LYS A 1 35  ? -19.039 19.920  3.008   1.00 56.50 ? 35  LYS A CD  1 
ATOM   253  C  CE  . LYS A 1 35  ? -20.093 20.486  2.066   1.00 60.04 ? 35  LYS A CE  1 
ATOM   254  N  NZ  . LYS A 1 35  ? -19.517 21.459  1.086   1.00 62.68 ? 35  LYS A NZ  1 
ATOM   255  N  N   . GLU A 1 36  ? -18.303 15.208  4.113   1.00 51.12 ? 36  GLU A N   1 
ATOM   256  C  CA  . GLU A 1 36  ? -18.383 14.061  3.201   1.00 50.39 ? 36  GLU A CA  1 
ATOM   257  C  C   . GLU A 1 36  ? -19.141 12.883  3.820   1.00 50.49 ? 36  GLU A C   1 
ATOM   258  O  O   . GLU A 1 36  ? -19.893 12.199  3.130   1.00 49.97 ? 36  GLU A O   1 
ATOM   259  C  CB  . GLU A 1 36  ? -16.976 13.641  2.757   1.00 49.92 ? 36  GLU A CB  1 
ATOM   260  C  CG  . GLU A 1 36  ? -16.917 12.431  1.815   1.00 54.00 ? 36  GLU A CG  1 
ATOM   261  C  CD  . GLU A 1 36  ? -17.640 12.645  0.481   1.00 60.35 ? 36  GLU A CD  1 
ATOM   262  O  OE1 . GLU A 1 36  ? -17.451 13.712  -0.156  1.00 59.45 ? 36  GLU A OE1 1 
ATOM   263  O  OE2 . GLU A 1 36  ? -18.389 11.732  0.069   1.00 56.02 ? 36  GLU A OE2 1 
ATOM   264  N  N   . ALA A 1 37  ? -18.957 12.673  5.125   1.00 50.72 ? 37  ALA A N   1 
ATOM   265  C  CA  . ALA A 1 37  ? -19.614 11.577  5.859   1.00 50.35 ? 37  ALA A CA  1 
ATOM   266  C  C   . ALA A 1 37  ? -21.045 11.903  6.299   1.00 51.07 ? 37  ALA A C   1 
ATOM   267  O  O   . ALA A 1 37  ? -21.757 11.026  6.813   1.00 52.25 ? 37  ALA A O   1 
ATOM   268  C  CB  . ALA A 1 37  ? -18.775 11.166  7.069   1.00 48.41 ? 37  ALA A CB  1 
ATOM   269  N  N   . LYS A 1 38  ? -21.458 13.158  6.114   1.00 50.62 ? 38  LYS A N   1 
ATOM   270  C  CA  . LYS A 1 38  ? -22.782 13.636  6.562   1.00 49.35 ? 38  LYS A CA  1 
ATOM   271  C  C   . LYS A 1 38  ? -22.976 13.455  8.078   1.00 48.60 ? 38  LYS A C   1 
ATOM   272  O  O   . LYS A 1 38  ? -24.027 12.998  8.542   1.00 47.93 ? 38  LYS A O   1 
ATOM   273  C  CB  . LYS A 1 38  ? -23.918 12.993  5.747   1.00 48.61 ? 38  LYS A CB  1 
ATOM   274  C  CG  . LYS A 1 38  ? -23.885 13.351  4.262   1.00 48.88 ? 38  LYS A CG  1 
ATOM   275  C  CD  . LYS A 1 38  ? -25.010 12.671  3.485   1.00 50.32 ? 38  LYS A CD  1 
ATOM   276  C  CE  . LYS A 1 38  ? -24.947 13.018  2.006   0.01 49.84 ? 38  LYS A CE  1 
ATOM   277  N  NZ  . LYS A 1 38  ? -26.026 12.344  1.232   0.01 49.98 ? 38  LYS A NZ  1 
ATOM   278  N  N   . VAL A 1 39  ? -21.923 13.790  8.823   1.00 47.40 ? 39  VAL A N   1 
ATOM   279  C  CA  . VAL A 1 39  ? -21.944 13.895  10.283  1.00 46.55 ? 39  VAL A CA  1 
ATOM   280  C  C   . VAL A 1 39  ? -21.338 15.252  10.669  1.00 47.35 ? 39  VAL A C   1 
ATOM   281  O  O   . VAL A 1 39  ? -20.767 15.955  9.821   1.00 48.17 ? 39  VAL A O   1 
ATOM   282  C  CB  . VAL A 1 39  ? -21.148 12.742  10.983  1.00 47.02 ? 39  VAL A CB  1 
ATOM   283  C  CG1 . VAL A 1 39  ? -21.559 11.371  10.437  1.00 47.76 ? 39  VAL A CG1 1 
ATOM   284  C  CG2 . VAL A 1 39  ? -19.631 12.941  10.864  1.00 44.27 ? 39  VAL A CG2 1 
ATOM   285  N  N   . ASN A 1 40  ? -21.458 15.631  11.938  1.00 47.62 ? 40  ASN A N   1 
ATOM   286  C  CA  . ASN A 1 40  ? -20.823 16.866  12.395  1.00 47.22 ? 40  ASN A CA  1 
ATOM   287  C  C   . ASN A 1 40  ? -19.426 16.632  12.968  1.00 46.25 ? 40  ASN A C   1 
ATOM   288  O  O   . ASN A 1 40  ? -19.096 15.525  13.388  1.00 47.46 ? 40  ASN A O   1 
ATOM   289  C  CB  . ASN A 1 40  ? -21.729 17.649  13.354  1.00 47.15 ? 40  ASN A CB  1 
ATOM   290  C  CG  . ASN A 1 40  ? -21.819 17.028  14.724  1.00 45.55 ? 40  ASN A CG  1 
ATOM   291  O  OD1 . ASN A 1 40  ? -20.822 16.921  15.434  1.00 44.13 ? 40  ASN A OD1 1 
ATOM   292  N  ND2 . ASN A 1 40  ? -23.032 16.664  15.128  1.00 48.91 ? 40  ASN A ND2 1 
ATOM   293  N  N   . VAL A 1 41  ? -18.618 17.685  12.973  1.00 44.86 ? 41  VAL A N   1 
ATOM   294  C  CA  . VAL A 1 41  ? -17.200 17.591  13.312  1.00 44.52 ? 41  VAL A CA  1 
ATOM   295  C  C   . VAL A 1 41  ? -16.945 17.040  14.723  1.00 43.39 ? 41  VAL A C   1 
ATOM   296  O  O   . VAL A 1 41  ? -16.086 16.164  14.898  1.00 42.51 ? 41  VAL A O   1 
ATOM   297  C  CB  . VAL A 1 41  ? -16.478 18.948  13.098  1.00 45.28 ? 41  VAL A CB  1 
ATOM   298  C  CG1 . VAL A 1 41  ? -15.031 18.875  13.558  1.00 47.62 ? 41  VAL A CG1 1 
ATOM   299  C  CG2 . VAL A 1 41  ? -16.541 19.347  11.626  1.00 47.00 ? 41  VAL A CG2 1 
ATOM   300  N  N   . ALA A 1 42  ? -17.705 17.530  15.705  1.00 41.75 ? 42  ALA A N   1 
ATOM   301  C  CA  . ALA A 1 42  ? -17.539 17.129  17.103  1.00 41.42 ? 42  ALA A CA  1 
ATOM   302  C  C   . ALA A 1 42  ? -17.747 15.630  17.290  1.00 42.08 ? 42  ALA A C   1 
ATOM   303  O  O   . ALA A 1 42  ? -16.981 14.981  18.001  1.00 41.88 ? 42  ALA A O   1 
ATOM   304  C  CB  . ALA A 1 42  ? -18.474 17.917  18.004  1.00 41.85 ? 42  ALA A CB  1 
HETATM 305  N  N   . MSE A 1 43  ? -18.762 15.088  16.625  1.00 40.59 ? 43  MSE A N   1 
HETATM 306  C  CA  . MSE A 1 43  ? -19.019 13.657  16.650  1.00 44.07 ? 43  MSE A CA  1 
HETATM 307  C  C   . MSE A 1 43  ? -17.854 12.875  16.030  1.00 43.71 ? 43  MSE A C   1 
HETATM 308  O  O   . MSE A 1 43  ? -17.324 11.955  16.661  1.00 45.50 ? 43  MSE A O   1 
HETATM 309  C  CB  . MSE A 1 43  ? -20.364 13.352  15.975  1.00 42.19 ? 43  MSE A CB  1 
HETATM 310  C  CG  . MSE A 1 43  ? -20.426 12.052  15.183  0.70 46.69 ? 43  MSE A CG  1 
HETATM 311  SE SE  . MSE A 1 43  ? -22.251 11.420  14.870  0.70 52.82 ? 43  MSE A SE  1 
HETATM 312  C  CE  . MSE A 1 43  ? -23.209 13.262  14.705  1.00 32.60 ? 43  MSE A CE  1 
ATOM   313  N  N   . ALA A 1 44  ? -17.439 13.258  14.818  1.00 43.54 ? 44  ALA A N   1 
ATOM   314  C  CA  . ALA A 1 44  ? -16.295 12.633  14.134  1.00 43.18 ? 44  ALA A CA  1 
ATOM   315  C  C   . ALA A 1 44  ? -15.065 12.642  15.020  1.00 42.48 ? 44  ALA A C   1 
ATOM   316  O  O   . ALA A 1 44  ? -14.428 11.612  15.240  1.00 44.63 ? 44  ALA A O   1 
ATOM   317  C  CB  . ALA A 1 44  ? -15.991 13.353  12.826  1.00 42.82 ? 44  ALA A CB  1 
ATOM   318  N  N   . SER A 1 45  ? -14.756 13.815  15.550  1.00 42.54 ? 45  SER A N   1 
ATOM   319  C  CA  . SER A 1 45  ? -13.583 14.015  16.393  1.00 42.52 ? 45  SER A CA  1 
ATOM   320  C  C   . SER A 1 45  ? -13.645 13.197  17.698  1.00 41.01 ? 45  SER A C   1 
ATOM   321  O  O   . SER A 1 45  ? -12.643 12.629  18.128  1.00 43.96 ? 45  SER A O   1 
ATOM   322  C  CB  . SER A 1 45  ? -13.428 15.504  16.687  1.00 40.33 ? 45  SER A CB  1 
ATOM   323  O  OG  . SER A 1 45  ? -12.342 15.708  17.559  1.00 56.28 ? 45  SER A OG  1 
ATOM   324  N  N   . TYR A 1 46  ? -14.827 13.131  18.302  1.00 38.70 ? 46  TYR A N   1 
ATOM   325  C  CA  . TYR A 1 46  ? -15.072 12.321  19.486  1.00 37.66 ? 46  TYR A CA  1 
ATOM   326  C  C   . TYR A 1 46  ? -14.899 10.829  19.212  1.00 37.86 ? 46  TYR A C   1 
ATOM   327  O  O   . TYR A 1 46  ? -14.283 10.118  20.002  1.00 38.31 ? 46  TYR A O   1 
ATOM   328  C  CB  . TYR A 1 46  ? -16.488 12.575  20.041  1.00 35.73 ? 46  TYR A CB  1 
ATOM   329  C  CG  . TYR A 1 46  ? -16.743 11.875  21.349  1.00 35.72 ? 46  TYR A CG  1 
ATOM   330  C  CD1 . TYR A 1 46  ? -16.510 12.525  22.568  1.00 32.62 ? 46  TYR A CD1 1 
ATOM   331  C  CD2 . TYR A 1 46  ? -17.201 10.554  21.379  1.00 30.55 ? 46  TYR A CD2 1 
ATOM   332  C  CE1 . TYR A 1 46  ? -16.731 11.879  23.781  1.00 33.53 ? 46  TYR A CE1 1 
ATOM   333  C  CE2 . TYR A 1 46  ? -17.429 9.900   22.586  1.00 25.73 ? 46  TYR A CE2 1 
ATOM   334  C  CZ  . TYR A 1 46  ? -17.187 10.561  23.782  1.00 33.35 ? 46  TYR A CZ  1 
ATOM   335  O  OH  . TYR A 1 46  ? -17.420 9.913   24.979  1.00 30.30 ? 46  TYR A OH  1 
ATOM   336  N  N   . TYR A 1 47  ? -15.472 10.346  18.117  1.00 38.32 ? 47  TYR A N   1 
ATOM   337  C  CA  . TYR A 1 47  ? -15.451 8.912   17.820  1.00 39.03 ? 47  TYR A CA  1 
ATOM   338  C  C   . TYR A 1 47  ? -14.035 8.383   17.552  1.00 40.74 ? 47  TYR A C   1 
ATOM   339  O  O   . TYR A 1 47  ? -13.742 7.226   17.835  1.00 42.09 ? 47  TYR A O   1 
ATOM   340  C  CB  . TYR A 1 47  ? -16.315 8.631   16.603  1.00 38.98 ? 47  TYR A CB  1 
ATOM   341  C  CG  . TYR A 1 47  ? -17.807 8.591   16.849  1.00 40.42 ? 47  TYR A CG  1 
ATOM   342  C  CD1 . TYR A 1 47  ? -18.347 8.895   18.098  1.00 38.34 ? 47  TYR A CD1 1 
ATOM   343  C  CD2 . TYR A 1 47  ? -18.679 8.254   15.817  1.00 39.58 ? 47  TYR A CD2 1 
ATOM   344  C  CE1 . TYR A 1 47  ? -19.713 8.853   18.316  1.00 47.04 ? 47  TYR A CE1 1 
ATOM   345  C  CE2 . TYR A 1 47  ? -20.045 8.207   16.019  1.00 49.38 ? 47  TYR A CE2 1 
ATOM   346  C  CZ  . TYR A 1 47  ? -20.558 8.515   17.274  1.00 46.53 ? 47  TYR A CZ  1 
ATOM   347  O  OH  . TYR A 1 47  ? -21.909 8.477   17.481  1.00 47.67 ? 47  TYR A OH  1 
ATOM   348  N  N   . PHE A 1 48  ? -13.163 9.223   17.004  1.00 39.31 ? 48  PHE A N   1 
ATOM   349  C  CA  . PHE A 1 48  ? -11.857 8.747   16.581  1.00 41.48 ? 48  PHE A CA  1 
ATOM   350  C  C   . PHE A 1 48  ? -10.756 9.335   17.414  1.00 42.30 ? 48  PHE A C   1 
ATOM   351  O  O   . PHE A 1 48  ? -9.578  9.020   17.198  1.00 44.35 ? 48  PHE A O   1 
ATOM   352  C  CB  . PHE A 1 48  ? -11.612 9.054   15.092  1.00 38.79 ? 48  PHE A CB  1 
ATOM   353  C  CG  . PHE A 1 48  ? -12.389 8.170   14.180  1.00 38.69 ? 48  PHE A CG  1 
ATOM   354  C  CD1 . PHE A 1 48  ? -13.617 8.578   13.675  1.00 34.76 ? 48  PHE A CD1 1 
ATOM   355  C  CD2 . PHE A 1 48  ? -11.916 6.905   13.855  1.00 38.11 ? 48  PHE A CD2 1 
ATOM   356  C  CE1 . PHE A 1 48  ? -14.346 7.739   12.839  1.00 37.79 ? 48  PHE A CE1 1 
ATOM   357  C  CE2 . PHE A 1 48  ? -12.644 6.065   13.013  1.00 38.62 ? 48  PHE A CE2 1 
ATOM   358  C  CZ  . PHE A 1 48  ? -13.855 6.484   12.504  1.00 32.05 ? 48  PHE A CZ  1 
ATOM   359  N  N   . ASN A 1 49  ? -11.137 10.190  18.355  1.00 42.94 ? 49  ASN A N   1 
ATOM   360  C  CA  . ASN A 1 49  ? -10.169 10.902  19.175  1.00 42.99 ? 49  ASN A CA  1 
ATOM   361  C  C   . ASN A 1 49  ? -9.226  11.739  18.317  1.00 42.41 ? 49  ASN A C   1 
ATOM   362  O  O   . ASN A 1 49  ? -8.007  11.676  18.482  1.00 42.62 ? 49  ASN A O   1 
ATOM   363  C  CB  . ASN A 1 49  ? -9.372  9.929   20.052  1.00 41.09 ? 49  ASN A CB  1 
ATOM   364  C  CG  . ASN A 1 49  ? -8.535  10.640  21.090  1.00 45.84 ? 49  ASN A CG  1 
ATOM   365  O  OD1 . ASN A 1 49  ? -8.922  11.696  21.604  1.00 59.47 ? 49  ASN A OD1 1 
ATOM   366  N  ND2 . ASN A 1 49  ? -7.386  10.061  21.421  1.00 49.01 ? 49  ASN A ND2 1 
ATOM   367  N  N   . GLY A 1 50  ? -9.785  12.493  17.377  1.00 42.13 ? 50  GLY A N   1 
ATOM   368  C  CA  . GLY A 1 50  ? -8.977  13.444  16.613  1.00 42.01 ? 50  GLY A CA  1 
ATOM   369  C  C   . GLY A 1 50  ? -8.568  12.993  15.227  1.00 42.39 ? 50  GLY A C   1 
ATOM   370  O  O   . GLY A 1 50  ? -8.564  11.797  14.912  1.00 43.41 ? 50  GLY A O   1 
ATOM   371  N  N   . LYS A 1 51  ? -8.206  13.974  14.407  1.00 42.06 ? 51  LYS A N   1 
ATOM   372  C  CA  . LYS A 1 51  ? -7.786  13.765  13.021  1.00 41.47 ? 51  LYS A CA  1 
ATOM   373  C  C   . LYS A 1 51  ? -6.632  12.774  12.838  1.00 42.00 ? 51  LYS A C   1 
ATOM   374  O  O   . LYS A 1 51  ? -6.654  11.971  11.897  1.00 42.70 ? 51  LYS A O   1 
ATOM   375  C  CB  . LYS A 1 51  ? -7.403  15.101  12.396  1.00 40.33 ? 51  LYS A CB  1 
ATOM   376  C  CG  . LYS A 1 51  ? -6.958  15.012  10.951  1.00 42.04 ? 51  LYS A CG  1 
ATOM   377  C  CD  . LYS A 1 51  ? -6.226  16.295  10.592  1.00 43.92 ? 51  LYS A CD  1 
ATOM   378  C  CE  . LYS A 1 51  ? -5.765  16.289  9.173   1.00 47.17 ? 51  LYS A CE  1 
ATOM   379  N  NZ  . LYS A 1 51  ? -4.857  17.438  8.922   1.00 48.79 ? 51  LYS A NZ  1 
ATOM   380  N  N   . GLU A 1 52  ? -5.633  12.831  13.718  1.00 40.81 ? 52  GLU A N   1 
ATOM   381  C  CA  . GLU A 1 52  ? -4.452  11.982  13.554  1.00 40.47 ? 52  GLU A CA  1 
ATOM   382  C  C   . GLU A 1 52  ? -4.779  10.505  13.781  1.00 40.80 ? 52  GLU A C   1 
ATOM   383  O  O   . GLU A 1 52  ? -4.345  9.650   13.010  1.00 39.83 ? 52  GLU A O   1 
ATOM   384  C  CB  . GLU A 1 52  ? -3.331  12.414  14.477  1.00 38.47 ? 52  GLU A CB  1 
ATOM   385  C  CG  . GLU A 1 52  ? -1.987  11.850  14.073  1.00 45.32 ? 52  GLU A CG  1 
ATOM   386  C  CD  . GLU A 1 52  ? -0.892  12.228  15.040  1.00 51.38 ? 52  GLU A CD  1 
ATOM   387  O  OE1 . GLU A 1 52  ? -1.024  13.275  15.712  1.00 63.18 ? 52  GLU A OE1 1 
ATOM   388  O  OE2 . GLU A 1 52  ? 0.100   11.479  15.137  1.00 54.50 ? 52  GLU A OE2 1 
ATOM   389  N  N   . ASN A 1 53  ? -5.567  10.214  14.819  1.00 40.49 ? 53  ASN A N   1 
ATOM   390  C  CA  . ASN A 1 53  ? -6.009  8.841   15.055  1.00 41.70 ? 53  ASN A CA  1 
ATOM   391  C  C   . ASN A 1 53  ? -6.932  8.345   13.952  1.00 40.33 ? 53  ASN A C   1 
ATOM   392  O  O   . ASN A 1 53  ? -6.832  7.189   13.536  1.00 39.94 ? 53  ASN A O   1 
ATOM   393  C  CB  . ASN A 1 53  ? -6.668  8.674   16.432  1.00 40.26 ? 53  ASN A CB  1 
ATOM   394  C  CG  . ASN A 1 53  ? -5.662  8.734   17.574  1.00 48.09 ? 53  ASN A CG  1 
ATOM   395  O  OD1 . ASN A 1 53  ? -5.902  9.401   18.592  1.00 54.65 ? 53  ASN A OD1 1 
ATOM   396  N  ND2 . ASN A 1 53  ? -4.526  8.028   17.419  1.00 48.74 ? 53  ASN A ND2 1 
ATOM   397  N  N   . LEU A 1 54  ? -7.825  9.215   13.489  1.00 38.54 ? 54  LEU A N   1 
ATOM   398  C  CA  . LEU A 1 54  ? -8.678  8.883   12.358  1.00 39.77 ? 54  LEU A CA  1 
ATOM   399  C  C   . LEU A 1 54  ? -7.842  8.426   11.148  1.00 39.72 ? 54  LEU A C   1 
ATOM   400  O  O   . LEU A 1 54  ? -8.163  7.431   10.512  1.00 39.85 ? 54  LEU A O   1 
ATOM   401  C  CB  . LEU A 1 54  ? -9.613  10.058  11.998  1.00 38.32 ? 54  LEU A CB  1 
ATOM   402  C  CG  . LEU A 1 54  ? -10.415 10.009  10.683  1.00 39.43 ? 54  LEU A CG  1 
ATOM   403  C  CD1 . LEU A 1 54  ? -11.266 8.750   10.506  1.00 36.98 ? 54  LEU A CD1 1 
ATOM   404  C  CD2 . LEU A 1 54  ? -11.287 11.256  10.515  1.00 40.62 ? 54  LEU A CD2 1 
ATOM   405  N  N   . TYR A 1 55  ? -6.765  9.148   10.861  1.00 40.98 ? 55  TYR A N   1 
ATOM   406  C  CA  . TYR A 1 55  ? -5.844  8.828   9.775   1.00 41.13 ? 55  TYR A CA  1 
ATOM   407  C  C   . TYR A 1 55  ? -5.235  7.424   9.946   1.00 42.39 ? 55  TYR A C   1 
ATOM   408  O  O   . TYR A 1 55  ? -5.197  6.639   8.994   1.00 42.06 ? 55  TYR A O   1 
ATOM   409  C  CB  . TYR A 1 55  ? -4.750  9.907   9.731   1.00 43.01 ? 55  TYR A CB  1 
ATOM   410  C  CG  . TYR A 1 55  ? -3.805  9.875   8.539   1.00 41.46 ? 55  TYR A CG  1 
ATOM   411  C  CD1 . TYR A 1 55  ? -2.454  9.589   8.710   1.00 43.88 ? 55  TYR A CD1 1 
ATOM   412  C  CD2 . TYR A 1 55  ? -4.258  10.163  7.250   1.00 45.30 ? 55  TYR A CD2 1 
ATOM   413  C  CE1 . TYR A 1 55  ? -1.574  9.568   7.625   1.00 43.57 ? 55  TYR A CE1 1 
ATOM   414  C  CE2 . TYR A 1 55  ? -3.387  10.152  6.157   1.00 43.29 ? 55  TYR A CE2 1 
ATOM   415  C  CZ  . TYR A 1 55  ? -2.050  9.855   6.361   1.00 44.40 ? 55  TYR A CZ  1 
ATOM   416  O  OH  . TYR A 1 55  ? -1.195  9.841   5.298   1.00 49.18 ? 55  TYR A OH  1 
ATOM   417  N  N   . TYR A 1 56  ? -4.779  7.115   11.162  1.00 41.37 ? 56  TYR A N   1 
ATOM   418  C  CA  . TYR A 1 56  ? -4.210  5.813   11.471  1.00 41.88 ? 56  TYR A CA  1 
ATOM   419  C  C   . TYR A 1 56  ? -5.231  4.721   11.260  1.00 43.28 ? 56  TYR A C   1 
ATOM   420  O  O   . TYR A 1 56  ? -4.894  3.634   10.769  1.00 42.37 ? 56  TYR A O   1 
ATOM   421  C  CB  . TYR A 1 56  ? -3.650  5.767   12.902  1.00 42.25 ? 56  TYR A CB  1 
ATOM   422  C  CG  . TYR A 1 56  ? -2.551  6.790   13.144  1.00 45.09 ? 56  TYR A CG  1 
ATOM   423  C  CD1 . TYR A 1 56  ? -1.783  7.284   12.080  1.00 45.50 ? 56  TYR A CD1 1 
ATOM   424  C  CD2 . TYR A 1 56  ? -2.273  7.261   14.423  1.00 42.76 ? 56  TYR A CD2 1 
ATOM   425  C  CE1 . TYR A 1 56  ? -0.787  8.217   12.279  1.00 42.82 ? 56  TYR A CE1 1 
ATOM   426  C  CE2 . TYR A 1 56  ? -1.269  8.209   14.632  1.00 39.78 ? 56  TYR A CE2 1 
ATOM   427  C  CZ  . TYR A 1 56  ? -0.542  8.680   13.556  1.00 44.83 ? 56  TYR A CZ  1 
ATOM   428  O  OH  . TYR A 1 56  ? 0.456   9.609   13.746  1.00 53.76 ? 56  TYR A OH  1 
ATOM   429  N  N   . GLU A 1 57  ? -6.476  5.022   11.630  1.00 43.47 ? 57  GLU A N   1 
ATOM   430  C  CA  . GLU A 1 57  ? -7.595  4.104   11.458  1.00 44.14 ? 57  GLU A CA  1 
ATOM   431  C  C   . GLU A 1 57  ? -7.873  3.798   9.982   1.00 44.21 ? 57  GLU A C   1 
ATOM   432  O  O   . GLU A 1 57  ? -8.334  2.711   9.660   1.00 45.28 ? 57  GLU A O   1 
ATOM   433  C  CB  . GLU A 1 57  ? -8.854  4.654   12.134  1.00 43.93 ? 57  GLU A CB  1 
ATOM   434  C  CG  . GLU A 1 57  ? -8.820  4.598   13.660  1.00 49.60 ? 57  GLU A CG  1 
ATOM   435  C  CD  . GLU A 1 57  ? -8.546  3.200   14.178  1.00 59.47 ? 57  GLU A CD  1 
ATOM   436  O  OE1 . GLU A 1 57  ? -9.241  2.259   13.739  1.00 66.83 ? 57  GLU A OE1 1 
ATOM   437  O  OE2 . GLU A 1 57  ? -7.626  3.040   15.007  1.00 60.40 ? 57  GLU A OE2 1 
ATOM   438  N  N   . VAL A 1 58  ? -7.603  4.750   9.093   1.00 43.41 ? 58  VAL A N   1 
ATOM   439  C  CA  . VAL A 1 58  ? -7.727  4.495   7.663   1.00 44.17 ? 58  VAL A CA  1 
ATOM   440  C  C   . VAL A 1 58  ? -6.735  3.396   7.218   1.00 46.06 ? 58  VAL A C   1 
ATOM   441  O  O   . VAL A 1 58  ? -7.123  2.446   6.539   1.00 47.40 ? 58  VAL A O   1 
ATOM   442  C  CB  . VAL A 1 58  ? -7.551  5.777   6.830   1.00 44.35 ? 58  VAL A CB  1 
ATOM   443  C  CG1 . VAL A 1 58  ? -7.552  5.450   5.343   1.00 41.20 ? 58  VAL A CG1 1 
ATOM   444  C  CG2 . VAL A 1 58  ? -8.647  6.788   7.168   1.00 39.04 ? 58  VAL A CG2 1 
ATOM   445  N  N   . PHE A 1 59  ? -5.474  3.513   7.629   1.00 46.65 ? 59  PHE A N   1 
ATOM   446  C  CA  . PHE A 1 59  ? -4.489  2.463   7.382   1.00 48.28 ? 59  PHE A CA  1 
ATOM   447  C  C   . PHE A 1 59  ? -4.893  1.151   8.042   1.00 49.63 ? 59  PHE A C   1 
ATOM   448  O  O   . PHE A 1 59  ? -4.809  0.092   7.436   1.00 49.83 ? 59  PHE A O   1 
ATOM   449  C  CB  . PHE A 1 59  ? -3.092  2.909   7.827   1.00 47.64 ? 59  PHE A CB  1 
ATOM   450  C  CG  . PHE A 1 59  ? -2.494  3.952   6.930   1.00 48.93 ? 59  PHE A CG  1 
ATOM   451  C  CD1 . PHE A 1 59  ? -1.612  3.589   5.914   1.00 49.06 ? 59  PHE A CD1 1 
ATOM   452  C  CD2 . PHE A 1 59  ? -2.851  5.290   7.065   1.00 44.60 ? 59  PHE A CD2 1 
ATOM   453  C  CE1 . PHE A 1 59  ? -1.068  4.549   5.059   1.00 48.13 ? 59  PHE A CE1 1 
ATOM   454  C  CE2 . PHE A 1 59  ? -2.320  6.267   6.214   1.00 49.43 ? 59  PHE A CE2 1 
ATOM   455  C  CZ  . PHE A 1 59  ? -1.427  5.895   5.200   1.00 48.35 ? 59  PHE A CZ  1 
ATOM   456  N  N   . LYS A 1 60  ? -5.372  1.239   9.275   1.00 51.62 ? 60  LYS A N   1 
ATOM   457  C  CA  . LYS A 1 60  ? -5.722  0.062   10.061  1.00 52.92 ? 60  LYS A CA  1 
ATOM   458  C  C   . LYS A 1 60  ? -6.921  -0.678  9.454   1.00 53.75 ? 60  LYS A C   1 
ATOM   459  O  O   . LYS A 1 60  ? -7.096  -1.869  9.684   1.00 54.99 ? 60  LYS A O   1 
ATOM   460  C  CB  . LYS A 1 60  ? -5.985  0.486   11.515  1.00 52.18 ? 60  LYS A CB  1 
ATOM   461  C  CG  . LYS A 1 60  ? -6.450  -0.593  12.475  1.00 55.41 ? 60  LYS A CG  1 
ATOM   462  C  CD  . LYS A 1 60  ? -6.262  -0.117  13.914  1.00 63.01 ? 60  LYS A CD  1 
ATOM   463  C  CE  . LYS A 1 60  ? -7.106  -0.922  14.896  1.00 72.47 ? 60  LYS A CE  1 
ATOM   464  N  NZ  . LYS A 1 60  ? -8.541  -0.489  14.913  1.00 74.85 ? 60  LYS A NZ  1 
ATOM   465  N  N   . LYS A 1 61  ? -7.738  0.027   8.678   1.00 53.72 ? 61  LYS A N   1 
ATOM   466  C  CA  . LYS A 1 61  ? -8.938  -0.564  8.093   1.00 54.34 ? 61  LYS A CA  1 
ATOM   467  C  C   . LYS A 1 61  ? -8.720  -0.982  6.640   1.00 54.86 ? 61  LYS A C   1 
ATOM   468  O  O   . LYS A 1 61  ? -9.259  -1.992  6.199   1.00 55.99 ? 61  LYS A O   1 
ATOM   469  C  CB  . LYS A 1 61  ? -10.122 0.408   8.223   1.00 54.87 ? 61  LYS A CB  1 
ATOM   470  C  CG  . LYS A 1 61  ? -11.352 0.121   7.355   1.00 57.99 ? 61  LYS A CG  1 
ATOM   471  C  CD  . LYS A 1 61  ? -12.204 -1.021  7.889   1.00 68.41 ? 61  LYS A CD  1 
ATOM   472  C  CE  . LYS A 1 61  ? -13.503 -1.143  7.103   1.00 73.23 ? 61  LYS A CE  1 
ATOM   473  N  NZ  . LYS A 1 61  ? -14.126 -2.490  7.278   1.00 81.39 ? 61  LYS A NZ  1 
ATOM   474  N  N   . TYR A 1 62  ? -7.918  -0.220  5.905   1.00 55.03 ? 62  TYR A N   1 
ATOM   475  C  CA  . TYR A 1 62  ? -7.789  -0.426  4.470   1.00 55.77 ? 62  TYR A CA  1 
ATOM   476  C  C   . TYR A 1 62  ? -6.416  -0.953  4.049   1.00 57.46 ? 62  TYR A C   1 
ATOM   477  O  O   . TYR A 1 62  ? -6.220  -1.317  2.882   1.00 57.78 ? 62  TYR A O   1 
ATOM   478  C  CB  . TYR A 1 62  ? -8.141  0.858   3.710   1.00 54.35 ? 62  TYR A CB  1 
ATOM   479  C  CG  . TYR A 1 62  ? -9.594  1.284   3.854   1.00 55.64 ? 62  TYR A CG  1 
ATOM   480  C  CD1 . TYR A 1 62  ? -10.610 0.612   3.160   1.00 53.55 ? 62  TYR A CD1 1 
ATOM   481  C  CD2 . TYR A 1 62  ? -9.954  2.365   4.672   1.00 51.67 ? 62  TYR A CD2 1 
ATOM   482  C  CE1 . TYR A 1 62  ? -11.943 0.993   3.280   1.00 47.15 ? 62  TYR A CE1 1 
ATOM   483  C  CE2 . TYR A 1 62  ? -11.292 2.755   4.795   1.00 48.00 ? 62  TYR A CE2 1 
ATOM   484  C  CZ  . TYR A 1 62  ? -12.276 2.063   4.099   1.00 50.93 ? 62  TYR A CZ  1 
ATOM   485  O  OH  . TYR A 1 62  ? -13.595 2.433   4.218   1.00 52.39 ? 62  TYR A OH  1 
ATOM   486  N  N   . GLY A 1 63  ? -5.476  -0.987  4.993   1.00 58.41 ? 63  GLY A N   1 
ATOM   487  C  CA  . GLY A 1 63  ? -4.164  -1.593  4.765   1.00 60.18 ? 63  GLY A CA  1 
ATOM   488  C  C   . GLY A 1 63  ? -4.318  -3.058  4.414   1.00 61.43 ? 63  GLY A C   1 
ATOM   489  O  O   . GLY A 1 63  ? -5.120  -3.761  5.029   1.00 61.44 ? 63  GLY A O   1 
ATOM   490  N  N   . LEU A 1 64  ? -3.557  -3.513  3.422   1.00 63.29 ? 64  LEU A N   1 
ATOM   491  C  CA  . LEU A 1 64  ? -3.735  -4.855  2.854   1.00 65.48 ? 64  LEU A CA  1 
ATOM   492  C  C   . LEU A 1 64  ? -2.987  -5.950  3.613   1.00 66.31 ? 64  LEU A C   1 
ATOM   493  O  O   . LEU A 1 64  ? -3.399  -7.114  3.595   1.00 66.34 ? 64  LEU A O   1 
ATOM   494  C  CB  . LEU A 1 64  ? -3.317  -4.865  1.377   1.00 65.96 ? 64  LEU A CB  1 
ATOM   495  C  CG  . LEU A 1 64  ? -3.959  -5.882  0.424   1.00 66.51 ? 64  LEU A CG  1 
ATOM   496  C  CD1 . LEU A 1 64  ? -5.431  -5.546  0.179   1.00 71.69 ? 64  LEU A CD1 1 
ATOM   497  C  CD2 . LEU A 1 64  ? -3.199  -5.936  -0.894  1.00 64.93 ? 64  LEU A CD2 1 
ATOM   498  N  N   . ALA A 1 65  ? -1.902  -5.563  4.284   1.00 67.68 ? 65  ALA A N   1 
ATOM   499  C  CA  . ALA A 1 65  ? -0.971  -6.496  4.930   1.00 68.77 ? 65  ALA A CA  1 
ATOM   500  C  C   . ALA A 1 65  ? -1.612  -7.464  5.934   1.00 69.44 ? 65  ALA A C   1 
ATOM   501  O  O   . ALA A 1 65  ? -1.337  -8.670  5.904   1.00 70.56 ? 65  ALA A O   1 
ATOM   502  C  CB  . ALA A 1 65  ? 0.177   -5.724  5.587   1.00 69.42 ? 65  ALA A CB  1 
ATOM   503  N  N   . ASN A 1 66  ? -2.458  -6.930  6.815   1.00 69.02 ? 66  ASN A N   1 
ATOM   504  C  CA  . ASN A 1 66  ? -3.132  -7.728  7.845   1.00 68.56 ? 66  ASN A CA  1 
ATOM   505  C  C   . ASN A 1 66  ? -3.848  -8.986  7.334   1.00 67.31 ? 66  ASN A C   1 
ATOM   506  O  O   . ASN A 1 66  ? -3.811  -10.023 7.988   1.00 67.91 ? 66  ASN A O   1 
ATOM   507  C  CB  . ASN A 1 66  ? -4.086  -6.852  8.687   1.00 68.95 ? 66  ASN A CB  1 
ATOM   508  C  CG  . ASN A 1 66  ? -4.995  -5.965  7.833   1.00 71.04 ? 66  ASN A CG  1 
ATOM   509  O  OD1 . ASN A 1 66  ? -5.225  -6.241  6.651   1.00 74.54 ? 66  ASN A OD1 1 
ATOM   510  N  ND2 . ASN A 1 66  ? -5.516  -4.892  8.436   1.00 67.66 ? 66  ASN A ND2 1 
ATOM   511  N  N   . GLU A 1 67  ? -4.487  -8.895  6.170   1.00 66.25 ? 67  GLU A N   1 
ATOM   512  C  CA  . GLU A 1 67  ? -5.237  -10.025 5.612   1.00 65.88 ? 67  GLU A CA  1 
ATOM   513  C  C   . GLU A 1 67  ? -4.513  -10.705 4.443   1.00 65.31 ? 67  GLU A C   1 
ATOM   514  O  O   . GLU A 1 67  ? -5.118  -11.464 3.675   1.00 65.10 ? 67  GLU A O   1 
ATOM   515  C  CB  . GLU A 1 67  ? -6.635  -9.579  5.178   1.00 66.05 ? 67  GLU A CB  1 
ATOM   516  C  CG  . GLU A 1 67  ? -7.535  -9.093  6.319   1.00 67.33 ? 67  GLU A CG  1 
ATOM   517  C  CD  . GLU A 1 67  ? -8.961  -8.800  5.871   1.00 67.15 ? 67  GLU A CD  1 
ATOM   518  O  OE1 . GLU A 1 67  ? -9.413  -9.407  4.874   1.00 70.11 ? 67  GLU A OE1 1 
ATOM   519  O  OE2 . GLU A 1 67  ? -9.635  -7.969  6.523   1.00 66.90 ? 67  GLU A OE2 1 
ATOM   520  N  N   . LEU A 1 68  ? -3.214  -10.439 4.325   1.00 63.72 ? 68  LEU A N   1 
ATOM   521  C  CA  . LEU A 1 68  ? -2.418  -10.954 3.222   1.00 62.51 ? 68  LEU A CA  1 
ATOM   522  C  C   . LEU A 1 68  ? -1.889  -12.350 3.553   1.00 61.49 ? 68  LEU A C   1 
ATOM   523  O  O   . LEU A 1 68  ? -1.304  -12.559 4.630   1.00 62.05 ? 68  LEU A O   1 
ATOM   524  C  CB  . LEU A 1 68  ? -1.265  -9.995  2.921   1.00 62.06 ? 68  LEU A CB  1 
ATOM   525  C  CG  . LEU A 1 68  ? -0.901  -9.719  1.466   1.00 62.21 ? 68  LEU A CG  1 
ATOM   526  C  CD1 . LEU A 1 68  ? -2.118  -9.305  0.634   1.00 55.97 ? 68  LEU A CD1 1 
ATOM   527  C  CD2 . LEU A 1 68  ? 0.179   -8.648  1.415   1.00 62.05 ? 68  LEU A CD2 1 
ATOM   528  N  N   . PRO A 1 69  ? -2.099  -13.319 2.640   1.00 59.61 ? 69  PRO A N   1 
ATOM   529  C  CA  . PRO A 1 69  ? -1.598  -14.668 2.893   1.00 57.46 ? 69  PRO A CA  1 
ATOM   530  C  C   . PRO A 1 69  ? -0.084  -14.693 2.746   1.00 55.62 ? 69  PRO A C   1 
ATOM   531  O  O   . PRO A 1 69  ? 0.500   -13.757 2.178   1.00 53.88 ? 69  PRO A O   1 
ATOM   532  C  CB  . PRO A 1 69  ? -2.254  -15.496 1.786   1.00 57.80 ? 69  PRO A CB  1 
ATOM   533  C  CG  . PRO A 1 69  ? -2.447  -14.529 0.667   1.00 58.47 ? 69  PRO A CG  1 
ATOM   534  C  CD  . PRO A 1 69  ? -2.793  -13.222 1.341   1.00 59.86 ? 69  PRO A CD  1 
ATOM   535  N  N   . ASN A 1 70  ? 0.559   -15.726 3.276   1.00 53.92 ? 70  ASN A N   1 
ATOM   536  C  CA  . ASN A 1 70  ? 1.968   -15.878 2.992   1.00 52.64 ? 70  ASN A CA  1 
ATOM   537  C  C   . ASN A 1 70  ? 2.119   -16.565 1.655   1.00 51.83 ? 70  ASN A C   1 
ATOM   538  O  O   . ASN A 1 70  ? 1.886   -17.772 1.538   1.00 51.52 ? 70  ASN A O   1 
ATOM   539  C  CB  . ASN A 1 70  ? 2.739   -16.611 4.085   1.00 52.09 ? 70  ASN A CB  1 
ATOM   540  C  CG  . ASN A 1 70  ? 4.213   -16.754 3.733   1.00 53.30 ? 70  ASN A CG  1 
ATOM   541  O  OD1 . ASN A 1 70  ? 4.612   -17.689 3.040   1.00 52.61 ? 70  ASN A OD1 1 
ATOM   542  N  ND2 . ASN A 1 70  ? 5.019   -15.801 4.172   1.00 56.69 ? 70  ASN A ND2 1 
ATOM   543  N  N   . PHE A 1 71  ? 2.515   -15.776 0.660   1.00 50.64 ? 71  PHE A N   1 
ATOM   544  C  CA  . PHE A 1 71  ? 2.567   -16.217 -0.725  1.00 50.46 ? 71  PHE A CA  1 
ATOM   545  C  C   . PHE A 1 71  ? 3.603   -17.298 -1.003  1.00 50.17 ? 71  PHE A C   1 
ATOM   546  O  O   . PHE A 1 71  ? 3.375   -18.170 -1.839  1.00 51.27 ? 71  PHE A O   1 
ATOM   547  C  CB  . PHE A 1 71  ? 2.773   -15.025 -1.665  1.00 50.54 ? 71  PHE A CB  1 
ATOM   548  C  CG  . PHE A 1 71  ? 1.641   -14.030 -1.640  1.00 50.71 ? 71  PHE A CG  1 
ATOM   549  C  CD1 . PHE A 1 71  ? 0.416   -14.335 -2.230  1.00 53.39 ? 71  PHE A CD1 1 
ATOM   550  C  CD2 . PHE A 1 71  ? 1.803   -12.785 -1.039  1.00 44.57 ? 71  PHE A CD2 1 
ATOM   551  C  CE1 . PHE A 1 71  ? -0.628  -13.423 -2.215  1.00 49.90 ? 71  PHE A CE1 1 
ATOM   552  C  CE2 . PHE A 1 71  ? 0.769   -11.864 -1.026  1.00 49.61 ? 71  PHE A CE2 1 
ATOM   553  C  CZ  . PHE A 1 71  ? -0.453  -12.183 -1.610  1.00 51.68 ? 71  PHE A CZ  1 
ATOM   554  N  N   . LEU A 1 72  ? 4.744   -17.245 -0.323  1.00 50.08 ? 72  LEU A N   1 
ATOM   555  C  CA  . LEU A 1 72  ? 5.727   -18.319 -0.456  1.00 50.20 ? 72  LEU A CA  1 
ATOM   556  C  C   . LEU A 1 72  ? 5.126   -19.657 -0.024  1.00 50.79 ? 72  LEU A C   1 
ATOM   557  O  O   . LEU A 1 72  ? 5.069   -20.611 -0.819  1.00 51.68 ? 72  LEU A O   1 
ATOM   558  C  CB  . LEU A 1 72  ? 7.012   -18.009 0.322   1.00 49.39 ? 72  LEU A CB  1 
ATOM   559  C  CG  . LEU A 1 72  ? 8.072   -17.228 -0.471  1.00 48.88 ? 72  LEU A CG  1 
ATOM   560  C  CD1 . LEU A 1 72  ? 9.282   -16.919 0.392   1.00 38.09 ? 72  LEU A CD1 1 
ATOM   561  C  CD2 . LEU A 1 72  ? 8.500   -17.956 -1.758  1.00 35.75 ? 72  LEU A CD2 1 
ATOM   562  N  N   . GLU A 1 73  ? 4.655   -19.702 1.221   1.00 50.09 ? 73  GLU A N   1 
ATOM   563  C  CA  . GLU A 1 73  ? 4.045   -20.887 1.813   1.00 50.67 ? 73  GLU A CA  1 
ATOM   564  C  C   . GLU A 1 73  ? 2.883   -21.387 0.968   1.00 50.27 ? 73  GLU A C   1 
ATOM   565  O  O   . GLU A 1 73  ? 2.754   -22.591 0.740   1.00 51.49 ? 73  GLU A O   1 
ATOM   566  C  CB  . GLU A 1 73  ? 3.588   -20.574 3.243   1.00 49.30 ? 73  GLU A CB  1 
ATOM   567  C  CG  . GLU A 1 73  ? 2.648   -21.586 3.885   1.00 53.25 ? 73  GLU A CG  1 
ATOM   568  C  CD  . GLU A 1 73  ? 2.246   -21.195 5.303   1.00 54.88 ? 73  GLU A CD  1 
ATOM   569  O  OE1 . GLU A 1 73  ? 2.724   -20.144 5.793   1.00 63.16 ? 73  GLU A OE1 1 
ATOM   570  O  OE2 . GLU A 1 73  ? 1.454   -21.940 5.933   1.00 64.02 ? 73  GLU A OE2 1 
ATOM   571  N  N   . LYS A 1 74  ? 2.056   -20.461 0.489   1.00 49.40 ? 74  LYS A N   1 
ATOM   572  C  CA  . LYS A 1 74  ? 0.892   -20.808 -0.319  1.00 49.18 ? 74  LYS A CA  1 
ATOM   573  C  C   . LYS A 1 74  ? 1.300   -21.458 -1.643  1.00 48.44 ? 74  LYS A C   1 
ATOM   574  O  O   . LYS A 1 74  ? 0.549   -22.249 -2.213  1.00 47.99 ? 74  LYS A O   1 
ATOM   575  C  CB  . LYS A 1 74  ? 0.036   -19.571 -0.591  1.00 48.27 ? 74  LYS A CB  1 
ATOM   576  C  CG  . LYS A 1 74  ? -1.316  -19.915 -1.180  1.00 52.94 ? 74  LYS A CG  1 
ATOM   577  C  CD  . LYS A 1 74  ? -2.063  -18.701 -1.703  1.00 57.08 ? 74  LYS A CD  1 
ATOM   578  C  CE  . LYS A 1 74  ? -3.336  -19.136 -2.403  1.00 56.34 ? 74  LYS A CE  1 
ATOM   579  N  NZ  . LYS A 1 74  ? -3.877  -18.062 -3.270  1.00 59.22 ? 74  LYS A NZ  1 
ATOM   580  N  N   . ASN A 1 75  ? 2.494   -21.117 -2.118  1.00 46.98 ? 75  ASN A N   1 
ATOM   581  C  CA  . ASN A 1 75  ? 2.974   -21.595 -3.397  1.00 45.45 ? 75  ASN A CA  1 
ATOM   582  C  C   . ASN A 1 75  ? 4.083   -22.632 -3.261  1.00 45.71 ? 75  ASN A C   1 
ATOM   583  O  O   . ASN A 1 75  ? 4.842   -22.874 -4.211  1.00 45.55 ? 75  ASN A O   1 
ATOM   584  C  CB  . ASN A 1 75  ? 3.446   -20.409 -4.230  1.00 45.59 ? 75  ASN A CB  1 
ATOM   585  C  CG  . ASN A 1 75  ? 2.300   -19.573 -4.737  1.00 44.86 ? 75  ASN A CG  1 
ATOM   586  O  OD1 . ASN A 1 75  ? 1.708   -19.883 -5.760  1.00 43.31 ? 75  ASN A OD1 1 
ATOM   587  N  ND2 . ASN A 1 75  ? 1.985   -18.502 -4.028  1.00 48.16 ? 75  ASN A ND2 1 
ATOM   588  N  N   . GLN A 1 76  ? 4.168   -23.240 -2.077  1.00 44.59 ? 76  GLN A N   1 
ATOM   589  C  CA  . GLN A 1 76  ? 5.165   -24.269 -1.777  1.00 44.25 ? 76  GLN A CA  1 
ATOM   590  C  C   . GLN A 1 76  ? 6.580   -23.785 -2.012  1.00 42.28 ? 76  GLN A C   1 
ATOM   591  O  O   . GLN A 1 76  ? 7.435   -24.544 -2.445  1.00 43.52 ? 76  GLN A O   1 
ATOM   592  C  CB  . GLN A 1 76  ? 4.904   -25.564 -2.555  1.00 43.23 ? 76  GLN A CB  1 
ATOM   593  C  CG  . GLN A 1 76  ? 3.795   -26.434 -1.972  1.00 49.65 ? 76  GLN A CG  1 
ATOM   594  C  CD  . GLN A 1 76  ? 2.424   -25.789 -2.100  1.00 61.43 ? 76  GLN A CD  1 
ATOM   595  O  OE1 . GLN A 1 76  ? 1.938   -25.551 -3.213  1.00 65.39 ? 76  GLN A OE1 1 
ATOM   596  N  NE2 . GLN A 1 76  ? 1.796   -25.491 -0.962  1.00 58.16 ? 76  GLN A NE2 1 
ATOM   597  N  N   . PHE A 1 77  ? 6.810   -22.514 -1.707  1.00 42.49 ? 77  PHE A N   1 
ATOM   598  C  CA  . PHE A 1 77  ? 8.134   -21.887 -1.790  1.00 41.39 ? 77  PHE A CA  1 
ATOM   599  C  C   . PHE A 1 77  ? 8.702   -21.827 -3.219  1.00 40.57 ? 77  PHE A C   1 
ATOM   600  O  O   . PHE A 1 77  ? 9.918   -21.788 -3.420  1.00 41.86 ? 77  PHE A O   1 
ATOM   601  C  CB  . PHE A 1 77  ? 9.085   -22.500 -0.735  1.00 39.23 ? 77  PHE A CB  1 
ATOM   602  C  CG  . PHE A 1 77  ? 8.542   -22.379 0.659   1.00 41.38 ? 77  PHE A CG  1 
ATOM   603  C  CD1 . PHE A 1 77  ? 8.685   -21.180 1.378   1.00 39.06 ? 77  PHE A CD1 1 
ATOM   604  C  CD2 . PHE A 1 77  ? 7.814   -23.424 1.229   1.00 40.71 ? 77  PHE A CD2 1 
ATOM   605  C  CE1 . PHE A 1 77  ? 8.143   -21.040 2.666   1.00 38.60 ? 77  PHE A CE1 1 
ATOM   606  C  CE2 . PHE A 1 77  ? 7.260   -23.299 2.504   1.00 43.67 ? 77  PHE A CE2 1 
ATOM   607  C  CZ  . PHE A 1 77  ? 7.424   -22.097 3.231   1.00 35.03 ? 77  PHE A CZ  1 
ATOM   608  N  N   . ASN A 1 78  ? 7.795   -21.820 -4.195  1.00 39.93 ? 78  ASN A N   1 
ATOM   609  C  CA  . ASN A 1 78  ? 8.131   -21.529 -5.585  1.00 41.00 ? 78  ASN A CA  1 
ATOM   610  C  C   . ASN A 1 78  ? 8.111   -20.008 -5.706  1.00 43.11 ? 78  ASN A C   1 
ATOM   611  O  O   . ASN A 1 78  ? 7.044   -19.385 -5.616  1.00 42.91 ? 78  ASN A O   1 
ATOM   612  C  CB  . ASN A 1 78  ? 7.132   -22.186 -6.550  1.00 39.99 ? 78  ASN A CB  1 
ATOM   613  C  CG  . ASN A 1 78  ? 7.501   -21.994 -8.027  1.00 42.81 ? 78  ASN A CG  1 
ATOM   614  O  OD1 . ASN A 1 78  ? 7.668   -20.871 -8.505  1.00 46.11 ? 78  ASN A OD1 1 
ATOM   615  N  ND2 . ASN A 1 78  ? 7.605   -23.103 -8.757  1.00 38.79 ? 78  ASN A ND2 1 
ATOM   616  N  N   . PRO A 1 79  ? 9.297   -19.403 -5.879  1.00 43.49 ? 79  PRO A N   1 
ATOM   617  C  CA  . PRO A 1 79  ? 9.434   -17.954 -5.834  1.00 43.10 ? 79  PRO A CA  1 
ATOM   618  C  C   . PRO A 1 79  ? 8.828   -17.252 -7.055  1.00 44.36 ? 79  PRO A C   1 
ATOM   619  O  O   . PRO A 1 79  ? 8.489   -16.065 -6.974  1.00 44.04 ? 79  PRO A O   1 
ATOM   620  C  CB  . PRO A 1 79  ? 10.954  -17.732 -5.787  1.00 43.16 ? 79  PRO A CB  1 
ATOM   621  C  CG  . PRO A 1 79  ? 11.585  -19.084 -5.693  1.00 42.47 ? 79  PRO A CG  1 
ATOM   622  C  CD  . PRO A 1 79  ? 10.580  -20.080 -6.145  1.00 43.36 ? 79  PRO A CD  1 
ATOM   623  N  N   . ILE A 1 80  ? 8.695   -17.969 -8.171  1.00 44.14 ? 80  ILE A N   1 
ATOM   624  C  CA  . ILE A 1 80  ? 8.071   -17.389 -9.363  1.00 44.63 ? 80  ILE A CA  1 
ATOM   625  C  C   . ILE A 1 80  ? 6.558   -17.335 -9.197  1.00 43.96 ? 80  ILE A C   1 
ATOM   626  O  O   . ILE A 1 80  ? 5.950   -16.280 -9.394  1.00 43.96 ? 80  ILE A O   1 
ATOM   627  C  CB  . ILE A 1 80  ? 8.452   -18.134 -10.657 1.00 44.31 ? 80  ILE A CB  1 
ATOM   628  C  CG1 . ILE A 1 80  ? 9.966   -18.171 -10.822 1.00 47.58 ? 80  ILE A CG1 1 
ATOM   629  C  CG2 . ILE A 1 80  ? 7.808   -17.481 -11.878 1.00 44.84 ? 80  ILE A CG2 1 
ATOM   630  C  CD1 . ILE A 1 80  ? 10.551  -19.566 -10.540 1.00 61.30 ? 80  ILE A CD1 1 
ATOM   631  N  N   . ASN A 1 81  ? 5.962   -18.468 -8.823  1.00 43.39 ? 81  ASN A N   1 
ATOM   632  C  CA  . ASN A 1 81  ? 4.538   -18.530 -8.517  1.00 43.07 ? 81  ASN A CA  1 
ATOM   633  C  C   . ASN A 1 81  ? 4.146   -17.578 -7.381  1.00 44.76 ? 81  ASN A C   1 
ATOM   634  O  O   . ASN A 1 81  ? 3.141   -16.846 -7.488  1.00 45.64 ? 81  ASN A O   1 
ATOM   635  C  CB  . ASN A 1 81  ? 4.123   -19.960 -8.193  1.00 42.16 ? 81  ASN A CB  1 
ATOM   636  C  CG  . ASN A 1 81  ? 4.436   -20.936 -9.327  1.00 43.50 ? 81  ASN A CG  1 
ATOM   637  O  OD1 . ASN A 1 81  ? 4.918   -20.543 -10.388 1.00 49.82 ? 81  ASN A OD1 1 
ATOM   638  N  ND2 . ASN A 1 81  ? 4.160   -22.215 -9.100  1.00 33.04 ? 81  ASN A ND2 1 
ATOM   639  N  N   . ALA A 1 82  ? 4.942   -17.570 -6.311  1.00 42.90 ? 82  ALA A N   1 
ATOM   640  C  CA  . ALA A 1 82  ? 4.702   -16.664 -5.189  1.00 43.99 ? 82  ALA A CA  1 
ATOM   641  C  C   . ALA A 1 82  ? 4.727   -15.212 -5.664  1.00 44.83 ? 82  ALA A C   1 
ATOM   642  O  O   . ALA A 1 82  ? 3.805   -14.470 -5.382  1.00 45.28 ? 82  ALA A O   1 
ATOM   643  C  CB  . ALA A 1 82  ? 5.713   -16.884 -4.077  1.00 41.86 ? 82  ALA A CB  1 
ATOM   644  N  N   . LEU A 1 83  ? 5.759   -14.833 -6.419  1.00 46.88 ? 83  LEU A N   1 
ATOM   645  C  CA  . LEU A 1 83  ? 5.899   -13.465 -6.885  1.00 48.62 ? 83  LEU A CA  1 
ATOM   646  C  C   . LEU A 1 83  ? 4.794   -13.108 -7.861  1.00 51.22 ? 83  LEU A C   1 
ATOM   647  O  O   . LEU A 1 83  ? 4.242   -12.017 -7.784  1.00 50.95 ? 83  LEU A O   1 
ATOM   648  C  CB  . LEU A 1 83  ? 7.276   -13.214 -7.504  1.00 47.97 ? 83  LEU A CB  1 
ATOM   649  C  CG  . LEU A 1 83  ? 7.576   -11.761 -7.897  1.00 49.44 ? 83  LEU A CG  1 
ATOM   650  C  CD1 . LEU A 1 83  ? 7.480   -10.788 -6.704  1.00 43.24 ? 83  LEU A CD1 1 
ATOM   651  C  CD2 . LEU A 1 83  ? 8.927   -11.657 -8.560  1.00 42.41 ? 83  LEU A CD2 1 
ATOM   652  N  N   . ARG A 1 84  ? 4.461   -14.033 -8.762  1.00 54.14 ? 84  ARG A N   1 
ATOM   653  C  CA  . ARG A 1 84  ? 3.331   -13.834 -9.681  1.00 57.02 ? 84  ARG A CA  1 
ATOM   654  C  C   . ARG A 1 84  ? 2.053   -13.507 -8.913  1.00 56.88 ? 84  ARG A C   1 
ATOM   655  O  O   . ARG A 1 84  ? 1.345   -12.552 -9.241  1.00 56.72 ? 84  ARG A O   1 
ATOM   656  C  CB  . ARG A 1 84  ? 3.118   -15.050 -10.586 1.00 55.49 ? 84  ARG A CB  1 
ATOM   657  C  CG  . ARG A 1 84  ? 3.974   -15.009 -11.827 1.00 60.83 ? 84  ARG A CG  1 
ATOM   658  C  CD  . ARG A 1 84  ? 3.702   -16.170 -12.799 1.00 60.46 ? 84  ARG A CD  1 
ATOM   659  N  NE  . ARG A 1 84  ? 3.477   -15.675 -14.167 1.00 72.73 ? 84  ARG A NE  1 
ATOM   660  C  CZ  . ARG A 1 84  ? 4.431   -15.359 -15.044 1.00 72.67 ? 84  ARG A CZ  1 
ATOM   661  N  NH1 . ARG A 1 84  ? 5.713   -15.491 -14.728 1.00 75.10 ? 84  ARG A NH1 1 
ATOM   662  N  NH2 . ARG A 1 84  ? 4.099   -14.909 -16.249 1.00 69.54 ? 84  ARG A NH2 1 
ATOM   663  N  N   . GLU A 1 85  ? 1.784   -14.292 -7.874  1.00 57.63 ? 85  GLU A N   1 
ATOM   664  C  CA  . GLU A 1 85  ? 0.582   -14.126 -7.078  1.00 58.68 ? 85  GLU A CA  1 
ATOM   665  C  C   . GLU A 1 85  ? 0.613   -12.808 -6.311  1.00 58.89 ? 85  GLU A C   1 
ATOM   666  O  O   . GLU A 1 85  ? -0.369  -12.075 -6.309  1.00 60.24 ? 85  GLU A O   1 
ATOM   667  C  CB  . GLU A 1 85  ? 0.392   -15.310 -6.129  1.00 58.12 ? 85  GLU A CB  1 
ATOM   668  C  CG  . GLU A 1 85  ? -1.046  -15.458 -5.664  1.00 59.17 ? 85  GLU A CG  1 
ATOM   669  C  CD  . GLU A 1 85  ? -1.238  -16.556 -4.636  1.00 59.90 ? 85  GLU A CD  1 
ATOM   670  O  OE1 . GLU A 1 85  ? -0.734  -17.687 -4.836  1.00 53.85 ? 85  GLU A OE1 1 
ATOM   671  O  OE2 . GLU A 1 85  ? -1.913  -16.275 -3.627  1.00 61.00 ? 85  GLU A OE2 1 
ATOM   672  N  N   . TYR A 1 86  ? 1.751   -12.513 -5.685  1.00 59.10 ? 86  TYR A N   1 
ATOM   673  C  CA  . TYR A 1 86  ? 1.967   -11.264 -4.948  1.00 59.20 ? 86  TYR A CA  1 
ATOM   674  C  C   . TYR A 1 86  ? 1.757   -10.006 -5.815  1.00 59.19 ? 86  TYR A C   1 
ATOM   675  O  O   . TYR A 1 86  ? 1.045   -9.087  -5.415  1.00 59.56 ? 86  TYR A O   1 
ATOM   676  C  CB  . TYR A 1 86  ? 3.367   -11.264 -4.326  1.00 59.35 ? 86  TYR A CB  1 
ATOM   677  C  CG  . TYR A 1 86  ? 3.771   -9.964  -3.672  1.00 58.22 ? 86  TYR A CG  1 
ATOM   678  C  CD1 . TYR A 1 86  ? 4.244   -8.886  -4.436  1.00 64.07 ? 86  TYR A CD1 1 
ATOM   679  C  CD2 . TYR A 1 86  ? 3.697   -9.811  -2.290  1.00 62.33 ? 86  TYR A CD2 1 
ATOM   680  C  CE1 . TYR A 1 86  ? 4.610   -7.678  -3.830  1.00 67.86 ? 86  TYR A CE1 1 
ATOM   681  C  CE2 . TYR A 1 86  ? 4.069   -8.614  -1.669  1.00 64.51 ? 86  TYR A CE2 1 
ATOM   682  C  CZ  . TYR A 1 86  ? 4.520   -7.556  -2.445  1.00 66.46 ? 86  TYR A CZ  1 
ATOM   683  O  OH  . TYR A 1 86  ? 4.886   -6.385  -1.833  1.00 62.73 ? 86  TYR A OH  1 
ATOM   684  N  N   . LEU A 1 87  ? 2.385   -9.968  -6.987  1.00 58.58 ? 87  LEU A N   1 
ATOM   685  C  CA  . LEU A 1 87  ? 2.247   -8.836  -7.911  1.00 58.36 ? 87  LEU A CA  1 
ATOM   686  C  C   . LEU A 1 87  ? 0.830   -8.693  -8.465  1.00 57.94 ? 87  LEU A C   1 
ATOM   687  O  O   . LEU A 1 87  ? 0.339   -7.576  -8.629  1.00 59.31 ? 87  LEU A O   1 
ATOM   688  C  CB  . LEU A 1 87  ? 3.252   -8.945  -9.062  1.00 57.98 ? 87  LEU A CB  1 
ATOM   689  C  CG  . LEU A 1 87  ? 4.755   -8.946  -8.747  1.00 56.56 ? 87  LEU A CG  1 
ATOM   690  C  CD1 . LEU A 1 87  ? 5.593   -9.141  -10.027 1.00 49.73 ? 87  LEU A CD1 1 
ATOM   691  C  CD2 . LEU A 1 87  ? 5.175   -7.675  -7.991  1.00 63.49 ? 87  LEU A CD2 1 
ATOM   692  N  N   . THR A 1 88  ? 0.179   -9.820  -8.744  1.00 57.56 ? 88  THR A N   1 
ATOM   693  C  CA  . THR A 1 88  ? -1.209  -9.831  -9.208  1.00 56.65 ? 88  THR A CA  1 
ATOM   694  C  C   . THR A 1 88  ? -2.136  -9.268  -8.129  1.00 56.91 ? 88  THR A C   1 
ATOM   695  O  O   . THR A 1 88  ? -2.958  -8.394  -8.404  1.00 56.17 ? 88  THR A O   1 
ATOM   696  C  CB  . THR A 1 88  ? -1.664  -11.254 -9.624  1.00 57.05 ? 88  THR A CB  1 
ATOM   697  O  OG1 . THR A 1 88  ? -0.959  -11.660 -10.806 1.00 56.37 ? 88  THR A OG1 1 
ATOM   698  C  CG2 . THR A 1 88  ? -3.169  -11.303 -9.895  1.00 55.09 ? 88  THR A CG2 1 
ATOM   699  N  N   . VAL A 1 89  ? -1.992  -9.761  -6.900  1.00 56.98 ? 89  VAL A N   1 
ATOM   700  C  CA  . VAL A 1 89  ? -2.780  -9.246  -5.780  1.00 55.88 ? 89  VAL A CA  1 
ATOM   701  C  C   . VAL A 1 89  ? -2.586  -7.740  -5.648  1.00 55.58 ? 89  VAL A C   1 
ATOM   702  O  O   . VAL A 1 89  ? -3.555  -6.996  -5.503  1.00 56.57 ? 89  VAL A O   1 
ATOM   703  C  CB  . VAL A 1 89  ? -2.455  -9.965  -4.445  1.00 56.00 ? 89  VAL A CB  1 
ATOM   704  C  CG1 . VAL A 1 89  ? -3.001  -9.171  -3.250  1.00 54.80 ? 89  VAL A CG1 1 
ATOM   705  C  CG2 . VAL A 1 89  ? -3.038  -11.375 -4.447  1.00 55.14 ? 89  VAL A CG2 1 
ATOM   706  N  N   . PHE A 1 90  ? -1.339  -7.293  -5.727  1.00 54.94 ? 90  PHE A N   1 
ATOM   707  C  CA  . PHE A 1 90  ? -1.043  -5.880  -5.583  1.00 56.40 ? 90  PHE A CA  1 
ATOM   708  C  C   . PHE A 1 90  ? -1.534  -4.969  -6.712  1.00 57.41 ? 90  PHE A C   1 
ATOM   709  O  O   . PHE A 1 90  ? -2.228  -3.993  -6.444  1.00 56.37 ? 90  PHE A O   1 
ATOM   710  C  CB  . PHE A 1 90  ? 0.431   -5.648  -5.252  1.00 54.74 ? 90  PHE A CB  1 
ATOM   711  C  CG  . PHE A 1 90  ? 0.678   -5.509  -3.786  1.00 60.06 ? 90  PHE A CG  1 
ATOM   712  C  CD1 . PHE A 1 90  ? 0.984   -6.622  -3.005  1.00 61.41 ? 90  PHE A CD1 1 
ATOM   713  C  CD2 . PHE A 1 90  ? 0.532   -4.269  -3.160  1.00 62.65 ? 90  PHE A CD2 1 
ATOM   714  C  CE1 . PHE A 1 90  ? 1.181   -6.492  -1.630  1.00 58.92 ? 90  PHE A CE1 1 
ATOM   715  C  CE2 . PHE A 1 90  ? 0.726   -4.134  -1.785  1.00 57.23 ? 90  PHE A CE2 1 
ATOM   716  C  CZ  . PHE A 1 90  ? 1.048   -5.251  -1.023  1.00 57.25 ? 90  PHE A CZ  1 
ATOM   717  N  N   . THR A 1 91  ? -1.184  -5.289  -7.957  1.00 59.08 ? 91  THR A N   1 
ATOM   718  C  CA  . THR A 1 91  ? -1.507  -4.419  -9.097  1.00 60.22 ? 91  THR A CA  1 
ATOM   719  C  C   . THR A 1 91  ? -3.009  -4.233  -9.296  1.00 61.19 ? 91  THR A C   1 
ATOM   720  O  O   . THR A 1 91  ? -3.461  -3.149  -9.692  1.00 62.17 ? 91  THR A O   1 
ATOM   721  C  CB  . THR A 1 91  ? -0.901  -4.947  -10.412 1.00 60.14 ? 91  THR A CB  1 
ATOM   722  O  OG1 . THR A 1 91  ? -1.235  -6.331  -10.564 1.00 62.16 ? 91  THR A OG1 1 
ATOM   723  C  CG2 . THR A 1 91  ? 0.620   -4.784  -10.422 1.00 60.19 ? 91  THR A CG2 1 
ATOM   724  N  N   . THR A 1 92  ? -3.777  -5.288  -9.024  1.00 61.94 ? 92  THR A N   1 
ATOM   725  C  CA  . THR A 1 92  ? -5.226  -5.241  -9.194  1.00 63.34 ? 92  THR A CA  1 
ATOM   726  C  C   . THR A 1 92  ? -5.852  -4.366  -8.117  1.00 63.96 ? 92  THR A C   1 
ATOM   727  O  O   . THR A 1 92  ? -6.692  -3.516  -8.420  1.00 64.98 ? 92  THR A O   1 
ATOM   728  C  CB  . THR A 1 92  ? -5.876  -6.645  -9.192  1.00 63.17 ? 92  THR A CB  1 
ATOM   729  O  OG1 . THR A 1 92  ? -5.605  -7.295  -7.949  1.00 67.40 ? 92  THR A OG1 1 
ATOM   730  C  CG2 . THR A 1 92  ? -5.348  -7.512  -10.348 1.00 62.56 ? 92  THR A CG2 1 
ATOM   731  N  N   . HIS A 1 93  ? -5.419  -4.562  -6.873  1.00 64.43 ? 93  HIS A N   1 
ATOM   732  C  CA  . HIS A 1 93  ? -5.897  -3.777  -5.734  1.00 64.89 ? 93  HIS A CA  1 
ATOM   733  C  C   . HIS A 1 93  ? -5.515  -2.294  -5.815  1.00 65.19 ? 93  HIS A C   1 
ATOM   734  O  O   . HIS A 1 93  ? -6.317  -1.434  -5.463  1.00 64.63 ? 93  HIS A O   1 
ATOM   735  C  CB  . HIS A 1 93  ? -5.398  -4.379  -4.419  1.00 64.97 ? 93  HIS A CB  1 
ATOM   736  C  CG  . HIS A 1 93  ? -5.953  -3.714  -3.199  1.00 66.54 ? 93  HIS A CG  1 
ATOM   737  N  ND1 . HIS A 1 93  ? -5.220  -2.830  -2.435  1.00 69.39 ? 93  HIS A ND1 1 
ATOM   738  C  CD2 . HIS A 1 93  ? -7.171  -3.800  -2.611  1.00 68.45 ? 93  HIS A CD2 1 
ATOM   739  C  CE1 . HIS A 1 93  ? -5.962  -2.401  -1.429  1.00 69.25 ? 93  HIS A CE1 1 
ATOM   740  N  NE2 . HIS A 1 93  ? -7.149  -2.975  -1.512  1.00 67.57 ? 93  HIS A NE2 1 
ATOM   741  N  N   . ILE A 1 94  ? -4.302  -2.004  -6.285  1.00 66.16 ? 94  ILE A N   1 
ATOM   742  C  CA  . ILE A 1 94  ? -3.811  -0.624  -6.404  1.00 66.89 ? 94  ILE A CA  1 
ATOM   743  C  C   . ILE A 1 94  ? -4.529  0.175   -7.496  1.00 67.46 ? 94  ILE A C   1 
ATOM   744  O  O   . ILE A 1 94  ? -4.860  1.347   -7.291  1.00 68.01 ? 94  ILE A O   1 
ATOM   745  C  CB  . ILE A 1 94  ? -2.273  -0.566  -6.610  1.00 67.20 ? 94  ILE A CB  1 
ATOM   746  C  CG1 . ILE A 1 94  ? -1.545  -0.860  -5.293  1.00 68.09 ? 94  ILE A CG1 1 
ATOM   747  C  CG2 . ILE A 1 94  ? -1.832  0.795   -7.161  1.00 66.80 ? 94  ILE A CG2 1 
ATOM   748  C  CD1 . ILE A 1 94  ? -0.140  -1.476  -5.466  1.00 65.32 ? 94  ILE A CD1 1 
ATOM   749  N  N   . LYS A 1 95  ? -4.773  -0.442  -8.649  1.00 68.10 ? 95  LYS A N   1 
ATOM   750  C  CA  . LYS A 1 95  ? -5.517  0.257   -9.693  1.00 68.70 ? 95  LYS A CA  1 
ATOM   751  C  C   . LYS A 1 95  ? -6.947  0.536   -9.225  1.00 68.55 ? 95  LYS A C   1 
ATOM   752  O  O   . LYS A 1 95  ? -7.466  1.643   -9.418  1.00 68.23 ? 95  LYS A O   1 
ATOM   753  C  CB  . LYS A 1 95  ? -5.481  -0.484  -11.037 1.00 68.32 ? 95  LYS A CB  1 
ATOM   754  C  CG  . LYS A 1 95  ? -6.504  -1.598  -11.205 1.00 70.17 ? 95  LYS A CG  1 
ATOM   755  C  CD  . LYS A 1 95  ? -7.096  -1.568  -12.601 1.00 71.28 ? 95  LYS A CD  1 
ATOM   756  C  CE  . LYS A 1 95  ? -7.964  -2.780  -12.870 1.00 72.60 ? 95  LYS A CE  1 
ATOM   757  N  NZ  . LYS A 1 95  ? -8.645  -2.660  -14.188 1.00 71.21 ? 95  LYS A NZ  1 
ATOM   758  N  N   . GLU A 1 96  ? -7.556  -0.454  -8.569  1.00 68.05 ? 96  GLU A N   1 
ATOM   759  C  CA  . GLU A 1 96  ? -8.926  -0.326  -8.081  1.00 68.55 ? 96  GLU A CA  1 
ATOM   760  C  C   . GLU A 1 96  ? -9.062  0.627   -6.889  1.00 67.99 ? 96  GLU A C   1 
ATOM   761  O  O   . GLU A 1 96  ? -10.145 1.171   -6.652  1.00 68.10 ? 96  GLU A O   1 
ATOM   762  C  CB  . GLU A 1 96  ? -9.525  -1.700  -7.753  1.00 68.18 ? 96  GLU A CB  1 
ATOM   763  C  CG  . GLU A 1 96  ? -9.806  -2.581  -8.980  1.00 72.84 ? 96  GLU A CG  1 
ATOM   764  C  CD  . GLU A 1 96  ? -10.789 -1.963  -9.986  1.00 78.10 ? 96  GLU A CD  1 
ATOM   765  O  OE1 . GLU A 1 96  ? -11.612 -1.097  -9.601  1.00 79.69 ? 96  GLU A OE1 1 
ATOM   766  O  OE2 . GLU A 1 96  ? -10.742 -2.359  -11.173 1.00 78.46 ? 96  GLU A OE2 1 
ATOM   767  N  N   . ASN A 1 97  ? -7.964  0.829   -6.158  1.00 67.62 ? 97  ASN A N   1 
ATOM   768  C  CA  . ASN A 1 97  ? -7.930  1.737   -5.007  1.00 67.43 ? 97  ASN A CA  1 
ATOM   769  C  C   . ASN A 1 97  ? -6.707  2.669   -5.000  1.00 67.49 ? 97  ASN A C   1 
ATOM   770  O  O   . ASN A 1 97  ? -5.783  2.483   -4.186  1.00 67.84 ? 97  ASN A O   1 
ATOM   771  C  CB  . ASN A 1 97  ? -8.016  0.940   -3.699  1.00 66.56 ? 97  ASN A CB  1 
ATOM   772  C  CG  . ASN A 1 97  ? -9.316  0.161   -3.576  1.00 67.53 ? 97  ASN A CG  1 
ATOM   773  O  OD1 . ASN A 1 97  ? -10.388 0.735   -3.344  1.00 66.91 ? 97  ASN A OD1 1 
ATOM   774  N  ND2 . ASN A 1 97  ? -9.229  -1.153  -3.733  1.00 66.78 ? 97  ASN A ND2 1 
ATOM   775  N  N   . PRO A 1 98  ? -6.710  3.695   -5.886  1.00 67.82 ? 98  PRO A N   1 
ATOM   776  C  CA  . PRO A 1 98  ? -5.577  4.622   -6.001  1.00 68.36 ? 98  PRO A CA  1 
ATOM   777  C  C   . PRO A 1 98  ? -5.514  5.654   -4.851  1.00 68.85 ? 98  PRO A C   1 
ATOM   778  O  O   . PRO A 1 98  ? -5.084  6.830   -5.062  1.00 67.99 ? 98  PRO A O   1 
ATOM   779  C  CB  . PRO A 1 98  ? -5.827  5.309   -7.350  1.00 68.70 ? 98  PRO A CB  1 
ATOM   780  C  CG  . PRO A 1 98  ? -7.314  5.310   -7.498  1.00 69.26 ? 98  PRO A CG  1 
ATOM   781  C  CD  . PRO A 1 98  ? -7.805  4.045   -6.826  1.00 68.75 ? 98  PRO A CD  1 
ATOM   782  N  N   . GLU A 1 99  ? -5.941  5.198   -3.651  1.00 69.16 ? 99  GLU A N   1 
ATOM   783  C  CA  . GLU A 1 99  ? -5.757  5.958   -2.411  1.00 67.68 ? 99  GLU A CA  1 
ATOM   784  C  C   . GLU A 1 99  ? -4.592  5.311   -1.663  1.00 67.43 ? 99  GLU A C   1 
ATOM   785  O  O   . GLU A 1 99  ? -4.318  5.611   -0.507  1.00 66.91 ? 99  GLU A O   1 
ATOM   786  C  CB  . GLU A 1 99  ? -7.031  5.971   -1.548  1.00 66.90 ? 99  GLU A CB  1 
ATOM   787  C  CG  . GLU A 1 99  ? -8.361  6.427   -2.391  0.50 64.04 ? 99  GLU A CG  1 
ATOM   788  C  CD  . GLU A 1 99  ? -8.926  5.317   -3.288  0.50 58.99 ? 99  GLU A CD  1 
ATOM   789  O  OE1 . GLU A 1 99  ? -8.843  4.018   -2.776  0.50 54.05 ? 99  GLU A OE1 1 
ATOM   790  O  OE2 . GLU A 1 99  ? -9.285  5.533   -4.444  0.50 62.87 ? 99  GLU A OE2 1 
ATOM   791  N  N   . ILE A 1 100 ? -3.899  4.398   -2.320  1.00 67.29 ? 100 ILE A N   1 
ATOM   792  C  CA  . ILE A 1 100 ? -2.607  3.988   -1.782  1.00 68.74 ? 100 ILE A CA  1 
ATOM   793  C  C   . ILE A 1 100 ? -1.533  4.764   -2.525  1.00 66.50 ? 100 ILE A C   1 
ATOM   794  O  O   . ILE A 1 100 ? -0.477  5.081   -1.963  1.00 66.38 ? 100 ILE A O   1 
ATOM   795  C  CB  . ILE A 1 100 ? -2.399  2.437   -1.774  1.00 67.96 ? 100 ILE A CB  1 
ATOM   796  C  CG1 . ILE A 1 100 ? -0.951  2.086   -1.386  1.00 68.96 ? 100 ILE A CG1 1 
ATOM   797  C  CG2 . ILE A 1 100 ? -2.867  1.822   -3.094  1.00 72.46 ? 100 ILE A CG2 1 
ATOM   798  C  CD1 . ILE A 1 100 ? -0.580  0.604   -1.537  1.00 69.51 ? 100 ILE A CD1 1 
ATOM   799  N  N   . GLY A 1 101 ? -1.845  5.105   -3.774  1.00 64.38 ? 101 GLY A N   1 
ATOM   800  C  CA  . GLY A 1 101 ? -0.965  5.904   -4.608  1.00 61.73 ? 101 GLY A CA  1 
ATOM   801  C  C   . GLY A 1 101 ? -0.467  7.121   -3.861  1.00 60.03 ? 101 GLY A C   1 
ATOM   802  O  O   . GLY A 1 101 ? 0.741   7.295   -3.694  1.00 59.97 ? 101 GLY A O   1 
ATOM   803  N  N   . THR A 1 102 ? -1.405  7.936   -3.380  1.00 58.14 ? 102 THR A N   1 
ATOM   804  C  CA  . THR A 1 102 ? -1.110  9.201   -2.696  1.00 56.60 ? 102 THR A CA  1 
ATOM   805  C  C   . THR A 1 102 ? -0.557  8.999   -1.284  1.00 55.61 ? 102 THR A C   1 
ATOM   806  O  O   . THR A 1 102 ? 0.419   9.646   -0.905  1.00 54.27 ? 102 THR A O   1 
ATOM   807  C  CB  . THR A 1 102 ? -2.358  10.115  -2.683  1.00 57.03 ? 102 THR A CB  1 
ATOM   808  O  OG1 . THR A 1 102 ? -2.746  10.388  -4.037  1.00 57.80 ? 102 THR A OG1 1 
ATOM   809  C  CG2 . THR A 1 102 ? -2.098  11.446  -1.951  1.00 57.23 ? 102 THR A CG2 1 
ATOM   810  N  N   . LEU A 1 103 ? -1.169  8.070   -0.540  1.00 56.28 ? 103 LEU A N   1 
ATOM   811  C  CA  . LEU A 1 103 ? -0.883  7.827   0.891   1.00 53.61 ? 103 LEU A CA  1 
ATOM   812  C  C   . LEU A 1 103 ? 0.366   6.982   1.158   1.00 52.85 ? 103 LEU A C   1 
ATOM   813  O  O   . LEU A 1 103 ? 0.953   7.059   2.244   1.00 47.75 ? 103 LEU A O   1 
ATOM   814  C  CB  . LEU A 1 103 ? -2.107  7.200   1.580   1.00 52.51 ? 103 LEU A CB  1 
ATOM   815  C  CG  . LEU A 1 103 ? -3.384  8.048   1.519   1.00 50.83 ? 103 LEU A CG  1 
ATOM   816  C  CD1 . LEU A 1 103 ? -4.523  7.334   2.208   1.00 48.61 ? 103 LEU A CD1 1 
ATOM   817  C  CD2 . LEU A 1 103 ? -3.174  9.424   2.148   1.00 44.73 ? 103 LEU A CD2 1 
ATOM   818  N  N   . ALA A 1 104 ? 0.767   6.180   0.170   1.00 52.99 ? 104 ALA A N   1 
ATOM   819  C  CA  . ALA A 1 104 ? 2.007   5.360   0.307   1.00 54.26 ? 104 ALA A CA  1 
ATOM   820  C  C   . ALA A 1 104 ? 3.155   6.262   -0.092  1.00 52.89 ? 104 ALA A C   1 
ATOM   821  O  O   . ALA A 1 104 ? 4.283   6.194   0.412   1.00 51.41 ? 104 ALA A O   1 
ATOM   822  C  CB  . ALA A 1 104 ? 1.957   4.092   -0.586  1.00 50.67 ? 104 ALA A CB  1 
ATOM   823  N  N   . TYR A 1 105 ? 2.843   7.143   -1.015  1.00 52.99 ? 105 TYR A N   1 
ATOM   824  C  CA  . TYR A 1 105 ? 3.844   8.084   -1.385  1.00 53.44 ? 105 TYR A CA  1 
ATOM   825  C  C   . TYR A 1 105 ? 4.088   9.017   -0.212  1.00 53.93 ? 105 TYR A C   1 
ATOM   826  O  O   . TYR A 1 105 ? 5.213   9.115   0.278   1.00 55.20 ? 105 TYR A O   1 
ATOM   827  C  CB  . TYR A 1 105 ? 3.474   8.858   -2.629  1.00 50.01 ? 105 TYR A CB  1 
ATOM   828  C  CG  . TYR A 1 105 ? 4.271   10.124  -2.697  0.50 49.02 ? 105 TYR A CG  1 
ATOM   829  C  CD1 . TYR A 1 105 ? 3.710   11.340  -2.300  0.50 41.78 ? 105 TYR A CD1 1 
ATOM   830  C  CD2 . TYR A 1 105 ? 5.618   10.096  -3.066  0.50 44.93 ? 105 TYR A CD2 1 
ATOM   831  C  CE1 . TYR A 1 105 ? 4.446   12.487  -2.285  0.50 36.35 ? 105 TYR A CE1 1 
ATOM   832  C  CE2 . TYR A 1 105 ? 6.369   11.241  -3.060  0.50 42.73 ? 105 TYR A CE2 1 
ATOM   833  C  CZ  . TYR A 1 105 ? 5.773   12.439  -2.665  0.50 43.34 ? 105 TYR A CZ  1 
ATOM   834  O  OH  . TYR A 1 105 ? 6.509   13.591  -2.668  0.50 46.79 ? 105 TYR A OH  1 
ATOM   835  N  N   . GLU A 1 106 ? 3.042   9.690   0.251   1.00 52.73 ? 106 GLU A N   1 
ATOM   836  C  CA  . GLU A 1 106 ? 3.264   10.664  1.290   1.00 52.97 ? 106 GLU A CA  1 
ATOM   837  C  C   . GLU A 1 106 ? 4.087   10.037  2.433   1.00 53.06 ? 106 GLU A C   1 
ATOM   838  O  O   . GLU A 1 106 ? 5.079   10.625  2.854   1.00 54.59 ? 106 GLU A O   1 
ATOM   839  C  CB  . GLU A 1 106 ? 1.947   11.272  1.770   1.00 53.19 ? 106 GLU A CB  1 
ATOM   840  C  CG  . GLU A 1 106 ? 1.291   12.225  0.766   1.00 55.09 ? 106 GLU A CG  1 
ATOM   841  C  CD  . GLU A 1 106 ? 2.094   13.515  0.562   1.00 69.81 ? 106 GLU A CD  1 
ATOM   842  O  OE1 . GLU A 1 106 ? 2.539   14.121  1.566   1.00 79.06 ? 106 GLU A OE1 1 
ATOM   843  O  OE2 . GLU A 1 106 ? 2.282   13.931  -0.601  1.00 68.94 ? 106 GLU A OE2 1 
ATOM   844  N  N   . GLU A 1 107 ? 3.736   8.823   2.866   1.00 50.97 ? 107 GLU A N   1 
ATOM   845  C  CA  . GLU A 1 107 ? 4.167   8.359   4.191   1.00 49.68 ? 107 GLU A CA  1 
ATOM   846  C  C   . GLU A 1 107 ? 5.374   7.461   4.153   1.00 49.86 ? 107 GLU A C   1 
ATOM   847  O  O   . GLU A 1 107 ? 6.242   7.534   5.014   1.00 50.00 ? 107 GLU A O   1 
ATOM   848  C  CB  . GLU A 1 107 ? 3.016   7.713   4.988   1.00 47.80 ? 107 GLU A CB  1 
ATOM   849  C  CG  . GLU A 1 107 ? 1.809   8.659   5.258   1.00 48.37 ? 107 GLU A CG  1 
ATOM   850  C  CD  . GLU A 1 107 ? 2.128   9.856   6.164   1.00 44.07 ? 107 GLU A CD  1 
ATOM   851  O  OE1 . GLU A 1 107 ? 3.192   9.878   6.818   1.00 42.83 ? 107 GLU A OE1 1 
ATOM   852  O  OE2 . GLU A 1 107 ? 1.300   10.785  6.234   1.00 45.36 ? 107 GLU A OE2 1 
ATOM   853  N  N   . ILE A 1 108 ? 5.419   6.596   3.157   1.00 51.36 ? 108 ILE A N   1 
ATOM   854  C  CA  . ILE A 1 108 ? 6.561   5.731   2.988   1.00 53.23 ? 108 ILE A CA  1 
ATOM   855  C  C   . ILE A 1 108 ? 7.656   6.496   2.258   1.00 52.81 ? 108 ILE A C   1 
ATOM   856  O  O   . ILE A 1 108 ? 8.784   6.596   2.754   1.00 52.52 ? 108 ILE A O   1 
ATOM   857  C  CB  . ILE A 1 108 ? 6.193   4.434   2.203   1.00 54.91 ? 108 ILE A CB  1 
ATOM   858  C  CG1 . ILE A 1 108 ? 4.813   3.909   2.655   1.00 57.19 ? 108 ILE A CG1 1 
ATOM   859  C  CG2 . ILE A 1 108 ? 7.305   3.403   2.324   1.00 46.17 ? 108 ILE A CG2 1 
ATOM   860  C  CD1 . ILE A 1 108 ? 4.407   2.572   2.021   1.00 56.60 ? 108 ILE A CD1 1 
ATOM   861  N  N   . ILE A 1 109 ? 7.295   7.060   1.104   1.00 51.34 ? 109 ILE A N   1 
ATOM   862  C  CA  . ILE A 1 109 ? 8.284   7.506   0.127   1.00 53.30 ? 109 ILE A CA  1 
ATOM   863  C  C   . ILE A 1 109 ? 8.860   8.883   0.456   1.00 52.72 ? 109 ILE A C   1 
ATOM   864  O  O   . ILE A 1 109 ? 10.018  8.990   0.843   1.00 52.17 ? 109 ILE A O   1 
ATOM   865  C  CB  . ILE A 1 109 ? 7.808   7.259   -1.358  1.00 52.98 ? 109 ILE A CB  1 
ATOM   866  C  CG1 . ILE A 1 109 ? 7.927   5.750   -1.673  1.00 55.83 ? 109 ILE A CG1 1 
ATOM   867  C  CG2 . ILE A 1 109 ? 8.663   8.024   -2.359  1.00 53.65 ? 109 ILE A CG2 1 
ATOM   868  C  CD1 . ILE A 1 109 ? 7.010   5.206   -2.778  1.00 55.57 ? 109 ILE A CD1 1 
ATOM   869  N  N   . LYS A 1 110 ? 8.068   9.933   0.344   1.00 55.57 ? 110 LYS A N   1 
ATOM   870  C  CA  . LYS A 1 110 ? 8.526   11.216  0.865   1.00 57.87 ? 110 LYS A CA  1 
ATOM   871  C  C   . LYS A 1 110 ? 8.938   11.152  2.362   1.00 58.56 ? 110 LYS A C   1 
ATOM   872  O  O   . LYS A 1 110 ? 10.119  11.268  2.688   1.00 57.13 ? 110 LYS A O   1 
ATOM   873  C  CB  . LYS A 1 110 ? 7.494   12.341  0.596   1.00 57.77 ? 110 LYS A CB  1 
ATOM   874  C  CG  . LYS A 1 110 ? 7.896   13.738  1.077   0.01 57.75 ? 110 LYS A CG  1 
ATOM   875  C  CD  . LYS A 1 110 ? 9.203   14.231  0.470   0.01 57.61 ? 110 LYS A CD  1 
ATOM   876  C  CE  . LYS A 1 110 ? 9.629   15.547  1.102   0.01 57.52 ? 110 LYS A CE  1 
ATOM   877  N  NZ  . LYS A 1 110 ? 10.992  15.963  0.674   0.01 57.49 ? 110 LYS A NZ  1 
ATOM   878  N  N   . GLU A 1 111 ? 7.981   10.924  3.256   1.00 60.28 ? 111 GLU A N   1 
ATOM   879  C  CA  . GLU A 1 111 ? 8.090   11.528  4.592   1.00 62.95 ? 111 GLU A CA  1 
ATOM   880  C  C   . GLU A 1 111 ? 8.488   10.685  5.794   1.00 63.64 ? 111 GLU A C   1 
ATOM   881  O  O   . GLU A 1 111 ? 9.117   9.626   5.653   1.00 63.13 ? 111 GLU A O   1 
ATOM   882  C  CB  . GLU A 1 111 ? 6.849   12.357  4.908   1.00 61.61 ? 111 GLU A CB  1 
ATOM   883  C  CG  . GLU A 1 111 ? 6.934   13.759  4.346   1.00 68.22 ? 111 GLU A CG  1 
ATOM   884  C  CD  . GLU A 1 111 ? 5.582   14.438  4.226   1.00 74.90 ? 111 GLU A CD  1 
ATOM   885  O  OE1 . GLU A 1 111 ? 4.660   13.830  3.629   1.00 71.58 ? 111 GLU A OE1 1 
ATOM   886  O  OE2 . GLU A 1 111 ? 5.453   15.583  4.720   1.00 74.98 ? 111 GLU A OE2 1 
ATOM   887  N  N   . SER A 1 112 ? 8.091   11.198  6.971   1.00 65.24 ? 112 SER A N   1 
ATOM   888  C  CA  . SER A 1 112 ? 8.464   10.659  8.289   1.00 64.41 ? 112 SER A CA  1 
ATOM   889  C  C   . SER A 1 112 ? 7.449   10.894  9.420   1.00 63.19 ? 112 SER A C   1 
ATOM   890  O  O   . SER A 1 112 ? 7.085   9.945   10.118  1.00 63.37 ? 112 SER A O   1 
ATOM   891  C  CB  . SER A 1 112 ? 9.829   11.202  8.731   1.00 64.02 ? 112 SER A CB  1 
ATOM   892  O  OG  . SER A 1 112 ? 10.878  10.543  8.044   1.00 68.80 ? 112 SER A OG  1 
ATOM   893  N  N   . ALA A 1 113 ? 7.010   12.140  9.619   1.00 61.17 ? 113 ALA A N   1 
ATOM   894  C  CA  . ALA A 1 113 ? 6.433   12.541  10.924  1.00 59.12 ? 113 ALA A CA  1 
ATOM   895  C  C   . ALA A 1 113 ? 5.615   11.445  11.661  1.00 57.67 ? 113 ALA A C   1 
ATOM   896  O  O   . ALA A 1 113 ? 5.924   11.090  12.799  1.00 56.00 ? 113 ALA A O   1 
ATOM   897  C  CB  . ALA A 1 113 ? 5.653   13.864  10.804  1.00 60.17 ? 113 ALA A CB  1 
ATOM   898  N  N   . ARG A 1 114 ? 4.608   10.897  10.978  1.00 56.70 ? 114 ARG A N   1 
ATOM   899  C  CA  . ARG A 1 114 ? 3.731   9.831   11.494  1.00 54.08 ? 114 ARG A CA  1 
ATOM   900  C  C   . ARG A 1 114 ? 4.184   8.413   11.101  1.00 54.45 ? 114 ARG A C   1 
ATOM   901  O  O   . ARG A 1 114 ? 3.453   7.442   11.325  1.00 54.47 ? 114 ARG A O   1 
ATOM   902  C  CB  . ARG A 1 114 ? 2.319   10.054  10.938  1.00 53.12 ? 114 ARG A CB  1 
ATOM   903  C  CG  . ARG A 1 114 ? 1.798   11.476  11.139  1.00 52.17 ? 114 ARG A CG  1 
ATOM   904  C  CD  . ARG A 1 114 ? 0.617   11.810  10.232  1.00 45.60 ? 114 ARG A CD  1 
ATOM   905  N  NE  . ARG A 1 114 ? 1.031   12.040  8.848   1.00 47.52 ? 114 ARG A NE  1 
ATOM   906  C  CZ  . ARG A 1 114 ? 1.581   13.166  8.398   1.00 45.80 ? 114 ARG A CZ  1 
ATOM   907  N  NH1 . ARG A 1 114 ? 1.798   14.190  9.215   1.00 41.36 ? 114 ARG A NH1 1 
ATOM   908  N  NH2 . ARG A 1 114 ? 1.902   13.274  7.118   1.00 49.90 ? 114 ARG A NH2 1 
ATOM   909  N  N   . LEU A 1 115 ? 5.375   8.301   10.503  1.00 54.08 ? 115 LEU A N   1 
ATOM   910  C  CA  . LEU A 1 115 ? 5.878   7.040   9.918   1.00 53.93 ? 115 LEU A CA  1 
ATOM   911  C  C   . LEU A 1 115 ? 5.736   5.858   10.861  1.00 53.77 ? 115 LEU A C   1 
ATOM   912  O  O   . LEU A 1 115 ? 5.129   4.831   10.522  1.00 53.46 ? 115 LEU A O   1 
ATOM   913  C  CB  . LEU A 1 115 ? 7.352   7.196   9.497   1.00 53.20 ? 115 LEU A CB  1 
ATOM   914  C  CG  . LEU A 1 115 ? 8.187   6.037   8.918   1.00 54.29 ? 115 LEU A CG  1 
ATOM   915  C  CD1 . LEU A 1 115 ? 7.696   5.579   7.547   1.00 36.30 ? 115 LEU A CD1 1 
ATOM   916  C  CD2 . LEU A 1 115 ? 9.659   6.443   8.844   1.00 52.63 ? 115 LEU A CD2 1 
ATOM   917  N  N   . GLU A 1 116 ? 6.297   6.019   12.050  1.00 54.05 ? 116 GLU A N   1 
ATOM   918  C  CA  . GLU A 1 116 ? 6.387   4.919   12.994  1.00 56.42 ? 116 GLU A CA  1 
ATOM   919  C  C   . GLU A 1 116 ? 5.017   4.360   13.359  1.00 56.67 ? 116 GLU A C   1 
ATOM   920  O  O   . GLU A 1 116 ? 4.870   3.144   13.498  1.00 57.70 ? 116 GLU A O   1 
ATOM   921  C  CB  . GLU A 1 116 ? 7.189   5.331   14.229  1.00 57.00 ? 116 GLU A CB  1 
ATOM   922  C  CG  . GLU A 1 116 ? 8.663   5.609   13.919  1.00 59.31 ? 116 GLU A CG  1 
ATOM   923  C  CD  . GLU A 1 116 ? 9.407   4.374   13.429  1.00 66.32 ? 116 GLU A CD  1 
ATOM   924  O  OE1 . GLU A 1 116 ? 9.492   3.396   14.201  1.00 66.90 ? 116 GLU A OE1 1 
ATOM   925  O  OE2 . GLU A 1 116 ? 9.908   4.386   12.276  1.00 69.74 ? 116 GLU A OE2 1 
ATOM   926  N  N   . LYS A 1 117 ? 4.020   5.240   13.462  1.00 56.36 ? 117 LYS A N   1 
ATOM   927  C  CA  . LYS A 1 117 ? 2.649   4.830   13.781  1.00 56.53 ? 117 LYS A CA  1 
ATOM   928  C  C   . LYS A 1 117 ? 1.997   4.002   12.673  1.00 56.06 ? 117 LYS A C   1 
ATOM   929  O  O   . LYS A 1 117 ? 1.243   3.074   12.957  1.00 56.20 ? 117 LYS A O   1 
ATOM   930  C  CB  . LYS A 1 117 ? 1.772   6.040   14.117  1.00 56.96 ? 117 LYS A CB  1 
ATOM   931  C  CG  . LYS A 1 117 ? 2.036   6.694   15.475  1.00 55.63 ? 117 LYS A CG  1 
ATOM   932  C  CD  . LYS A 1 117 ? 3.274   7.584   15.437  1.00 56.47 ? 117 LYS A CD  1 
ATOM   933  C  CE  . LYS A 1 117 ? 3.365   8.463   16.668  1.00 57.78 ? 117 LYS A CE  1 
ATOM   934  N  NZ  . LYS A 1 117 ? 2.563   9.714   16.527  1.00 60.66 ? 117 LYS A NZ  1 
ATOM   935  N  N   . ILE A 1 118 ? 2.286   4.327   11.417  1.00 56.36 ? 118 ILE A N   1 
ATOM   936  C  CA  . ILE A 1 118 ? 1.661   3.589   10.305  1.00 57.73 ? 118 ILE A CA  1 
ATOM   937  C  C   . ILE A 1 118 ? 2.445   2.399   9.744   1.00 56.94 ? 118 ILE A C   1 
ATOM   938  O  O   . ILE A 1 118 ? 1.813   1.416   9.341   1.00 56.75 ? 118 ILE A O   1 
ATOM   939  C  CB  . ILE A 1 118 ? 1.125   4.510   9.163   1.00 58.58 ? 118 ILE A CB  1 
ATOM   940  C  CG1 . ILE A 1 118 ? 2.255   5.318   8.522   1.00 58.53 ? 118 ILE A CG1 1 
ATOM   941  C  CG2 . ILE A 1 118 ? -0.029  5.392   9.696   1.00 58.03 ? 118 ILE A CG2 1 
ATOM   942  C  CD1 . ILE A 1 118 ? 1.937   6.805   8.397   1.00 64.22 ? 118 ILE A CD1 1 
ATOM   943  N  N   . LYS A 1 119 ? 3.784   2.470   9.747   1.00 55.09 ? 119 LYS A N   1 
ATOM   944  C  CA  . LYS A 1 119 ? 4.639   1.306   9.363   1.00 56.40 ? 119 LYS A CA  1 
ATOM   945  C  C   . LYS A 1 119 ? 4.004   -0.069  9.604   1.00 55.51 ? 119 LYS A C   1 
ATOM   946  O  O   . LYS A 1 119 ? 3.861   -0.827  8.659   1.00 54.27 ? 119 LYS A O   1 
ATOM   947  C  CB  . LYS A 1 119 ? 6.016   1.329   10.039  1.00 55.51 ? 119 LYS A CB  1 
ATOM   948  C  CG  . LYS A 1 119 ? 7.144   1.827   9.200   1.00 51.96 ? 119 LYS A CG  1 
ATOM   949  C  CD  . LYS A 1 119 ? 8.455   1.622   9.939   1.00 49.12 ? 119 LYS A CD  1 
ATOM   950  C  CE  . LYS A 1 119 ? 9.602   2.321   9.191   1.00 50.59 ? 119 LYS A CE  1 
ATOM   951  N  NZ  . LYS A 1 119 ? 10.761  2.528   10.100  1.00 56.93 ? 119 LYS A NZ  1 
ATOM   952  N  N   . PRO A 1 120 ? 3.606   -0.377  10.863  1.00 56.58 ? 120 PRO A N   1 
ATOM   953  C  CA  . PRO A 1 120 ? 3.042   -1.696  11.213  1.00 57.79 ? 120 PRO A CA  1 
ATOM   954  C  C   . PRO A 1 120 ? 1.916   -2.156  10.285  1.00 59.30 ? 120 PRO A C   1 
ATOM   955  O  O   . PRO A 1 120 ? 1.389   -3.270  10.437  1.00 59.43 ? 120 PRO A O   1 
ATOM   956  C  CB  . PRO A 1 120 ? 2.471   -1.463  12.618  1.00 56.87 ? 120 PRO A CB  1 
ATOM   957  C  CG  . PRO A 1 120 ? 3.316   -0.391  13.185  1.00 55.50 ? 120 PRO A CG  1 
ATOM   958  C  CD  . PRO A 1 120 ? 3.672   0.508   12.048  1.00 56.41 ? 120 PRO A CD  1 
ATOM   959  N  N   . TYR A 1 121 ? 1.555   -1.290  9.343   1.00 60.53 ? 121 TYR A N   1 
ATOM   960  C  CA  . TYR A 1 121 ? 0.391   -1.505  8.497   1.00 62.88 ? 121 TYR A CA  1 
ATOM   961  C  C   . TYR A 1 121 ? 0.776   -1.581  7.015   1.00 61.73 ? 121 TYR A C   1 
ATOM   962  O  O   . TYR A 1 121 ? -0.054  -1.897  6.155   1.00 61.58 ? 121 TYR A O   1 
ATOM   963  C  CB  . TYR A 1 121 ? -0.689  -0.439  8.792   1.00 63.69 ? 121 TYR A CB  1 
ATOM   964  C  CG  . TYR A 1 121 ? -1.188  -0.497  10.232  1.00 68.64 ? 121 TYR A CG  1 
ATOM   965  C  CD1 . TYR A 1 121 ? -1.848  -1.636  10.720  1.00 73.80 ? 121 TYR A CD1 1 
ATOM   966  C  CD2 . TYR A 1 121 ? -0.989  0.573   11.113  1.00 74.46 ? 121 TYR A CD2 1 
ATOM   967  C  CE1 . TYR A 1 121 ? -2.298  -1.710  12.052  1.00 70.79 ? 121 TYR A CE1 1 
ATOM   968  C  CE2 . TYR A 1 121 ? -1.439  0.512   12.446  1.00 71.33 ? 121 TYR A CE2 1 
ATOM   969  C  CZ  . TYR A 1 121 ? -2.089  -0.636  12.906  1.00 72.11 ? 121 TYR A CZ  1 
ATOM   970  O  OH  . TYR A 1 121 ? -2.534  -0.713  14.218  1.00 73.79 ? 121 TYR A OH  1 
ATOM   971  N  N   . PHE A 1 122 ? 2.046   -1.305  6.726   1.00 60.81 ? 122 PHE A N   1 
ATOM   972  C  CA  . PHE A 1 122 ? 2.586   -1.581  5.396   1.00 60.24 ? 122 PHE A CA  1 
ATOM   973  C  C   . PHE A 1 122 ? 3.958   -2.280  5.354   1.00 59.53 ? 122 PHE A C   1 
ATOM   974  O  O   . PHE A 1 122 ? 4.408   -2.654  4.268   1.00 61.29 ? 122 PHE A O   1 
ATOM   975  C  CB  . PHE A 1 122 ? 2.612   -0.314  4.538   1.00 57.97 ? 122 PHE A CB  1 
ATOM   976  C  CG  . PHE A 1 122 ? 3.487   0.782   5.083   1.00 58.70 ? 122 PHE A CG  1 
ATOM   977  C  CD1 . PHE A 1 122 ? 4.871   0.732   4.937   1.00 53.28 ? 122 PHE A CD1 1 
ATOM   978  C  CD2 . PHE A 1 122 ? 2.918   1.886   5.719   1.00 58.03 ? 122 PHE A CD2 1 
ATOM   979  C  CE1 . PHE A 1 122 ? 5.676   1.757   5.440   1.00 60.42 ? 122 PHE A CE1 1 
ATOM   980  C  CE2 . PHE A 1 122 ? 3.716   2.917   6.214   1.00 57.84 ? 122 PHE A CE2 1 
ATOM   981  C  CZ  . PHE A 1 122 ? 5.090   2.854   6.087   1.00 50.81 ? 122 PHE A CZ  1 
ATOM   982  N  N   . ILE A 1 123 ? 4.633   -2.436  6.494   1.00 57.77 ? 123 ILE A N   1 
ATOM   983  C  CA  . ILE A 1 123 ? 6.001   -2.978  6.481   1.00 58.01 ? 123 ILE A CA  1 
ATOM   984  C  C   . ILE A 1 123 ? 6.032   -4.483  6.125   1.00 57.93 ? 123 ILE A C   1 
ATOM   985  O  O   . ILE A 1 123 ? 7.037   -4.975  5.596   1.00 58.51 ? 123 ILE A O   1 
ATOM   986  C  CB  . ILE A 1 123 ? 6.819   -2.663  7.783   1.00 57.05 ? 123 ILE A CB  1 
ATOM   987  C  CG1 . ILE A 1 123 ? 8.333   -2.795  7.514   1.00 59.67 ? 123 ILE A CG1 1 
ATOM   988  C  CG2 . ILE A 1 123 ? 6.374   -3.544  8.928   1.00 55.72 ? 123 ILE A CG2 1 
ATOM   989  C  CD1 . ILE A 1 123 ? 9.263   -2.554  8.723   1.00 59.20 ? 123 ILE A CD1 1 
ATOM   990  N  N   . GLY A 1 124 ? 4.922   -5.178  6.399   1.00 56.32 ? 124 GLY A N   1 
ATOM   991  C  CA  . GLY A 1 124 ? 4.741   -6.587  6.068   1.00 54.12 ? 124 GLY A CA  1 
ATOM   992  C  C   . GLY A 1 124 ? 4.713   -6.840  4.575   1.00 54.64 ? 124 GLY A C   1 
ATOM   993  O  O   . GLY A 1 124 ? 5.289   -7.833  4.091   1.00 53.62 ? 124 GLY A O   1 
ATOM   994  N  N   . SER A 1 125 ? 4.066   -5.936  3.840   1.00 52.52 ? 125 SER A N   1 
ATOM   995  C  CA  . SER A 1 125 ? 3.990   -6.037  2.383   1.00 52.93 ? 125 SER A CA  1 
ATOM   996  C  C   . SER A 1 125 ? 5.372   -5.961  1.761   1.00 51.97 ? 125 SER A C   1 
ATOM   997  O  O   . SER A 1 125 ? 5.642   -6.584  0.730   1.00 52.33 ? 125 SER A O   1 
ATOM   998  C  CB  . SER A 1 125 ? 3.102   -4.937  1.808   1.00 53.34 ? 125 SER A CB  1 
ATOM   999  O  OG  . SER A 1 125 ? 1.736   -5.279  1.958   1.00 58.06 ? 125 SER A OG  1 
ATOM   1000 N  N   . PHE A 1 126 ? 6.245   -5.198  2.406   1.00 51.47 ? 126 PHE A N   1 
ATOM   1001 C  CA  . PHE A 1 126 ? 7.606   -5.014  1.928   1.00 51.21 ? 126 PHE A CA  1 
ATOM   1002 C  C   . PHE A 1 126 ? 8.515   -6.129  2.394   1.00 49.77 ? 126 PHE A C   1 
ATOM   1003 O  O   . PHE A 1 126 ? 9.405   -6.553  1.670   1.00 48.49 ? 126 PHE A O   1 
ATOM   1004 C  CB  . PHE A 1 126 ? 8.144   -3.654  2.372   1.00 50.93 ? 126 PHE A CB  1 
ATOM   1005 C  CG  . PHE A 1 126 ? 7.594   -2.508  1.576   1.00 52.45 ? 126 PHE A CG  1 
ATOM   1006 C  CD1 . PHE A 1 126 ? 8.295   -2.010  0.478   1.00 46.12 ? 126 PHE A CD1 1 
ATOM   1007 C  CD2 . PHE A 1 126 ? 6.365   -1.937  1.906   1.00 56.19 ? 126 PHE A CD2 1 
ATOM   1008 C  CE1 . PHE A 1 126 ? 7.784   -0.951  -0.260  1.00 54.74 ? 126 PHE A CE1 1 
ATOM   1009 C  CE2 . PHE A 1 126 ? 5.841   -0.867  1.161   1.00 56.07 ? 126 PHE A CE2 1 
ATOM   1010 C  CZ  . PHE A 1 126 ? 6.548   -0.376  0.088   1.00 52.82 ? 126 PHE A CZ  1 
ATOM   1011 N  N   . GLU A 1 127 ? 8.284   -6.602  3.610   1.00 49.46 ? 127 GLU A N   1 
ATOM   1012 C  CA  . GLU A 1 127 ? 9.083   -7.674  4.172   1.00 50.15 ? 127 GLU A CA  1 
ATOM   1013 C  C   . GLU A 1 127 ? 8.871   -8.952  3.349   1.00 48.18 ? 127 GLU A C   1 
ATOM   1014 O  O   . GLU A 1 127 ? 9.810   -9.712  3.099   1.00 47.94 ? 127 GLU A O   1 
ATOM   1015 C  CB  . GLU A 1 127 ? 8.708   -7.880  5.641   1.00 50.22 ? 127 GLU A CB  1 
ATOM   1016 C  CG  . GLU A 1 127 ? 9.910   -8.146  6.562   1.00 59.82 ? 127 GLU A CG  1 
ATOM   1017 C  CD  . GLU A 1 127 ? 10.898  -6.970  6.642   1.00 69.48 ? 127 GLU A CD  1 
ATOM   1018 O  OE1 . GLU A 1 127 ? 10.442  -5.821  6.853   1.00 70.14 ? 127 GLU A OE1 1 
ATOM   1019 O  OE2 . GLU A 1 127 ? 12.129  -7.201  6.505   1.00 67.49 ? 127 GLU A OE2 1 
ATOM   1020 N  N   . GLN A 1 128 ? 7.629   -9.147  2.912   1.00 46.87 ? 128 GLN A N   1 
ATOM   1021 C  CA  . GLN A 1 128 ? 7.219   -10.298 2.125   1.00 45.13 ? 128 GLN A CA  1 
ATOM   1022 C  C   . GLN A 1 128 ? 7.788   -10.268 0.698   1.00 44.89 ? 128 GLN A C   1 
ATOM   1023 O  O   . GLN A 1 128 ? 8.358   -11.255 0.242   1.00 45.92 ? 128 GLN A O   1 
ATOM   1024 C  CB  . GLN A 1 128 ? 5.692   -10.416 2.128   1.00 43.67 ? 128 GLN A CB  1 
ATOM   1025 C  CG  . GLN A 1 128 ? 5.165   -11.552 1.291   1.00 46.13 ? 128 GLN A CG  1 
ATOM   1026 C  CD  . GLN A 1 128 ? 3.949   -12.224 1.882   1.00 38.11 ? 128 GLN A CD  1 
ATOM   1027 O  OE1 . GLN A 1 128 ? 3.695   -13.396 1.623   1.00 46.89 ? 128 GLN A OE1 1 
ATOM   1028 N  NE2 . GLN A 1 128 ? 3.191   -11.496 2.659   1.00 32.35 ? 128 GLN A NE2 1 
ATOM   1029 N  N   . LEU A 1 129 ? 7.647   -9.143  0.004   1.00 43.49 ? 129 LEU A N   1 
ATOM   1030 C  CA  . LEU A 1 129 ? 8.314   -8.965  -1.280  1.00 42.54 ? 129 LEU A CA  1 
ATOM   1031 C  C   . LEU A 1 129 ? 9.807   -9.291  -1.181  1.00 42.61 ? 129 LEU A C   1 
ATOM   1032 O  O   . LEU A 1 129 ? 10.378  -9.947  -2.072  1.00 40.83 ? 129 LEU A O   1 
ATOM   1033 C  CB  . LEU A 1 129 ? 8.124   -7.539  -1.820  1.00 40.49 ? 129 LEU A CB  1 
ATOM   1034 C  CG  . LEU A 1 129 ? 8.974   -7.226  -3.065  1.00 42.24 ? 129 LEU A CG  1 
ATOM   1035 C  CD1 . LEU A 1 129 ? 8.488   -7.989  -4.321  1.00 42.49 ? 129 LEU A CD1 1 
ATOM   1036 C  CD2 . LEU A 1 129 ? 9.098   -5.742  -3.354  1.00 42.30 ? 129 LEU A CD2 1 
ATOM   1037 N  N   . LYS A 1 130 ? 10.432  -8.823  -0.104  1.00 41.30 ? 130 LYS A N   1 
ATOM   1038 C  CA  . LYS A 1 130 ? 11.841  -9.074  0.128   1.00 42.74 ? 130 LYS A CA  1 
ATOM   1039 C  C   . LYS A 1 130 ? 12.108  -10.564 0.294   1.00 44.01 ? 130 LYS A C   1 
ATOM   1040 O  O   . LYS A 1 130 ? 13.122  -11.065 -0.187  1.00 45.36 ? 130 LYS A O   1 
ATOM   1041 C  CB  . LYS A 1 130 ? 12.349  -8.303  1.348   1.00 43.16 ? 130 LYS A CB  1 
ATOM   1042 C  CG  . LYS A 1 130 ? 13.856  -8.413  1.535   1.00 46.06 ? 130 LYS A CG  1 
ATOM   1043 C  CD  . LYS A 1 130 ? 14.382  -7.506  2.616   1.00 52.13 ? 130 LYS A CD  1 
ATOM   1044 C  CE  . LYS A 1 130 ? 15.905  -7.510  2.599   1.00 55.49 ? 130 LYS A CE  1 
ATOM   1045 N  NZ  . LYS A 1 130 ? 16.459  -6.324  3.321   1.00 58.03 ? 130 LYS A NZ  1 
ATOM   1046 N  N   . GLU A 1 131 ? 11.201  -11.263 0.975   1.00 44.27 ? 131 GLU A N   1 
ATOM   1047 C  CA  . GLU A 1 131 ? 11.361  -12.686 1.227   1.00 44.84 ? 131 GLU A CA  1 
ATOM   1048 C  C   . GLU A 1 131 ? 11.316  -13.434 -0.074  1.00 43.42 ? 131 GLU A C   1 
ATOM   1049 O  O   . GLU A 1 131 ? 12.111  -14.343 -0.295  1.00 42.51 ? 131 GLU A O   1 
ATOM   1050 C  CB  . GLU A 1 131 ? 10.225  -13.230 2.065   1.00 44.58 ? 131 GLU A CB  1 
ATOM   1051 C  CG  . GLU A 1 131 ? 10.278  -12.880 3.506   1.00 55.89 ? 131 GLU A CG  1 
ATOM   1052 C  CD  . GLU A 1 131 ? 9.046   -13.370 4.216   1.00 65.21 ? 131 GLU A CD  1 
ATOM   1053 O  OE1 . GLU A 1 131 ? 8.552   -14.477 3.836   1.00 63.96 ? 131 GLU A OE1 1 
ATOM   1054 O  OE2 . GLU A 1 131 ? 8.581   -12.635 5.121   1.00 55.40 ? 131 GLU A OE2 1 
ATOM   1055 N  N   . ILE A 1 132 ? 10.349  -13.059 -0.910  1.00 42.06 ? 132 ILE A N   1 
ATOM   1056 C  CA  . ILE A 1 132 ? 10.127  -13.731 -2.168  1.00 40.47 ? 132 ILE A CA  1 
ATOM   1057 C  C   . ILE A 1 132 ? 11.342  -13.502 -3.060  1.00 40.75 ? 132 ILE A C   1 
ATOM   1058 O  O   . ILE A 1 132 ? 11.869  -14.450 -3.605  1.00 38.80 ? 132 ILE A O   1 
ATOM   1059 C  CB  . ILE A 1 132 ? 8.807   -13.274 -2.843  1.00 42.43 ? 132 ILE A CB  1 
ATOM   1060 C  CG1 . ILE A 1 132 ? 7.602   -13.579 -1.935  1.00 37.32 ? 132 ILE A CG1 1 
ATOM   1061 C  CG2 . ILE A 1 132 ? 8.640   -13.945 -4.207  1.00 39.28 ? 132 ILE A CG2 1 
ATOM   1062 C  CD1 . ILE A 1 132 ? 6.264   -13.042 -2.448  1.00 36.80 ? 132 ILE A CD1 1 
ATOM   1063 N  N   . LEU A 1 133 ? 11.810  -12.257 -3.173  1.00 40.37 ? 133 LEU A N   1 
ATOM   1064 C  CA  . LEU A 1 133 ? 12.970  -11.983 -4.018  1.00 40.24 ? 133 LEU A CA  1 
ATOM   1065 C  C   . LEU A 1 133 ? 14.211  -12.726 -3.541  1.00 41.29 ? 133 LEU A C   1 
ATOM   1066 O  O   . LEU A 1 133 ? 14.953  -13.302 -4.357  1.00 41.34 ? 133 LEU A O   1 
ATOM   1067 C  CB  . LEU A 1 133 ? 13.259  -10.496 -4.146  1.00 38.74 ? 133 LEU A CB  1 
ATOM   1068 C  CG  . LEU A 1 133 ? 12.191  -9.637  -4.817  1.00 38.81 ? 133 LEU A CG  1 
ATOM   1069 C  CD1 . LEU A 1 133 ? 12.402  -8.177  -4.440  1.00 35.71 ? 133 LEU A CD1 1 
ATOM   1070 C  CD2 . LEU A 1 133 ? 12.174  -9.813  -6.316  1.00 35.75 ? 133 LEU A CD2 1 
ATOM   1071 N  N   . GLN A 1 134 ? 14.422  -12.738 -2.229  1.00 40.82 ? 134 GLN A N   1 
ATOM   1072 C  CA  . GLN A 1 134 ? 15.584  -13.420 -1.658  1.00 40.62 ? 134 GLN A CA  1 
ATOM   1073 C  C   . GLN A 1 134 ? 15.514  -14.955 -1.742  1.00 41.29 ? 134 GLN A C   1 
ATOM   1074 O  O   . GLN A 1 134 ? 16.543  -15.599 -1.940  1.00 40.63 ? 134 GLN A O   1 
ATOM   1075 C  CB  . GLN A 1 134 ? 15.830  -12.961 -0.233  1.00 39.73 ? 134 GLN A CB  1 
ATOM   1076 C  CG  . GLN A 1 134 ? 16.323  -11.509 -0.128  1.00 42.50 ? 134 GLN A CG  1 
ATOM   1077 C  CD  . GLN A 1 134 ? 16.511  -11.069 1.318   1.00 48.21 ? 134 GLN A CD  1 
ATOM   1078 O  OE1 . GLN A 1 134 ? 15.675  -11.358 2.186   1.00 48.45 ? 134 GLN A OE1 1 
ATOM   1079 N  NE2 . GLN A 1 134 ? 17.614  -10.366 1.587   1.00 50.45 ? 134 GLN A NE2 1 
ATOM   1080 N  N   . GLU A 1 135 ? 14.312  -15.530 -1.611  1.00 39.29 ? 135 GLU A N   1 
ATOM   1081 C  CA  . GLU A 1 135 ? 14.141  -16.971 -1.753  1.00 40.02 ? 135 GLU A CA  1 
ATOM   1082 C  C   . GLU A 1 135 ? 14.432  -17.353 -3.205  1.00 40.43 ? 135 GLU A C   1 
ATOM   1083 O  O   . GLU A 1 135 ? 15.075  -18.368 -3.468  1.00 40.60 ? 135 GLU A O   1 
ATOM   1084 C  CB  . GLU A 1 135 ? 12.726  -17.417 -1.341  1.00 39.21 ? 135 GLU A CB  1 
ATOM   1085 C  CG  . GLU A 1 135 ? 12.424  -18.922 -1.575  1.00 38.99 ? 135 GLU A CG  1 
ATOM   1086 C  CD  . GLU A 1 135 ? 13.017  -19.857 -0.515  1.00 44.47 ? 135 GLU A CD  1 
ATOM   1087 O  OE1 . GLU A 1 135 ? 12.985  -19.497 0.682   1.00 36.64 ? 135 GLU A OE1 1 
ATOM   1088 O  OE2 . GLU A 1 135 ? 13.488  -20.977 -0.867  1.00 44.34 ? 135 GLU A OE2 1 
ATOM   1089 N  N   . GLY A 1 136 ? 13.961  -16.513 -4.130  1.00 39.96 ? 136 GLY A N   1 
ATOM   1090 C  CA  . GLY A 1 136 ? 14.242  -16.635 -5.541  1.00 38.71 ? 136 GLY A CA  1 
ATOM   1091 C  C   . GLY A 1 136 ? 15.717  -16.567 -5.863  1.00 39.95 ? 136 GLY A C   1 
ATOM   1092 O  O   . GLY A 1 136 ? 16.225  -17.378 -6.663  1.00 40.13 ? 136 GLY A O   1 
ATOM   1093 N  N   . GLU A 1 137 ? 16.408  -15.604 -5.253  1.00 38.59 ? 137 GLU A N   1 
ATOM   1094 C  CA  . GLU A 1 137 ? 17.854  -15.477 -5.433  1.00 38.54 ? 137 GLU A CA  1 
ATOM   1095 C  C   . GLU A 1 137 ? 18.583  -16.704 -4.883  1.00 37.13 ? 137 GLU A C   1 
ATOM   1096 O  O   . GLU A 1 137 ? 19.440  -17.275 -5.546  1.00 37.36 ? 137 GLU A O   1 
ATOM   1097 C  CB  . GLU A 1 137 ? 18.372  -14.215 -4.761  1.00 35.72 ? 137 GLU A CB  1 
ATOM   1098 C  CG  . GLU A 1 137 ? 19.823  -13.904 -5.076  1.00 36.61 ? 137 GLU A CG  1 
ATOM   1099 C  CD  . GLU A 1 137 ? 20.290  -12.583 -4.451  1.00 45.58 ? 137 GLU A CD  1 
ATOM   1100 O  OE1 . GLU A 1 137 ? 19.719  -12.144 -3.418  1.00 54.46 ? 137 GLU A OE1 1 
ATOM   1101 O  OE2 . GLU A 1 137 ? 21.237  -11.983 -4.999  1.00 56.52 ? 137 GLU A OE2 1 
ATOM   1102 N  N   . LYS A 1 138 ? 18.230  -17.094 -3.662  1.00 37.53 ? 138 LYS A N   1 
ATOM   1103 C  CA  . LYS A 1 138 ? 18.789  -18.263 -3.012  1.00 37.47 ? 138 LYS A CA  1 
ATOM   1104 C  C   . LYS A 1 138 ? 18.619  -19.518 -3.897  1.00 38.86 ? 138 LYS A C   1 
ATOM   1105 O  O   . LYS A 1 138 ? 19.562  -20.282 -4.070  1.00 39.14 ? 138 LYS A O   1 
ATOM   1106 C  CB  . LYS A 1 138 ? 18.151  -18.451 -1.627  1.00 35.62 ? 138 LYS A CB  1 
ATOM   1107 C  CG  . LYS A 1 138 ? 18.672  -19.649 -0.822  1.00 39.11 ? 138 LYS A CG  1 
ATOM   1108 C  CD  . LYS A 1 138 ? 17.968  -19.782 0.529   1.00 37.95 ? 138 LYS A CD  1 
ATOM   1109 C  CE  . LYS A 1 138 ? 16.463  -20.057 0.383   1.00 40.50 ? 138 LYS A CE  1 
ATOM   1110 N  NZ  . LYS A 1 138 ? 15.668  -19.704 1.615   1.00 35.57 ? 138 LYS A NZ  1 
ATOM   1111 N  N   . GLN A 1 139 ? 17.427  -19.707 -4.460  1.00 37.62 ? 139 GLN A N   1 
ATOM   1112 C  CA  . GLN A 1 139 ? 17.160  -20.829 -5.364  1.00 36.46 ? 139 GLN A CA  1 
ATOM   1113 C  C   . GLN A 1 139 ? 17.771  -20.669 -6.761  1.00 37.55 ? 139 GLN A C   1 
ATOM   1114 O  O   . GLN A 1 139 ? 17.640  -21.570 -7.604  1.00 38.10 ? 139 GLN A O   1 
ATOM   1115 C  CB  . GLN A 1 139 ? 15.659  -21.076 -5.490  1.00 36.22 ? 139 GLN A CB  1 
ATOM   1116 C  CG  . GLN A 1 139 ? 14.949  -21.402 -4.174  1.00 33.14 ? 139 GLN A CG  1 
ATOM   1117 C  CD  . GLN A 1 139 ? 13.532  -21.861 -4.412  1.00 35.47 ? 139 GLN A CD  1 
ATOM   1118 O  OE1 . GLN A 1 139 ? 13.163  -22.195 -5.542  1.00 39.64 ? 139 GLN A OE1 1 
ATOM   1119 N  NE2 . GLN A 1 139 ? 12.725  -21.892 -3.356  1.00 31.95 ? 139 GLN A NE2 1 
ATOM   1120 N  N   . GLY A 1 140 ? 18.444  -19.538 -7.000  1.00 37.70 ? 140 GLY A N   1 
ATOM   1121 C  CA  . GLY A 1 140 ? 19.216  -19.310 -8.241  1.00 36.24 ? 140 GLY A CA  1 
ATOM   1122 C  C   . GLY A 1 140 ? 18.386  -18.882 -9.445  1.00 38.31 ? 140 GLY A C   1 
ATOM   1123 O  O   . GLY A 1 140 ? 18.915  -18.748 -10.551 1.00 38.08 ? 140 GLY A O   1 
ATOM   1124 N  N   . VAL A 1 141 ? 17.087  -18.662 -9.233  1.00 39.56 ? 141 VAL A N   1 
ATOM   1125 C  CA  . VAL A 1 141 ? 16.179  -18.266 -10.313 1.00 39.74 ? 141 VAL A CA  1 
ATOM   1126 C  C   . VAL A 1 141 ? 16.130  -16.727 -10.559 1.00 40.30 ? 141 VAL A C   1 
ATOM   1127 O  O   . VAL A 1 141 ? 15.925  -16.278 -11.686 1.00 40.05 ? 141 VAL A O   1 
ATOM   1128 C  CB  . VAL A 1 141 ? 14.760  -18.901 -10.114 1.00 40.07 ? 141 VAL A CB  1 
ATOM   1129 C  CG1 . VAL A 1 141 ? 13.959  -18.204 -9.001  1.00 35.63 ? 141 VAL A CG1 1 
ATOM   1130 C  CG2 . VAL A 1 141 ? 13.990  -18.921 -11.407 1.00 41.40 ? 141 VAL A CG2 1 
ATOM   1131 N  N   . PHE A 1 142 ? 16.332  -15.934 -9.507  1.00 40.71 ? 142 PHE A N   1 
ATOM   1132 C  CA  . PHE A 1 142 ? 16.385  -14.465 -9.628  1.00 41.35 ? 142 PHE A CA  1 
ATOM   1133 C  C   . PHE A 1 142 ? 17.828  -13.964 -9.562  1.00 43.49 ? 142 PHE A C   1 
ATOM   1134 O  O   . PHE A 1 142 ? 18.664  -14.536 -8.848  1.00 46.19 ? 142 PHE A O   1 
ATOM   1135 C  CB  . PHE A 1 142 ? 15.548  -13.775 -8.557  1.00 40.33 ? 142 PHE A CB  1 
ATOM   1136 C  CG  . PHE A 1 142 ? 14.065  -14.054 -8.652  1.00 37.37 ? 142 PHE A CG  1 
ATOM   1137 C  CD1 . PHE A 1 142 ? 13.461  -14.370 -9.870  1.00 38.33 ? 142 PHE A CD1 1 
ATOM   1138 C  CD2 . PHE A 1 142 ? 13.269  -13.972 -7.514  1.00 34.46 ? 142 PHE A CD2 1 
ATOM   1139 C  CE1 . PHE A 1 142 ? 12.087  -14.623 -9.937  1.00 39.36 ? 142 PHE A CE1 1 
ATOM   1140 C  CE2 . PHE A 1 142 ? 11.894  -14.221 -7.570  1.00 38.99 ? 142 PHE A CE2 1 
ATOM   1141 C  CZ  . PHE A 1 142 ? 11.304  -14.538 -8.775  1.00 40.25 ? 142 PHE A CZ  1 
ATOM   1142 N  N   . HIS A 1 143 ? 18.130  -12.930 -10.343 1.00 42.56 ? 143 HIS A N   1 
ATOM   1143 C  CA  . HIS A 1 143 ? 19.469  -12.366 -10.385 1.00 43.08 ? 143 HIS A CA  1 
ATOM   1144 C  C   . HIS A 1 143 ? 19.368  -10.852 -10.311 1.00 43.18 ? 143 HIS A C   1 
ATOM   1145 O  O   . HIS A 1 143 ? 18.619  -10.250 -11.078 1.00 44.34 ? 143 HIS A O   1 
ATOM   1146 C  CB  . HIS A 1 143 ? 20.185  -12.793 -11.663 1.00 41.90 ? 143 HIS A CB  1 
ATOM   1147 C  CG  . HIS A 1 143 ? 20.184  -14.271 -11.882 1.00 48.10 ? 143 HIS A CG  1 
ATOM   1148 N  ND1 . HIS A 1 143 ? 21.052  -15.119 -11.229 1.00 51.37 ? 143 HIS A ND1 1 
ATOM   1149 C  CD2 . HIS A 1 143 ? 19.407  -15.057 -12.664 1.00 50.15 ? 143 HIS A CD2 1 
ATOM   1150 C  CE1 . HIS A 1 143 ? 20.814  -16.362 -11.603 1.00 42.33 ? 143 HIS A CE1 1 
ATOM   1151 N  NE2 . HIS A 1 143 ? 19.823  -16.351 -12.476 1.00 47.64 ? 143 HIS A NE2 1 
ATOM   1152 N  N   . PHE A 1 144 ? 20.101  -10.247 -9.378  1.00 42.40 ? 144 PHE A N   1 
ATOM   1153 C  CA  . PHE A 1 144 ? 20.128  -8.782  -9.244  1.00 43.56 ? 144 PHE A CA  1 
ATOM   1154 C  C   . PHE A 1 144 ? 21.341  -8.294  -8.464  1.00 44.03 ? 144 PHE A C   1 
ATOM   1155 O  O   . PHE A 1 144 ? 21.855  -8.989  -7.580  1.00 42.21 ? 144 PHE A O   1 
ATOM   1156 C  CB  . PHE A 1 144 ? 18.834  -8.228  -8.623  1.00 41.87 ? 144 PHE A CB  1 
ATOM   1157 C  CG  . PHE A 1 144 ? 18.320  -9.027  -7.443  1.00 43.95 ? 144 PHE A CG  1 
ATOM   1158 C  CD1 . PHE A 1 144 ? 17.236  -9.911  -7.602  1.00 44.58 ? 144 PHE A CD1 1 
ATOM   1159 C  CD2 . PHE A 1 144 ? 18.907  -8.890  -6.177  1.00 36.38 ? 144 PHE A CD2 1 
ATOM   1160 C  CE1 . PHE A 1 144 ? 16.754  -10.649 -6.513  1.00 43.10 ? 144 PHE A CE1 1 
ATOM   1161 C  CE2 . PHE A 1 144 ? 18.429  -9.623  -5.090  1.00 37.44 ? 144 PHE A CE2 1 
ATOM   1162 C  CZ  . PHE A 1 144 ? 17.353  -10.489 -5.253  1.00 36.79 ? 144 PHE A CZ  1 
ATOM   1163 N  N   . PHE A 1 145 ? 21.798  -7.096  -8.820  1.00 45.62 ? 145 PHE A N   1 
ATOM   1164 C  CA  . PHE A 1 145 ? 22.922  -6.449  -8.149  1.00 47.48 ? 145 PHE A CA  1 
ATOM   1165 C  C   . PHE A 1 145 ? 22.547  -6.112  -6.693  1.00 47.29 ? 145 PHE A C   1 
ATOM   1166 O  O   . PHE A 1 145 ? 23.216  -6.549  -5.741  1.00 45.70 ? 145 PHE A O   1 
ATOM   1167 C  CB  . PHE A 1 145 ? 23.340  -5.183  -8.930  1.00 47.70 ? 145 PHE A CB  1 
ATOM   1168 C  CG  . PHE A 1 145 ? 24.482  -4.419  -8.303  1.00 47.92 ? 145 PHE A CG  1 
ATOM   1169 C  CD1 . PHE A 1 145 ? 24.241  -3.268  -7.559  1.00 47.66 ? 145 PHE A CD1 1 
ATOM   1170 C  CD2 . PHE A 1 145 ? 25.798  -4.852  -8.463  1.00 52.68 ? 145 PHE A CD2 1 
ATOM   1171 C  CE1 . PHE A 1 145 ? 25.287  -2.564  -6.975  1.00 49.07 ? 145 PHE A CE1 1 
ATOM   1172 C  CE2 . PHE A 1 145 ? 26.855  -4.149  -7.884  1.00 53.05 ? 145 PHE A CE2 1 
ATOM   1173 C  CZ  . PHE A 1 145 ? 26.597  -3.002  -7.138  1.00 48.61 ? 145 PHE A CZ  1 
ATOM   1174 N  N   . SER A 1 146 ? 21.459  -5.365  -6.545  1.00 47.04 ? 146 SER A N   1 
ATOM   1175 C  CA  . SER A 1 146 ? 21.021  -4.867  -5.249  1.00 49.42 ? 146 SER A CA  1 
ATOM   1176 C  C   . SER A 1 146 ? 19.573  -5.242  -4.980  1.00 49.88 ? 146 SER A C   1 
ATOM   1177 O  O   . SER A 1 146 ? 18.671  -4.890  -5.749  1.00 50.80 ? 146 SER A O   1 
ATOM   1178 C  CB  . SER A 1 146 ? 21.175  -3.343  -5.189  1.00 49.06 ? 146 SER A CB  1 
ATOM   1179 O  OG  . SER A 1 146 ? 20.229  -2.767  -4.302  1.00 50.60 ? 146 SER A OG  1 
ATOM   1180 N  N   . ILE A 1 147 ? 19.352  -5.959  -3.881  1.00 51.21 ? 147 ILE A N   1 
ATOM   1181 C  CA  . ILE A 1 147 ? 17.992  -6.262  -3.459  1.00 52.26 ? 147 ILE A CA  1 
ATOM   1182 C  C   . ILE A 1 147 ? 17.225  -4.947  -3.239  1.00 51.11 ? 147 ILE A C   1 
ATOM   1183 O  O   . ILE A 1 147 ? 16.079  -4.812  -3.670  1.00 50.42 ? 147 ILE A O   1 
ATOM   1184 C  CB  . ILE A 1 147 ? 17.964  -7.230  -2.240  1.00 52.89 ? 147 ILE A CB  1 
ATOM   1185 C  CG1 . ILE A 1 147 ? 16.548  -7.342  -1.646  1.00 56.17 ? 147 ILE A CG1 1 
ATOM   1186 C  CG2 . ILE A 1 147 ? 18.973  -6.812  -1.169  1.00 53.76 ? 147 ILE A CG2 1 
ATOM   1187 C  CD1 . ILE A 1 147 ? 15.606  -8.276  -2.402  1.00 44.14 ? 147 ILE A CD1 1 
ATOM   1188 N  N   . ASN A 1 148 ? 17.896  -3.961  -2.640  1.00 51.77 ? 148 ASN A N   1 
ATOM   1189 C  CA  . ASN A 1 148 ? 17.325  -2.630  -2.412  1.00 49.93 ? 148 ASN A CA  1 
ATOM   1190 C  C   . ASN A 1 148 ? 16.785  -1.906  -3.651  1.00 50.66 ? 148 ASN A C   1 
ATOM   1191 O  O   . ASN A 1 148 ? 15.639  -1.422  -3.635  1.00 51.62 ? 148 ASN A O   1 
ATOM   1192 C  CB  . ASN A 1 148 ? 18.336  -1.732  -1.697  1.00 51.31 ? 148 ASN A CB  1 
ATOM   1193 C  CG  . ASN A 1 148 ? 18.678  -2.236  -0.313  1.00 50.69 ? 148 ASN A CG  1 
ATOM   1194 O  OD1 . ASN A 1 148 ? 18.100  -3.209  0.170   1.00 52.72 ? 148 ASN A OD1 1 
ATOM   1195 N  ND2 . ASN A 1 148 ? 19.623  -1.575  0.336   1.00 47.53 ? 148 ASN A ND2 1 
ATOM   1196 N  N   . HIS A 1 149 ? 17.598  -1.810  -4.710  1.00 48.74 ? 149 HIS A N   1 
ATOM   1197 C  CA  . HIS A 1 149 ? 17.172  -1.103  -5.925  1.00 46.97 ? 149 HIS A CA  1 
ATOM   1198 C  C   . HIS A 1 149 ? 15.998  -1.827  -6.551  1.00 46.58 ? 149 HIS A C   1 
ATOM   1199 O  O   . HIS A 1 149 ? 15.068  -1.186  -7.055  1.00 44.47 ? 149 HIS A O   1 
ATOM   1200 C  CB  . HIS A 1 149 ? 18.300  -0.987  -6.960  1.00 47.73 ? 149 HIS A CB  1 
ATOM   1201 C  CG  . HIS A 1 149 ? 19.523  -0.283  -6.461  1.00 50.11 ? 149 HIS A CG  1 
ATOM   1202 N  ND1 . HIS A 1 149 ? 19.514  0.546   -5.356  1.00 56.84 ? 149 HIS A ND1 1 
ATOM   1203 C  CD2 . HIS A 1 149 ? 20.790  -0.265  -6.934  1.00 53.44 ? 149 HIS A CD2 1 
ATOM   1204 C  CE1 . HIS A 1 149 ? 20.729  1.027   -5.160  1.00 59.51 ? 149 HIS A CE1 1 
ATOM   1205 N  NE2 . HIS A 1 149 ? 21.522  0.549   -6.102  1.00 57.66 ? 149 HIS A NE2 1 
ATOM   1206 N  N   . THR A 1 150 ? 16.065  -3.170  -6.510  1.00 45.32 ? 150 THR A N   1 
ATOM   1207 C  CA  . THR A 1 150 ? 15.018  -4.040  -7.042  1.00 44.20 ? 150 THR A CA  1 
ATOM   1208 C  C   . THR A 1 150 ? 13.702  -3.825  -6.311  1.00 44.25 ? 150 THR A C   1 
ATOM   1209 O  O   . THR A 1 150 ? 12.629  -3.798  -6.927  1.00 43.59 ? 150 THR A O   1 
ATOM   1210 C  CB  . THR A 1 150 ? 15.398  -5.536  -6.941  1.00 44.80 ? 150 THR A CB  1 
ATOM   1211 O  OG1 . THR A 1 150 ? 16.642  -5.771  -7.613  1.00 43.86 ? 150 THR A OG1 1 
ATOM   1212 C  CG2 . THR A 1 150 ? 14.328  -6.374  -7.582  1.00 39.25 ? 150 THR A CG2 1 
ATOM   1213 N  N   . ILE A 1 151 ? 13.795  -3.709  -4.988  1.00 44.68 ? 151 ILE A N   1 
ATOM   1214 C  CA  . ILE A 1 151 ? 12.641  -3.363  -4.177  1.00 45.57 ? 151 ILE A CA  1 
ATOM   1215 C  C   . ILE A 1 151 ? 12.168  -1.962  -4.563  1.00 46.16 ? 151 ILE A C   1 
ATOM   1216 O  O   . ILE A 1 151 ? 10.988  -1.776  -4.902  1.00 44.73 ? 151 ILE A O   1 
ATOM   1217 C  CB  . ILE A 1 151 ? 12.949  -3.466  -2.672  1.00 46.45 ? 151 ILE A CB  1 
ATOM   1218 C  CG1 . ILE A 1 151 ? 13.134  -4.951  -2.293  1.00 45.29 ? 151 ILE A CG1 1 
ATOM   1219 C  CG2 . ILE A 1 151 ? 11.830  -2.810  -1.875  1.00 40.66 ? 151 ILE A CG2 1 
ATOM   1220 C  CD1 . ILE A 1 151 ? 13.620  -5.212  -0.873  1.00 48.33 ? 151 ILE A CD1 1 
ATOM   1221 N  N   . HIS A 1 152 ? 13.098  -1.000  -4.552  1.00 47.08 ? 152 HIS A N   1 
ATOM   1222 C  CA  . HIS A 1 152 ? 12.828  0.356   -5.055  1.00 48.23 ? 152 HIS A CA  1 
ATOM   1223 C  C   . HIS A 1 152 ? 12.020  0.339   -6.363  1.00 50.54 ? 152 HIS A C   1 
ATOM   1224 O  O   . HIS A 1 152 ? 10.884  0.832   -6.374  1.00 51.56 ? 152 HIS A O   1 
ATOM   1225 C  CB  . HIS A 1 152 ? 14.125  1.135   -5.272  1.00 48.00 ? 152 HIS A CB  1 
ATOM   1226 C  CG  . HIS A 1 152 ? 14.573  1.930   -4.085  1.00 45.64 ? 152 HIS A CG  1 
ATOM   1227 N  ND1 . HIS A 1 152 ? 14.252  3.262   -3.917  1.00 46.82 ? 152 HIS A ND1 1 
ATOM   1228 C  CD2 . HIS A 1 152 ? 15.351  1.595   -3.031  1.00 37.65 ? 152 HIS A CD2 1 
ATOM   1229 C  CE1 . HIS A 1 152 ? 14.798  3.707   -2.800  1.00 44.08 ? 152 HIS A CE1 1 
ATOM   1230 N  NE2 . HIS A 1 152 ? 15.467  2.713   -2.242  1.00 41.57 ? 152 HIS A NE2 1 
ATOM   1231 N  N   . TRP A 1 153 ? 12.581  -0.254  -7.437  1.00 50.57 ? 153 TRP A N   1 
ATOM   1232 C  CA  . TRP A 1 153 ? 11.970  -0.171  -8.783  1.00 50.21 ? 153 TRP A CA  1 
ATOM   1233 C  C   . TRP A 1 153 ? 10.715  -0.993  -8.993  1.00 49.94 ? 153 TRP A C   1 
ATOM   1234 O  O   . TRP A 1 153 ? 9.887   -0.641  -9.835  1.00 51.69 ? 153 TRP A O   1 
ATOM   1235 C  CB  . TRP A 1 153 ? 12.979  -0.366  -9.962  1.00 50.44 ? 153 TRP A CB  1 
ATOM   1236 C  CG  . TRP A 1 153 ? 13.427  -1.780  -10.320 1.00 49.26 ? 153 TRP A CG  1 
ATOM   1237 C  CD1 . TRP A 1 153 ? 14.651  -2.336  -10.057 1.00 49.93 ? 153 TRP A CD1 1 
ATOM   1238 C  CD2 . TRP A 1 153 ? 12.681  -2.789  -11.047 1.00 54.40 ? 153 TRP A CD2 1 
ATOM   1239 N  NE1 . TRP A 1 153 ? 14.708  -3.633  -10.546 1.00 50.21 ? 153 TRP A NE1 1 
ATOM   1240 C  CE2 . TRP A 1 153 ? 13.518  -3.938  -11.152 1.00 48.08 ? 153 TRP A CE2 1 
ATOM   1241 C  CE3 . TRP A 1 153 ? 11.386  -2.842  -11.603 1.00 50.79 ? 153 TRP A CE3 1 
ATOM   1242 C  CZ2 . TRP A 1 153 ? 13.101  -5.127  -11.781 1.00 46.76 ? 153 TRP A CZ2 1 
ATOM   1243 C  CZ3 . TRP A 1 153 ? 10.972  -4.033  -12.232 1.00 49.81 ? 153 TRP A CZ3 1 
ATOM   1244 C  CH2 . TRP A 1 153 ? 11.833  -5.156  -12.315 1.00 47.90 ? 153 TRP A CH2 1 
ATOM   1245 N  N   . ILE A 1 154 ? 10.553  -2.079  -8.244  1.00 49.37 ? 154 ILE A N   1 
ATOM   1246 C  CA  . ILE A 1 154 ? 9.340   -2.876  -8.381  1.00 48.18 ? 154 ILE A CA  1 
ATOM   1247 C  C   . ILE A 1 154 ? 8.202   -2.062  -7.791  1.00 48.66 ? 154 ILE A C   1 
ATOM   1248 O  O   . ILE A 1 154 ? 7.175   -1.885  -8.430  1.00 49.21 ? 154 ILE A O   1 
ATOM   1249 C  CB  . ILE A 1 154 ? 9.443   -4.280  -7.732  1.00 46.39 ? 154 ILE A CB  1 
ATOM   1250 C  CG1 . ILE A 1 154 ? 10.403  -5.161  -8.533  1.00 49.23 ? 154 ILE A CG1 1 
ATOM   1251 C  CG2 . ILE A 1 154 ? 8.063   -4.939  -7.687  1.00 43.71 ? 154 ILE A CG2 1 
ATOM   1252 C  CD1 . ILE A 1 154 ? 10.742  -6.521  -7.891  1.00 48.11 ? 154 ILE A CD1 1 
ATOM   1253 N  N   . THR A 1 155 ? 8.418   -1.558  -6.578  1.00 50.51 ? 155 THR A N   1 
ATOM   1254 C  CA  . THR A 1 155 ? 7.475   -0.669  -5.876  1.00 51.86 ? 155 THR A CA  1 
ATOM   1255 C  C   . THR A 1 155 ? 6.981   0.485   -6.752  1.00 50.33 ? 155 THR A C   1 
ATOM   1256 O  O   . THR A 1 155 ? 5.776   0.642   -6.970  1.00 48.67 ? 155 THR A O   1 
ATOM   1257 C  CB  . THR A 1 155 ? 8.121   -0.098  -4.596  1.00 51.29 ? 155 THR A CB  1 
ATOM   1258 O  OG1 . THR A 1 155 ? 8.600   -1.182  -3.792  1.00 54.46 ? 155 THR A OG1 1 
ATOM   1259 C  CG2 . THR A 1 155 ? 7.115   0.702   -3.794  1.00 54.81 ? 155 THR A CG2 1 
ATOM   1260 N  N   . SER A 1 156 ? 7.927   1.266   -7.264  1.00 51.45 ? 156 SER A N   1 
ATOM   1261 C  CA  . SER A 1 156 ? 7.618   2.418   -8.107  1.00 52.05 ? 156 SER A CA  1 
ATOM   1262 C  C   . SER A 1 156 ? 6.708   2.082   -9.294  1.00 52.51 ? 156 SER A C   1 
ATOM   1263 O  O   . SER A 1 156 ? 5.675   2.735   -9.464  1.00 53.26 ? 156 SER A O   1 
ATOM   1264 C  CB  . SER A 1 156 ? 8.897   3.097   -8.584  1.00 52.20 ? 156 SER A CB  1 
ATOM   1265 O  OG  . SER A 1 156 ? 8.600   4.234   -9.385  1.00 58.73 ? 156 SER A OG  1 
ATOM   1266 N  N   . ILE A 1 157 ? 7.058   1.061   -10.089 1.00 51.20 ? 157 ILE A N   1 
ATOM   1267 C  CA  . ILE A 1 157 ? 6.290   0.768   -11.306 1.00 50.36 ? 157 ILE A CA  1 
ATOM   1268 C  C   . ILE A 1 157 ? 4.942   0.103   -11.046 1.00 49.68 ? 157 ILE A C   1 
ATOM   1269 O  O   . ILE A 1 157 ? 4.074   0.070   -11.926 1.00 49.52 ? 157 ILE A O   1 
ATOM   1270 C  CB  . ILE A 1 157 ? 7.102   -0.030  -12.367 1.00 50.46 ? 157 ILE A CB  1 
ATOM   1271 C  CG1 . ILE A 1 157 ? 6.624   0.365   -13.776 1.00 50.19 ? 157 ILE A CG1 1 
ATOM   1272 C  CG2 . ILE A 1 157 ? 7.056   -1.568  -12.089 1.00 51.32 ? 157 ILE A CG2 1 
ATOM   1273 C  CD1 . ILE A 1 157 ? 7.023   -0.597  -14.916 1.00 53.60 ? 157 ILE A CD1 1 
ATOM   1274 N  N   . VAL A 1 158 ? 4.770   -0.420  -9.837  1.00 49.53 ? 158 VAL A N   1 
ATOM   1275 C  CA  . VAL A 1 158 ? 3.530   -1.078  -9.435  1.00 48.88 ? 158 VAL A CA  1 
ATOM   1276 C  C   . VAL A 1 158 ? 2.578   -0.039  -8.838  1.00 49.27 ? 158 VAL A C   1 
ATOM   1277 O  O   . VAL A 1 158 ? 1.401   0.032   -9.214  1.00 49.23 ? 158 VAL A O   1 
ATOM   1278 C  CB  . VAL A 1 158 ? 3.816   -2.226  -8.420  1.00 49.11 ? 158 VAL A CB  1 
ATOM   1279 C  CG1 . VAL A 1 158 ? 2.528   -2.749  -7.792  1.00 48.19 ? 158 VAL A CG1 1 
ATOM   1280 C  CG2 . VAL A 1 158 ? 4.577   -3.362  -9.099  1.00 49.11 ? 158 VAL A CG2 1 
ATOM   1281 N  N   . LEU A 1 159 ? 3.105   0.766   -7.915  1.00 48.89 ? 159 LEU A N   1 
ATOM   1282 C  CA  . LEU A 1 159 ? 2.333   1.816   -7.245  1.00 49.10 ? 159 LEU A CA  1 
ATOM   1283 C  C   . LEU A 1 159 ? 1.939   2.927   -8.190  1.00 48.90 ? 159 LEU A C   1 
ATOM   1284 O  O   . LEU A 1 159 ? 0.838   3.464   -8.096  1.00 49.96 ? 159 LEU A O   1 
ATOM   1285 C  CB  . LEU A 1 159 ? 3.125   2.413   -6.081  1.00 48.41 ? 159 LEU A CB  1 
ATOM   1286 C  CG  . LEU A 1 159 ? 3.079   1.667   -4.744  1.00 53.49 ? 159 LEU A CG  1 
ATOM   1287 C  CD1 . LEU A 1 159 ? 3.975   2.336   -3.724  1.00 53.63 ? 159 LEU A CD1 1 
ATOM   1288 C  CD2 . LEU A 1 159 ? 1.656   1.579   -4.202  1.00 52.53 ? 159 LEU A CD2 1 
ATOM   1289 N  N   . PHE A 1 160 ? 2.842   3.254   -9.111  1.00 48.65 ? 160 PHE A N   1 
ATOM   1290 C  CA  . PHE A 1 160 ? 2.703   4.438   -9.957  1.00 47.93 ? 160 PHE A CA  1 
ATOM   1291 C  C   . PHE A 1 160 ? 2.754   4.100   -11.465 1.00 48.55 ? 160 PHE A C   1 
ATOM   1292 O  O   . PHE A 1 160 ? 3.805   4.241   -12.101 1.00 47.62 ? 160 PHE A O   1 
ATOM   1293 C  CB  . PHE A 1 160 ? 3.748   5.488   -9.544  1.00 45.96 ? 160 PHE A CB  1 
ATOM   1294 C  CG  . PHE A 1 160 ? 3.850   5.684   -8.037  1.00 46.70 ? 160 PHE A CG  1 
ATOM   1295 C  CD1 . PHE A 1 160 ? 2.794   6.240   -7.313  1.00 41.28 ? 160 PHE A CD1 1 
ATOM   1296 C  CD2 . PHE A 1 160 ? 4.993   5.298   -7.344  1.00 45.93 ? 160 PHE A CD2 1 
ATOM   1297 C  CE1 . PHE A 1 160 ? 2.880   6.409   -5.914  1.00 40.18 ? 160 PHE A CE1 1 
ATOM   1298 C  CE2 . PHE A 1 160 ? 5.088   5.470   -5.954  1.00 45.23 ? 160 PHE A CE2 1 
ATOM   1299 C  CZ  . PHE A 1 160 ? 4.026   6.024   -5.238  1.00 38.88 ? 160 PHE A CZ  1 
ATOM   1300 N  N   . PRO A 1 161 ? 1.609   3.630   -12.025 1.00 49.03 ? 161 PRO A N   1 
ATOM   1301 C  CA  . PRO A 1 161 ? 1.460   3.281   -13.438 1.00 49.73 ? 161 PRO A CA  1 
ATOM   1302 C  C   . PRO A 1 161 ? 1.479   4.473   -14.403 1.00 50.14 ? 161 PRO A C   1 
ATOM   1303 O  O   . PRO A 1 161 ? 1.770   4.279   -15.587 1.00 50.91 ? 161 PRO A O   1 
ATOM   1304 C  CB  . PRO A 1 161 ? 0.083   2.602   -13.491 1.00 49.09 ? 161 PRO A CB  1 
ATOM   1305 C  CG  . PRO A 1 161 ? -0.663  3.170   -12.367 1.00 49.79 ? 161 PRO A CG  1 
ATOM   1306 C  CD  . PRO A 1 161 ? 0.352   3.389   -11.284 1.00 49.97 ? 161 PRO A CD  1 
ATOM   1307 N  N   . LYS A 1 162 ? 1.159   5.677   -13.921 1.00 48.81 ? 162 LYS A N   1 
ATOM   1308 C  CA  . LYS A 1 162 ? 1.221   6.873   -14.771 1.00 48.03 ? 162 LYS A CA  1 
ATOM   1309 C  C   . LYS A 1 162 ? 2.660   7.392   -14.895 1.00 47.57 ? 162 LYS A C   1 
ATOM   1310 O  O   . LYS A 1 162 ? 3.033   7.983   -15.909 1.00 46.44 ? 162 LYS A O   1 
ATOM   1311 C  CB  . LYS A 1 162 ? 0.273   7.962   -14.283 1.00 47.23 ? 162 LYS A CB  1 
ATOM   1312 C  CG  . LYS A 1 162 ? -1.164  7.502   -14.071 1.00 49.48 ? 162 LYS A CG  1 
ATOM   1313 C  CD  . LYS A 1 162 ? -2.074  8.703   -13.765 1.00 54.42 ? 162 LYS A CD  1 
ATOM   1314 C  CE  . LYS A 1 162 ? -3.401  8.296   -13.116 1.00 63.21 ? 162 LYS A CE  1 
ATOM   1315 N  NZ  . LYS A 1 162 ? -3.230  7.608   -11.784 1.00 68.12 ? 162 LYS A NZ  1 
ATOM   1316 N  N   . PHE A 1 163 ? 3.480   7.141   -13.877 1.00 48.28 ? 163 PHE A N   1 
ATOM   1317 C  CA  . PHE A 1 163 ? 4.906   7.443   -13.968 1.00 48.56 ? 163 PHE A CA  1 
ATOM   1318 C  C   . PHE A 1 163 ? 5.590   6.468   -14.890 1.00 49.60 ? 163 PHE A C   1 
ATOM   1319 O  O   . PHE A 1 163 ? 6.609   6.811   -15.508 1.00 50.74 ? 163 PHE A O   1 
ATOM   1320 C  CB  . PHE A 1 163 ? 5.566   7.409   -12.592 1.00 49.09 ? 163 PHE A CB  1 
ATOM   1321 C  CG  . PHE A 1 163 ? 7.035   7.744   -12.609 1.00 49.53 ? 163 PHE A CG  1 
ATOM   1322 C  CD1 . PHE A 1 163 ? 7.487   8.957   -13.109 1.00 53.03 ? 163 PHE A CD1 1 
ATOM   1323 C  CD2 . PHE A 1 163 ? 7.961   6.866   -12.091 1.00 49.01 ? 163 PHE A CD2 1 
ATOM   1324 C  CE1 . PHE A 1 163 ? 8.835   9.271   -13.100 1.00 49.14 ? 163 PHE A CE1 1 
ATOM   1325 C  CE2 . PHE A 1 163 ? 9.310   7.180   -12.095 1.00 50.99 ? 163 PHE A CE2 1 
ATOM   1326 C  CZ  . PHE A 1 163 ? 9.743   8.381   -12.594 1.00 46.83 ? 163 PHE A CZ  1 
ATOM   1327 N  N   . LYS A 1 164 ? 5.039   5.250   -14.976 1.00 49.78 ? 164 LYS A N   1 
ATOM   1328 C  CA  . LYS A 1 164 ? 5.506   4.266   -15.944 1.00 51.06 ? 164 LYS A CA  1 
ATOM   1329 C  C   . LYS A 1 164 ? 5.353   4.834   -17.349 1.00 50.34 ? 164 LYS A C   1 
ATOM   1330 O  O   . LYS A 1 164 ? 6.291   4.779   -18.151 1.00 51.81 ? 164 LYS A O   1 
ATOM   1331 C  CB  . LYS A 1 164 ? 4.738   2.943   -15.818 1.00 53.45 ? 164 LYS A CB  1 
ATOM   1332 C  CG  . LYS A 1 164 ? 5.012   1.960   -16.951 0.01 51.56 ? 164 LYS A CG  1 
ATOM   1333 C  CD  . LYS A 1 164 ? 3.870   0.984   -17.121 0.01 51.94 ? 164 LYS A CD  1 
ATOM   1334 C  CE  . LYS A 1 164 ? 3.712   0.561   -18.573 0.01 51.89 ? 164 LYS A CE  1 
ATOM   1335 N  NZ  . LYS A 1 164 ? 2.588   -0.398  -18.755 0.01 51.81 ? 164 LYS A NZ  1 
ATOM   1336 N  N   . LYS A 1 165 ? 4.163   5.380   -17.617 1.00 48.92 ? 165 LYS A N   1 
ATOM   1337 C  CA  . LYS A 1 165 ? 3.843   6.075   -18.863 1.00 47.24 ? 165 LYS A CA  1 
ATOM   1338 C  C   . LYS A 1 165 ? 4.784   7.238   -19.159 1.00 46.03 ? 165 LYS A C   1 
ATOM   1339 O  O   . LYS A 1 165 ? 5.303   7.324   -20.255 1.00 46.34 ? 165 LYS A O   1 
ATOM   1340 C  CB  . LYS A 1 165 ? 2.380   6.535   -18.868 1.00 46.95 ? 165 LYS A CB  1 
ATOM   1341 C  CG  . LYS A 1 165 ? 1.361   5.402   -18.972 0.01 47.15 ? 165 LYS A CG  1 
ATOM   1342 C  CD  . LYS A 1 165 ? -0.074  5.919   -18.918 0.01 47.20 ? 165 LYS A CD  1 
ATOM   1343 C  CE  . LYS A 1 165 ? -0.518  6.516   -20.249 0.01 47.17 ? 165 LYS A CE  1 
ATOM   1344 N  NZ  . LYS A 1 165 ? -1.911  7.037   -20.186 0.01 47.14 ? 165 LYS A NZ  1 
ATOM   1345 N  N   . PHE A 1 166 ? 5.020   8.117   -18.184 1.00 46.25 ? 166 PHE A N   1 
ATOM   1346 C  CA  . PHE A 1 166 ? 5.952   9.249   -18.349 1.00 46.45 ? 166 PHE A CA  1 
ATOM   1347 C  C   . PHE A 1 166 ? 7.324   8.805   -18.799 1.00 49.23 ? 166 PHE A C   1 
ATOM   1348 O  O   . PHE A 1 166 ? 7.951   9.474   -19.617 1.00 49.03 ? 166 PHE A O   1 
ATOM   1349 C  CB  . PHE A 1 166 ? 6.108   10.011  -17.040 1.00 46.95 ? 166 PHE A CB  1 
ATOM   1350 C  CG  . PHE A 1 166 ? 7.173   11.086  -17.066 1.00 43.56 ? 166 PHE A CG  1 
ATOM   1351 C  CD1 . PHE A 1 166 ? 7.064   12.184  -17.917 1.00 47.91 ? 166 PHE A CD1 1 
ATOM   1352 C  CD2 . PHE A 1 166 ? 8.259   11.023  -16.199 1.00 41.79 ? 166 PHE A CD2 1 
ATOM   1353 C  CE1 . PHE A 1 166 ? 8.032   13.191  -17.916 1.00 49.08 ? 166 PHE A CE1 1 
ATOM   1354 C  CE2 . PHE A 1 166 ? 9.236   12.016  -16.195 1.00 35.20 ? 166 PHE A CE2 1 
ATOM   1355 C  CZ  . PHE A 1 166 ? 9.123   13.104  -17.049 1.00 48.11 ? 166 PHE A CZ  1 
ATOM   1356 N  N   . ILE A 1 167 ? 7.789   7.688   -18.232 1.00 51.62 ? 167 ILE A N   1 
ATOM   1357 C  CA  . ILE A 1 167 ? 9.084   7.108   -18.578 1.00 52.79 ? 167 ILE A CA  1 
ATOM   1358 C  C   . ILE A 1 167 ? 9.005   6.471   -19.957 1.00 53.91 ? 167 ILE A C   1 
ATOM   1359 O  O   . ILE A 1 167 ? 9.604   6.980   -20.918 1.00 53.85 ? 167 ILE A O   1 
ATOM   1360 C  CB  . ILE A 1 167 ? 9.566   6.072   -17.519 1.00 53.41 ? 167 ILE A CB  1 
ATOM   1361 C  CG1 . ILE A 1 167 ? 9.777   6.731   -16.143 1.00 52.40 ? 167 ILE A CG1 1 
ATOM   1362 C  CG2 . ILE A 1 167 ? 10.832  5.381   -17.981 1.00 53.46 ? 167 ILE A CG2 1 
ATOM   1363 C  CD1 . ILE A 1 167 ? 10.716  7.938   -16.147 1.00 51.27 ? 167 ILE A CD1 1 
ATOM   1364 N  N   . ASP A 1 168 ? 8.235   5.383   -20.054 1.00 54.22 ? 168 ASP A N   1 
ATOM   1365 C  CA  . ASP A 1 168 ? 8.053   4.644   -21.314 1.00 54.06 ? 168 ASP A CA  1 
ATOM   1366 C  C   . ASP A 1 168 ? 7.886   5.533   -22.538 1.00 52.81 ? 168 ASP A C   1 
ATOM   1367 O  O   . ASP A 1 168 ? 8.139   5.087   -23.651 1.00 54.27 ? 168 ASP A O   1 
ATOM   1368 C  CB  . ASP A 1 168 ? 6.857   3.679   -21.214 1.00 54.72 ? 168 ASP A CB  1 
ATOM   1369 C  CG  . ASP A 1 168 ? 7.284   2.229   -20.971 1.00 59.90 ? 168 ASP A CG  1 
ATOM   1370 O  OD1 . ASP A 1 168 ? 8.088   1.706   -21.782 1.00 64.73 ? 168 ASP A OD1 1 
ATOM   1371 O  OD2 . ASP A 1 168 ? 6.806   1.609   -19.981 1.00 59.76 ? 168 ASP A OD2 1 
ATOM   1372 N  N   . SER A 1 169 ? 7.464   6.780   -22.343 1.00 51.11 ? 169 SER A N   1 
ATOM   1373 C  CA  . SER A 1 169 ? 7.210   7.685   -23.465 1.00 51.71 ? 169 SER A CA  1 
ATOM   1374 C  C   . SER A 1 169 ? 8.444   8.469   -23.907 1.00 50.91 ? 169 SER A C   1 
ATOM   1375 O  O   . SER A 1 169 ? 9.305   8.800   -23.096 1.00 51.14 ? 169 SER A O   1 
ATOM   1376 C  CB  . SER A 1 169 ? 6.051   8.637   -23.146 1.00 50.89 ? 169 SER A CB  1 
ATOM   1377 O  OG  . SER A 1 169 ? 6.391   9.512   -22.088 1.00 51.73 ? 169 SER A OG  1 
ATOM   1378 N  N   . ASP A 1 186 ? 1.865   -8.828  -19.702 1.00 62.04 ? 186 ASP A N   1 
ATOM   1379 C  CA  . ASP A 1 186 ? 1.609   -7.592  -18.968 1.00 61.23 ? 186 ASP A CA  1 
ATOM   1380 C  C   . ASP A 1 186 ? 2.723   -7.332  -17.950 1.00 60.52 ? 186 ASP A C   1 
ATOM   1381 O  O   . ASP A 1 186 ? 3.765   -7.981  -17.995 1.00 60.84 ? 186 ASP A O   1 
ATOM   1382 C  CB  . ASP A 1 186 ? 0.235   -7.650  -18.288 1.00 61.75 ? 186 ASP A CB  1 
ATOM   1383 C  CG  . ASP A 1 186 ? -0.608  -6.405  -18.557 1.00 61.98 ? 186 ASP A CG  1 
ATOM   1384 O  OD1 . ASP A 1 186 ? -0.786  -6.049  -19.744 1.00 63.21 ? 186 ASP A OD1 1 
ATOM   1385 O  OD2 . ASP A 1 186 ? -1.105  -5.790  -17.585 1.00 58.95 ? 186 ASP A OD2 1 
ATOM   1386 N  N   . LEU A 1 187 ? 2.493   -6.395  -17.034 1.00 60.20 ? 187 LEU A N   1 
ATOM   1387 C  CA  . LEU A 1 187 ? 3.509   -5.935  -16.076 1.00 60.48 ? 187 LEU A CA  1 
ATOM   1388 C  C   . LEU A 1 187 ? 4.126   -7.027  -15.180 1.00 60.06 ? 187 LEU A C   1 
ATOM   1389 O  O   . LEU A 1 187 ? 5.333   -7.007  -14.916 1.00 59.27 ? 187 LEU A O   1 
ATOM   1390 C  CB  . LEU A 1 187 ? 2.953   -4.784  -15.219 1.00 60.25 ? 187 LEU A CB  1 
ATOM   1391 C  CG  . LEU A 1 187 ? 3.841   -4.157  -14.135 1.00 60.35 ? 187 LEU A CG  1 
ATOM   1392 C  CD1 . LEU A 1 187 ? 5.137   -3.595  -14.712 1.00 57.98 ? 187 LEU A CD1 1 
ATOM   1393 C  CD2 . LEU A 1 187 ? 3.081   -3.082  -13.370 1.00 61.46 ? 187 LEU A CD2 1 
ATOM   1394 N  N   . VAL A 1 188 ? 3.297   -7.956  -14.707 1.00 60.05 ? 188 VAL A N   1 
ATOM   1395 C  CA  . VAL A 1 188 ? 3.773   -9.089  -13.902 1.00 60.32 ? 188 VAL A CA  1 
ATOM   1396 C  C   . VAL A 1 188 ? 4.825   -9.908  -14.672 1.00 60.36 ? 188 VAL A C   1 
ATOM   1397 O  O   . VAL A 1 188 ? 5.923   -10.172 -14.163 1.00 59.37 ? 188 VAL A O   1 
ATOM   1398 C  CB  . VAL A 1 188 ? 2.607   -10.011 -13.469 1.00 61.27 ? 188 VAL A CB  1 
ATOM   1399 C  CG1 . VAL A 1 188 ? 3.095   -11.102 -12.501 1.00 60.30 ? 188 VAL A CG1 1 
ATOM   1400 C  CG2 . VAL A 1 188 ? 1.478   -9.197  -12.849 1.00 60.17 ? 188 VAL A CG2 1 
ATOM   1401 N  N   . SER A 1 189 ? 4.487   -10.283 -15.907 1.00 59.80 ? 189 SER A N   1 
ATOM   1402 C  CA  . SER A 1 189 ? 5.409   -10.999 -16.779 1.00 59.23 ? 189 SER A CA  1 
ATOM   1403 C  C   . SER A 1 189 ? 6.669   -10.196 -17.106 1.00 58.88 ? 189 SER A C   1 
ATOM   1404 O  O   . SER A 1 189 ? 7.756   -10.757 -17.193 1.00 60.49 ? 189 SER A O   1 
ATOM   1405 C  CB  . SER A 1 189 ? 4.699   -11.451 -18.050 1.00 59.53 ? 189 SER A CB  1 
ATOM   1406 O  OG  . SER A 1 189 ? 3.885   -12.575 -17.775 1.00 60.95 ? 189 SER A OG  1 
ATOM   1407 N  N   . ARG A 1 190 ? 6.520   -8.886  -17.270 1.00 58.44 ? 190 ARG A N   1 
ATOM   1408 C  CA  . ARG A 1 190 ? 7.663   -7.989  -17.467 1.00 57.93 ? 190 ARG A CA  1 
ATOM   1409 C  C   . ARG A 1 190 ? 8.624   -8.003  -16.275 1.00 57.12 ? 190 ARG A C   1 
ATOM   1410 O  O   . ARG A 1 190 ? 9.832   -8.010  -16.461 1.00 57.86 ? 190 ARG A O   1 
ATOM   1411 C  CB  . ARG A 1 190 ? 7.193   -6.554  -17.720 1.00 56.23 ? 190 ARG A CB  1 
ATOM   1412 C  CG  . ARG A 1 190 ? 6.325   -6.359  -18.947 1.00 60.66 ? 190 ARG A CG  1 
ATOM   1413 C  CD  . ARG A 1 190 ? 5.830   -4.917  -19.008 0.50 63.15 ? 190 ARG A CD  1 
ATOM   1414 N  NE  . ARG A 1 190 ? 4.680   -4.751  -19.891 0.50 61.89 ? 190 ARG A NE  1 
ATOM   1415 C  CZ  . ARG A 1 190 ? 3.857   -3.705  -19.863 0.50 63.12 ? 190 ARG A CZ  1 
ATOM   1416 N  NH1 . ARG A 1 190 ? 2.838   -3.640  -20.708 0.50 63.51 ? 190 ARG A NH1 1 
ATOM   1417 N  NH2 . ARG A 1 190 ? 4.046   -2.723  -18.990 0.50 63.72 ? 190 ARG A NH2 1 
ATOM   1418 N  N   . ILE A 1 191 ? 8.086   -7.990  -15.056 1.00 56.82 ? 191 ILE A N   1 
ATOM   1419 C  CA  . ILE A 1 191 ? 8.920   -7.988  -13.854 1.00 56.35 ? 191 ILE A CA  1 
ATOM   1420 C  C   . ILE A 1 191 ? 9.652   -9.318  -13.686 1.00 56.24 ? 191 ILE A C   1 
ATOM   1421 O  O   . ILE A 1 191 ? 10.868  -9.342  -13.474 1.00 56.68 ? 191 ILE A O   1 
ATOM   1422 C  CB  . ILE A 1 191 ? 8.116   -7.611  -12.579 1.00 56.78 ? 191 ILE A CB  1 
ATOM   1423 C  CG1 . ILE A 1 191 ? 7.672   -6.145  -12.660 1.00 57.89 ? 191 ILE A CG1 1 
ATOM   1424 C  CG2 . ILE A 1 191 ? 8.963   -7.817  -11.328 1.00 54.51 ? 191 ILE A CG2 1 
ATOM   1425 C  CD1 . ILE A 1 191 ? 6.680   -5.723  -11.595 1.00 55.17 ? 191 ILE A CD1 1 
ATOM   1426 N  N   . ILE A 1 192 ? 8.912   -10.420 -13.801 1.00 56.39 ? 192 ILE A N   1 
ATOM   1427 C  CA  . ILE A 1 192 ? 9.506   -11.770 -13.779 1.00 54.85 ? 192 ILE A CA  1 
ATOM   1428 C  C   . ILE A 1 192 ? 10.648  -11.875 -14.792 1.00 55.11 ? 192 ILE A C   1 
ATOM   1429 O  O   . ILE A 1 192 ? 11.716  -12.380 -14.470 1.00 55.97 ? 192 ILE A O   1 
ATOM   1430 C  CB  . ILE A 1 192 ? 8.460   -12.873 -14.084 1.00 53.55 ? 192 ILE A CB  1 
ATOM   1431 C  CG1 . ILE A 1 192 ? 7.252   -12.778 -13.139 1.00 55.37 ? 192 ILE A CG1 1 
ATOM   1432 C  CG2 . ILE A 1 192 ? 9.097   -14.270 -14.050 1.00 53.60 ? 192 ILE A CG2 1 
ATOM   1433 C  CD1 . ILE A 1 192 ? 7.545   -13.085 -11.686 1.00 55.30 ? 192 ILE A CD1 1 
ATOM   1434 N  N   . SER A 1 193 ? 10.429  -11.384 -16.008 1.00 53.57 ? 193 SER A N   1 
ATOM   1435 C  CA  . SER A 1 193 ? 11.439  -11.518 -17.047 1.00 54.23 ? 193 SER A CA  1 
ATOM   1436 C  C   . SER A 1 193 ? 12.705  -10.725 -16.740 1.00 52.80 ? 193 SER A C   1 
ATOM   1437 O  O   . SER A 1 193 ? 13.817  -11.173 -17.037 1.00 53.09 ? 193 SER A O   1 
ATOM   1438 C  CB  . SER A 1 193 ? 10.890  -11.121 -18.422 1.00 54.59 ? 193 SER A CB  1 
ATOM   1439 O  OG  . SER A 1 193 ? 11.940  -11.125 -19.380 1.00 58.28 ? 193 SER A OG  1 
ATOM   1440 N  N   . ALA A 1 194 ? 12.528  -9.540  -16.174 1.00 51.94 ? 194 ALA A N   1 
ATOM   1441 C  CA  . ALA A 1 194 ? 13.657  -8.688  -15.782 1.00 50.79 ? 194 ALA A CA  1 
ATOM   1442 C  C   . ALA A 1 194 ? 14.489  -9.412  -14.723 1.00 49.80 ? 194 ALA A C   1 
ATOM   1443 O  O   . ALA A 1 194 ? 15.725  -9.471  -14.816 1.00 50.58 ? 194 ALA A O   1 
ATOM   1444 C  CB  . ALA A 1 194 ? 13.157  -7.355  -15.253 1.00 47.54 ? 194 ALA A CB  1 
ATOM   1445 N  N   . LEU A 1 195 ? 13.797  -9.996  -13.749 1.00 46.80 ? 195 LEU A N   1 
ATOM   1446 C  CA  . LEU A 1 195 ? 14.455  -10.646 -12.626 1.00 46.92 ? 195 LEU A CA  1 
ATOM   1447 C  C   . LEU A 1 195 ? 15.227  -11.895 -13.006 1.00 46.97 ? 195 LEU A C   1 
ATOM   1448 O  O   . LEU A 1 195 ? 16.345  -12.104 -12.538 1.00 48.42 ? 195 LEU A O   1 
ATOM   1449 C  CB  . LEU A 1 195 ? 13.439  -10.964 -11.536 1.00 47.42 ? 195 LEU A CB  1 
ATOM   1450 C  CG  . LEU A 1 195 ? 12.925  -9.741  -10.770 1.00 45.55 ? 195 LEU A CG  1 
ATOM   1451 C  CD1 . LEU A 1 195 ? 11.859  -10.199 -9.820  1.00 45.39 ? 195 LEU A CD1 1 
ATOM   1452 C  CD2 . LEU A 1 195 ? 14.039  -9.022  -10.016 1.00 40.42 ? 195 LEU A CD2 1 
ATOM   1453 N  N   . THR A 1 196 ? 14.636  -12.707 -13.875 1.00 47.27 ? 196 THR A N   1 
ATOM   1454 C  CA  . THR A 1 196 ? 15.188  -14.006 -14.238 1.00 46.52 ? 196 THR A CA  1 
ATOM   1455 C  C   . THR A 1 196 ? 16.334  -13.935 -15.240 1.00 46.73 ? 196 THR A C   1 
ATOM   1456 O  O   . THR A 1 196 ? 17.082  -14.912 -15.397 1.00 47.46 ? 196 THR A O   1 
ATOM   1457 C  CB  . THR A 1 196 ? 14.106  -14.931 -14.799 1.00 45.99 ? 196 THR A CB  1 
ATOM   1458 O  OG1 . THR A 1 196 ? 13.447  -14.282 -15.890 1.00 46.53 ? 196 THR A OG1 1 
ATOM   1459 C  CG2 . THR A 1 196 ? 13.085  -15.278 -13.718 1.00 44.48 ? 196 THR A CG2 1 
ATOM   1460 N  N   . ASP A 1 197 ? 16.464  -12.794 -15.911 1.00 46.50 ? 197 ASP A N   1 
ATOM   1461 C  CA  . ASP A 1 197 ? 17.491  -12.591 -16.927 1.00 47.61 ? 197 ASP A CA  1 
ATOM   1462 C  C   . ASP A 1 197 ? 18.893  -12.638 -16.345 1.00 47.85 ? 197 ASP A C   1 
ATOM   1463 O  O   . ASP A 1 197 ? 19.110  -12.240 -15.210 1.00 48.18 ? 197 ASP A O   1 
ATOM   1464 C  CB  . ASP A 1 197 ? 17.286  -11.258 -17.625 1.00 47.93 ? 197 ASP A CB  1 
ATOM   1465 C  CG  . ASP A 1 197 ? 18.074  -11.150 -18.906 1.00 52.56 ? 197 ASP A CG  1 
ATOM   1466 O  OD1 . ASP A 1 197 ? 17.600  -11.684 -19.927 1.00 60.81 ? 197 ASP A OD1 1 
ATOM   1467 O  OD2 . ASP A 1 197 ? 19.161  -10.531 -18.897 1.00 57.22 ? 197 ASP A OD2 1 
ATOM   1468 N  N   . LYS A 1 198 ? 19.844  -13.123 -17.137 1.00 49.93 ? 198 LYS A N   1 
ATOM   1469 C  CA  . LYS A 1 198 ? 21.208  -13.321 -16.674 1.00 50.78 ? 198 LYS A CA  1 
ATOM   1470 C  C   . LYS A 1 198 ? 22.218  -12.671 -17.623 1.00 51.62 ? 198 LYS A C   1 
ATOM   1471 O  O   . LYS A 1 198 ? 22.140  -12.825 -18.847 1.00 52.02 ? 198 LYS A O   1 
ATOM   1472 C  CB  . LYS A 1 198 ? 21.487  -14.814 -16.528 1.00 50.64 ? 198 LYS A CB  1 
ATOM   1473 C  CG  . LYS A 1 198 ? 22.521  -15.177 -15.477 1.00 52.50 ? 198 LYS A CG  1 
ATOM   1474 C  CD  . LYS A 1 198 ? 22.747  -16.689 -15.440 1.00 51.79 ? 198 LYS A CD  1 
ATOM   1475 C  CE  . LYS A 1 198 ? 23.540  -17.086 -14.210 1.00 57.15 ? 198 LYS A CE  1 
ATOM   1476 N  NZ  . LYS A 1 198 ? 23.548  -18.557 -13.984 1.00 57.65 ? 198 LYS A NZ  1 
HETATM 1477 O  O   . HOH B 2 .   ? 4.693   -24.677 -11.010 1.00 14.69 ? 202 HOH A O   1 
HETATM 1478 O  O   . HOH B 2 .   ? -23.754 7.456   15.435  1.00 28.03 ? 203 HOH A O   1 
HETATM 1479 O  O   . HOH B 2 .   ? -26.631 4.655   12.858  1.00 62.60 ? 204 HOH A O   1 
HETATM 1480 O  O   . HOH B 2 .   ? 13.115  -21.816 -8.263  1.00 31.51 ? 205 HOH A O   1 
HETATM 1481 O  O   . HOH B 2 .   ? 15.925  -16.870 1.439   1.00 40.91 ? 206 HOH A O   1 
HETATM 1482 O  O   . HOH B 2 .   ? -19.655 5.966   22.933  1.00 32.01 ? 207 HOH A O   1 
HETATM 1483 O  O   . HOH B 2 .   ? 18.712  -18.431 -13.977 1.00 40.98 ? 208 HOH A O   1 
HETATM 1484 O  O   . HOH B 2 .   ? -7.120  7.067   20.517  1.00 49.61 ? 209 HOH A O   1 
HETATM 1485 O  O   . HOH B 2 .   ? -8.665  19.209  10.954  1.00 48.06 ? 210 HOH A O   1 
HETATM 1486 O  O   . HOH B 2 .   ? -15.438 1.289   1.988   1.00 58.59 ? 211 HOH A O   1 
HETATM 1487 O  O   . HOH B 2 .   ? 12.500  10.518  1.353   1.00 45.15 ? 212 HOH A O   1 
HETATM 1488 O  O   . HOH B 2 .   ? -15.066 2.007   6.735   1.00 55.15 ? 213 HOH A O   1 
HETATM 1489 O  O   . HOH B 2 .   ? 20.799  -20.520 -11.343 1.00 54.99 ? 214 HOH A O   1 
HETATM 1490 O  O   . HOH B 2 .   ? -5.722  12.275  16.966  1.00 40.36 ? 215 HOH A O   1 
HETATM 1491 O  O   . HOH B 2 .   ? 4.511   12.017  8.149   1.00 44.67 ? 216 HOH A O   1 
HETATM 1492 O  O   . HOH B 2 .   ? -24.921 13.036  12.201  1.00 40.57 ? 217 HOH A O   1 
HETATM 1493 O  O   . HOH B 2 .   ? -5.197  14.755  15.927  1.00 44.35 ? 218 HOH A O   1 
HETATM 1494 O  O   . HOH B 2 .   ? 22.650  -1.111  -2.818  1.00 59.44 ? 219 HOH A O   1 
HETATM 1495 O  O   . HOH B 2 .   ? 1.287   16.596  -0.999  1.00 61.31 ? 220 HOH A O   1 
HETATM 1496 O  O   . HOH B 2 .   ? 8.326   2.774   -17.311 1.00 53.28 ? 221 HOH A O   1 
HETATM 1497 O  O   . HOH B 2 .   ? 1.683   -6.917  8.208   1.00 55.22 ? 222 HOH A O   1 
HETATM 1498 O  O   . HOH B 2 .   ? 21.090  -3.832  -1.660  1.00 56.16 ? 223 HOH A O   1 
HETATM 1499 O  O   . HOH B 2 .   ? 20.487  -16.156 -7.870  1.00 49.24 ? 224 HOH A O   1 
HETATM 1500 O  O   . HOH B 2 .   ? 11.179  9.219   -21.153 1.00 39.74 ? 225 HOH A O   1 
HETATM 1501 O  O   . HOH B 2 .   ? -19.953 20.298  11.793  1.00 50.00 ? 226 HOH A O   1 
HETATM 1502 O  O   . HOH B 2 .   ? 21.522  -1.807  -9.403  1.00 53.48 ? 227 HOH A O   1 
HETATM 1503 O  O   . HOH B 2 .   ? -28.122 2.146   15.655  1.00 60.87 ? 228 HOH A O   1 
HETATM 1504 O  O   . HOH B 2 .   ? -15.623 16.379  19.997  1.00 47.53 ? 229 HOH A O   1 
HETATM 1505 O  O   . HOH B 2 .   ? 12.373  4.112   8.151   1.00 49.95 ? 230 HOH A O   1 
HETATM 1506 O  O   . HOH B 2 .   ? -0.576  -1.421  1.026   1.00 49.66 ? 231 HOH A O   1 
HETATM 1507 O  O   . HOH B 2 .   ? 18.202  -10.041 -13.767 1.00 46.65 ? 232 HOH A O   1 
HETATM 1508 O  O   . HOH B 2 .   ? 9.859   11.913  -23.858 1.00 58.35 ? 233 HOH A O   1 
HETATM 1509 O  O   . HOH B 2 .   ? 7.405   -18.220 4.709   1.00 51.09 ? 234 HOH A O   1 
HETATM 1510 O  O   . HOH B 2 .   ? -7.852  18.512  13.396  1.00 56.42 ? 235 HOH A O   1 
HETATM 1511 O  O   . HOH B 2 .   ? -6.112  11.499  23.372  1.00 65.12 ? 236 HOH A O   1 
HETATM 1512 O  O   . HOH B 2 .   ? -6.377  19.892  9.126   1.00 47.17 ? 237 HOH A O   1 
HETATM 1513 O  O   . HOH B 2 .   ? -1.796  18.360  9.916   1.00 63.81 ? 238 HOH A O   1 
HETATM 1514 O  O   . HOH B 2 .   ? 13.693  -15.288 1.744   1.00 49.21 ? 239 HOH A O   1 
HETATM 1515 O  O   . HOH B 2 .   ? -2.655  -8.385  -12.954 1.00 64.95 ? 240 HOH A O   1 
HETATM 1516 O  O   . HOH B 2 .   ? -13.552 18.757  -2.948  1.00 68.97 ? 241 HOH A O   1 
HETATM 1517 O  O   . HOH B 2 .   ? -9.245  10.825  24.439  1.00 62.52 ? 242 HOH A O   1 
HETATM 1518 O  O   . HOH B 2 .   ? 2.667   13.067  14.651  1.00 50.75 ? 243 HOH A O   1 
HETATM 1519 O  O   . HOH B 2 .   ? -0.669  -20.559 7.936   1.00 69.29 ? 244 HOH A O   1 
HETATM 1520 O  O   . HOH B 2 .   ? 12.261  -17.572 2.354   1.00 55.45 ? 245 HOH A O   1 
HETATM 1521 O  O   . HOH B 2 .   ? -1.977  2.703   1.982   1.00 50.49 ? 246 HOH A O   1 
HETATM 1522 O  O   . HOH B 2 .   ? 21.510  -20.870 -2.419  1.00 45.67 ? 247 HOH A O   1 
HETATM 1523 O  O   . HOH B 2 .   ? -24.543 3.383   7.890   1.00 66.80 ? 248 HOH A O   1 
HETATM 1524 O  O   . HOH B 2 .   ? -4.501  -2.585  16.895  1.00 72.05 ? 249 HOH A O   1 
HETATM 1525 O  O   . HOH B 2 .   ? -1.858  -12.800 -13.338 1.00 66.94 ? 250 HOH A O   1 
HETATM 1526 O  O   . HOH B 2 .   ? 17.948  -11.621 -22.467 1.00 62.49 ? 251 HOH A O   1 
HETATM 1527 O  O   . HOH B 2 .   ? -22.549 8.443   8.709   1.00 60.28 ? 252 HOH A O   1 
HETATM 1528 O  O   . HOH B 2 .   ? 11.217  7.565   -24.720 1.00 58.75 ? 253 HOH A O   1 
HETATM 1529 O  O   . HOH B 2 .   ? -5.631  5.455   15.844  1.00 58.70 ? 254 HOH A O   1 
HETATM 1530 O  O   . HOH B 2 .   ? -0.744  -11.438 7.890   1.00 76.54 ? 255 HOH A O   1 
HETATM 1531 O  O   . HOH B 2 .   ? 18.800  -14.394 -19.994 1.00 45.08 ? 256 HOH A O   1 
HETATM 1532 O  O   . HOH B 2 .   ? -11.986 22.635  5.949   1.00 62.26 ? 257 HOH A O   1 
HETATM 1533 O  O   . HOH B 2 .   ? -16.789 12.387  -5.702  1.00 77.37 ? 258 HOH A O   1 
HETATM 1534 O  O   . HOH B 2 .   ? -0.827  11.962  3.204   1.00 40.15 ? 259 HOH A O   1 
HETATM 1535 O  O   . HOH B 2 .   ? -0.184  -1.016  -11.196 1.00 65.37 ? 260 HOH A O   1 
HETATM 1536 O  O   . HOH B 2 .   ? 23.028  -14.152 -9.489  1.00 53.81 ? 261 HOH A O   1 
HETATM 1537 O  O   . HOH B 2 .   ? 6.287   -1.317  -18.227 1.00 80.04 ? 262 HOH A O   1 
HETATM 1538 O  O   . HOH B 2 .   ? -14.351 1.427   13.030  1.00 63.92 ? 263 HOH A O   1 
HETATM 1539 O  O   . HOH B 2 .   ? 1.711   -10.355 -17.157 1.00 69.44 ? 264 HOH A O   1 
HETATM 1540 O  O   . HOH B 2 .   ? 12.512  14.030  -0.605  1.00 63.31 ? 265 HOH A O   1 
HETATM 1541 O  O   . HOH B 2 .   ? 26.775  -18.205 -14.041 1.00 70.57 ? 266 HOH A O   1 
HETATM 1542 O  O   . HOH B 2 .   ? 7.329   -5.459  -21.845 1.00 66.01 ? 267 HOH A O   1 
HETATM 1543 O  O   . HOH B 2 .   ? -4.705  5.422   -12.137 1.00 65.79 ? 268 HOH A O   1 
HETATM 1544 O  O   . HOH B 2 .   ? 21.006  -21.918 -5.777  0.50 34.75 ? 269 HOH A O   1 
HETATM 1545 O  O   . HOH B 2 .   ? 10.824  6.018   -9.507  1.00 50.10 ? 270 HOH A O   1 
HETATM 1546 O  O   . HOH B 2 .   ? 19.294  -14.344 -1.395  1.00 59.08 ? 271 HOH A O   1 
HETATM 1547 O  O   . HOH B 2 .   ? 8.622   6.331   -7.563  1.00 41.62 ? 272 HOH A O   1 
HETATM 1548 O  O   . HOH B 2 .   ? 16.429  -17.426 -14.216 1.00 41.67 ? 273 HOH A O   1 
HETATM 1549 O  O   . HOH B 2 .   ? -10.351 23.585  7.731   1.00 72.20 ? 274 HOH A O   1 
HETATM 1550 O  O   . HOH B 2 .   ? -8.477  -9.147  2.451   1.00 77.66 ? 275 HOH A O   1 
HETATM 1551 O  O   . HOH B 2 .   ? -13.207 18.112  0.106   1.00 59.89 ? 276 HOH A O   1 
HETATM 1552 O  O   . HOH B 2 .   ? 16.530  -4.085  1.951   1.00 53.84 ? 277 HOH A O   1 
HETATM 1553 O  O   . HOH B 2 .   ? 22.406  -9.469  -5.268  1.00 51.25 ? 278 HOH A O   1 
HETATM 1554 O  O   . HOH B 2 .   ? 19.953  -10.243 -1.194  1.00 60.60 ? 279 HOH A O   1 
HETATM 1555 O  O   . HOH B 2 .   ? 0.875   14.352  12.618  1.00 69.49 ? 280 HOH A O   1 
HETATM 1556 O  O   . HOH B 2 .   ? 7.483   1.744   13.460  1.00 65.85 ? 281 HOH A O   1 
HETATM 1557 O  O   . HOH B 2 .   ? 1.646   -2.795  -17.632 1.00 63.24 ? 282 HOH A O   1 
HETATM 1558 O  O   . HOH B 2 .   ? 1.271   -0.168  -16.178 1.00 64.82 ? 283 HOH A O   1 
HETATM 1559 O  O   . HOH B 2 .   ? -6.349  -2.456  -15.856 1.00 72.30 ? 284 HOH A O   1 
HETATM 1560 O  O   . HOH B 2 .   ? -17.337 16.351  0.730   1.00 73.47 ? 285 HOH A O   1 
HETATM 1561 O  O   . HOH B 2 .   ? -8.222  -1.488  1.049   1.00 60.48 ? 286 HOH A O   1 
HETATM 1562 O  O   . HOH B 2 .   ? 5.776   -14.875 1.082   1.00 55.74 ? 287 HOH A O   1 
HETATM 1563 O  O   . HOH B 2 .   ? 24.674  -11.700 -19.222 1.00 58.46 ? 288 HOH A O   1 
HETATM 1564 O  O   . HOH B 2 .   ? 1.722   -0.947  -0.105  1.00 65.99 ? 289 HOH A O   1 
HETATM 1565 O  O   . HOH B 2 .   ? 10.220  6.464   4.789   1.00 44.32 ? 290 HOH A O   1 
HETATM 1566 O  O   . HOH B 2 .   ? 18.946  1.919   -2.778  1.00 54.14 ? 291 HOH A O   1 
HETATM 1567 O  O   . HOH B 2 .   ? 1.143   13.436  4.260   1.00 58.64 ? 292 HOH A O   1 
HETATM 1568 O  O   . HOH B 2 .   ? -0.060  4.160   1.915   1.00 56.06 ? 293 HOH A O   1 
HETATM 1569 O  O   . HOH B 2 .   ? 10.879  -23.829 -6.369  1.00 50.63 ? 294 HOH A O   1 
HETATM 1570 O  O   . HOH B 2 .   ? 5.854   8.780   7.177   1.00 48.13 ? 295 HOH A O   1 
HETATM 1571 O  O   . HOH B 2 .   ? 20.945  -15.407 -20.871 1.00 67.38 ? 296 HOH A O   1 
HETATM 1572 O  O   . HOH B 2 .   ? -2.348  10.707  18.180  1.00 58.49 ? 297 HOH A O   1 
HETATM 1573 O  O   . HOH B 2 .   ? 0.242   -2.617  2.678   1.00 67.52 ? 298 HOH A O   1 
HETATM 1574 O  O   . HOH B 2 .   ? 0.581   -21.198 -9.495  1.00 74.42 ? 299 HOH A O   1 
HETATM 1575 O  O   . HOH B 2 .   ? 2.950   -6.418  -21.616 1.00 74.66 ? 300 HOH A O   1 
HETATM 1576 O  O   . HOH B 2 .   ? 21.808  -7.573  -2.246  1.00 67.83 ? 301 HOH A O   1 
HETATM 1577 O  O   . HOH B 2 .   ? 20.076  -4.611  -8.950  1.00 65.23 ? 302 HOH A O   1 
HETATM 1578 O  O   . HOH B 2 .   ? -9.031  16.744  15.120  1.00 59.98 ? 303 HOH A O   1 
HETATM 1579 O  O   . HOH B 2 .   ? 3.524   -4.613  8.508   1.00 62.89 ? 304 HOH A O   1 
HETATM 1580 O  O   . HOH B 2 .   ? -5.967  0.332   -14.948 1.00 73.90 ? 305 HOH A O   1 
HETATM 1581 O  O   . HOH B 2 .   ? -27.438 2.305   12.699  1.00 65.26 ? 306 HOH A O   1 
HETATM 1582 O  O   . HOH B 2 .   ? 21.545  -12.048 -7.738  1.00 54.86 ? 307 HOH A O   1 
HETATM 1583 O  O   . HOH B 2 .   ? -4.564  3.202   0.290   1.00 54.16 ? 308 HOH A O   1 
HETATM 1584 O  O   . HOH B 2 .   ? 7.355   -14.493 -18.687 1.00 51.99 ? 309 HOH A O   1 
HETATM 1585 O  O   . HOH B 2 .   ? -0.595  9.804   -17.894 1.00 54.12 ? 310 HOH A O   1 
HETATM 1586 O  O   . HOH B 2 .   ? -5.062  1.904   2.429   1.00 63.06 ? 311 HOH A O   1 
HETATM 1587 O  O   . HOH B 2 .   ? 15.025  -6.952  7.282   1.00 71.50 ? 312 HOH A O   1 
HETATM 1588 O  O   . HOH B 2 .   ? 11.052  -8.097  -21.366 1.00 43.86 ? 313 HOH A O   1 
HETATM 1589 O  O   . HOH B 2 .   ? -1.926  -3.204  6.914   1.00 70.23 ? 314 HOH A O   1 
HETATM 1590 O  O   . HOH B 2 .   ? -2.474  -1.912  -0.070  1.00 62.01 ? 315 HOH A O   1 
# 
